data_4IL7
# 
_entry.id   4IL7 
# 
_audit_conform.dict_name       mmcif_pdbx.dic 
_audit_conform.dict_version    5.387 
_audit_conform.dict_location   http://mmcif.pdb.org/dictionaries/ascii/mmcif_pdbx.dic 
# 
loop_
_database_2.database_id 
_database_2.database_code 
_database_2.pdbx_database_accession 
_database_2.pdbx_DOI 
PDB   4IL7         pdb_00004il7 10.2210/pdb4il7/pdb 
RCSB  RCSB076891   ?            ?                   
WWPDB D_1000076891 ?            ?                   
# 
loop_
_pdbx_audit_revision_history.ordinal 
_pdbx_audit_revision_history.data_content_type 
_pdbx_audit_revision_history.major_revision 
_pdbx_audit_revision_history.minor_revision 
_pdbx_audit_revision_history.revision_date 
1 'Structure model' 1 0 2013-04-03 
2 'Structure model' 1 1 2013-05-01 
3 'Structure model' 1 2 2024-02-28 
# 
_pdbx_audit_revision_details.ordinal             1 
_pdbx_audit_revision_details.revision_ordinal    1 
_pdbx_audit_revision_details.data_content_type   'Structure model' 
_pdbx_audit_revision_details.provider            repository 
_pdbx_audit_revision_details.type                'Initial release' 
_pdbx_audit_revision_details.description         ? 
_pdbx_audit_revision_details.details             ? 
# 
loop_
_pdbx_audit_revision_group.ordinal 
_pdbx_audit_revision_group.revision_ordinal 
_pdbx_audit_revision_group.data_content_type 
_pdbx_audit_revision_group.group 
1 2 'Structure model' 'Database references' 
2 3 'Structure model' 'Data collection'     
3 3 'Structure model' 'Database references' 
# 
loop_
_pdbx_audit_revision_category.ordinal 
_pdbx_audit_revision_category.revision_ordinal 
_pdbx_audit_revision_category.data_content_type 
_pdbx_audit_revision_category.category 
1 3 'Structure model' chem_comp_atom     
2 3 'Structure model' chem_comp_bond     
3 3 'Structure model' database_2         
4 3 'Structure model' struct_ref_seq_dif 
# 
loop_
_pdbx_audit_revision_item.ordinal 
_pdbx_audit_revision_item.revision_ordinal 
_pdbx_audit_revision_item.data_content_type 
_pdbx_audit_revision_item.item 
1 3 'Structure model' '_database_2.pdbx_DOI'                
2 3 'Structure model' '_database_2.pdbx_database_accession' 
3 3 'Structure model' '_struct_ref_seq_dif.details'         
# 
_pdbx_database_status.status_code                     REL 
_pdbx_database_status.entry_id                        4IL7 
_pdbx_database_status.recvd_initial_deposition_date   2012-12-29 
_pdbx_database_status.deposit_site                    RCSB 
_pdbx_database_status.process_site                    RCSB 
_pdbx_database_status.status_code_sf                  REL 
_pdbx_database_status.status_code_mr                  ? 
_pdbx_database_status.SG_entry                        ? 
_pdbx_database_status.status_code_cs                  ? 
_pdbx_database_status.methods_development_category    ? 
_pdbx_database_status.pdb_format_compatible           Y 
_pdbx_database_status.status_code_nmr_data            ? 
# 
loop_
_audit_author.name 
_audit_author.pdbx_ordinal 
'Sendamarai, A.K.' 1 
'Lawrence, C.M.'   2 
# 
_citation.id                        primary 
_citation.title                     
'Atomic structure of the 75 MDa extremophile Sulfolobus turreted icosahedral virus determined by CryoEM and X-ray crystallography.' 
_citation.journal_abbrev            Proc.Natl.Acad.Sci.USA 
_citation.journal_volume            110 
_citation.page_first                5504 
_citation.page_last                 5509 
_citation.year                      2013 
_citation.journal_id_ASTM           PNASA6 
_citation.country                   US 
_citation.journal_id_ISSN           0027-8424 
_citation.journal_id_CSD            0040 
_citation.book_publisher            ? 
_citation.pdbx_database_id_PubMed   23520050 
_citation.pdbx_database_id_DOI      10.1073/pnas.1300601110 
# 
loop_
_citation_author.citation_id 
_citation_author.name 
_citation_author.ordinal 
_citation_author.identifier_ORCID 
primary 'Veesler, D.'      1 ? 
primary 'Ng, T.S.'         2 ? 
primary 'Sendamarai, A.K.' 3 ? 
primary 'Eilers, B.J.'     4 ? 
primary 'Lawrence, C.M.'   5 ? 
primary 'Lok, S.M.'        6 ? 
primary 'Young, M.J.'      7 ? 
primary 'Johnson, J.E.'    8 ? 
primary 'Fu, C.Y.'         9 ? 
# 
loop_
_entity.id 
_entity.type 
_entity.src_method 
_entity.pdbx_description 
_entity.formula_weight 
_entity.pdbx_number_of_molecules 
_entity.pdbx_ec 
_entity.pdbx_mutation 
_entity.pdbx_fragment 
_entity.details 
1 polymer man 'Putative uncharacterized protein' 17935.160 1   ? L208M ? ? 
2 water   nat water                              18.015    102 ? ?     ? ? 
# 
_entity_name_com.entity_id   1 
_entity_name_com.name        'Hypothetical protein A223' 
# 
_entity_poly.entity_id                      1 
_entity_poly.type                           'polypeptide(L)' 
_entity_poly.nstd_linkage                   no 
_entity_poly.nstd_monomer                   no 
_entity_poly.pdbx_seq_one_letter_code       
;MSHEGLSPIPGEGTGIQLSAGQILKFYNVPIAEIIVEYDPSNVSGVSSNVKLKGTIHPLFEVPSQISIENFQPTENYLIY
SGFGTSLPQTYTIPANGYLIISITNTSTGNIGQITLTIGSTTMTFNLQTGENKIPVIAGTQITNMTLTSSSAILIYEEVI
HHHHHH
;
_entity_poly.pdbx_seq_one_letter_code_can   
;MSHEGLSPIPGEGTGIQLSAGQILKFYNVPIAEIIVEYDPSNVSGVSSNVKLKGTIHPLFEVPSQISIENFQPTENYLIY
SGFGTSLPQTYTIPANGYLIISITNTSTGNIGQITLTIGSTTMTFNLQTGENKIPVIAGTQITNMTLTSSSAILIYEEVI
HHHHHH
;
_entity_poly.pdbx_strand_id                 A 
_entity_poly.pdbx_target_identifier         ? 
# 
_pdbx_entity_nonpoly.entity_id   2 
_pdbx_entity_nonpoly.name        water 
_pdbx_entity_nonpoly.comp_id     HOH 
# 
loop_
_entity_poly_seq.entity_id 
_entity_poly_seq.num 
_entity_poly_seq.mon_id 
_entity_poly_seq.hetero 
1 1   MET n 
1 2   SER n 
1 3   HIS n 
1 4   GLU n 
1 5   GLY n 
1 6   LEU n 
1 7   SER n 
1 8   PRO n 
1 9   ILE n 
1 10  PRO n 
1 11  GLY n 
1 12  GLU n 
1 13  GLY n 
1 14  THR n 
1 15  GLY n 
1 16  ILE n 
1 17  GLN n 
1 18  LEU n 
1 19  SER n 
1 20  ALA n 
1 21  GLY n 
1 22  GLN n 
1 23  ILE n 
1 24  LEU n 
1 25  LYS n 
1 26  PHE n 
1 27  TYR n 
1 28  ASN n 
1 29  VAL n 
1 30  PRO n 
1 31  ILE n 
1 32  ALA n 
1 33  GLU n 
1 34  ILE n 
1 35  ILE n 
1 36  VAL n 
1 37  GLU n 
1 38  TYR n 
1 39  ASP n 
1 40  PRO n 
1 41  SER n 
1 42  ASN n 
1 43  VAL n 
1 44  SER n 
1 45  GLY n 
1 46  VAL n 
1 47  SER n 
1 48  SER n 
1 49  ASN n 
1 50  VAL n 
1 51  LYS n 
1 52  LEU n 
1 53  LYS n 
1 54  GLY n 
1 55  THR n 
1 56  ILE n 
1 57  HIS n 
1 58  PRO n 
1 59  LEU n 
1 60  PHE n 
1 61  GLU n 
1 62  VAL n 
1 63  PRO n 
1 64  SER n 
1 65  GLN n 
1 66  ILE n 
1 67  SER n 
1 68  ILE n 
1 69  GLU n 
1 70  ASN n 
1 71  PHE n 
1 72  GLN n 
1 73  PRO n 
1 74  THR n 
1 75  GLU n 
1 76  ASN n 
1 77  TYR n 
1 78  LEU n 
1 79  ILE n 
1 80  TYR n 
1 81  SER n 
1 82  GLY n 
1 83  PHE n 
1 84  GLY n 
1 85  THR n 
1 86  SER n 
1 87  LEU n 
1 88  PRO n 
1 89  GLN n 
1 90  THR n 
1 91  TYR n 
1 92  THR n 
1 93  ILE n 
1 94  PRO n 
1 95  ALA n 
1 96  ASN n 
1 97  GLY n 
1 98  TYR n 
1 99  LEU n 
1 100 ILE n 
1 101 ILE n 
1 102 SER n 
1 103 ILE n 
1 104 THR n 
1 105 ASN n 
1 106 THR n 
1 107 SER n 
1 108 THR n 
1 109 GLY n 
1 110 ASN n 
1 111 ILE n 
1 112 GLY n 
1 113 GLN n 
1 114 ILE n 
1 115 THR n 
1 116 LEU n 
1 117 THR n 
1 118 ILE n 
1 119 GLY n 
1 120 SER n 
1 121 THR n 
1 122 THR n 
1 123 MET n 
1 124 THR n 
1 125 PHE n 
1 126 ASN n 
1 127 LEU n 
1 128 GLN n 
1 129 THR n 
1 130 GLY n 
1 131 GLU n 
1 132 ASN n 
1 133 LYS n 
1 134 ILE n 
1 135 PRO n 
1 136 VAL n 
1 137 ILE n 
1 138 ALA n 
1 139 GLY n 
1 140 THR n 
1 141 GLN n 
1 142 ILE n 
1 143 THR n 
1 144 ASN n 
1 145 MET n 
1 146 THR n 
1 147 LEU n 
1 148 THR n 
1 149 SER n 
1 150 SER n 
1 151 SER n 
1 152 ALA n 
1 153 ILE n 
1 154 LEU n 
1 155 ILE n 
1 156 TYR n 
1 157 GLU n 
1 158 GLU n 
1 159 VAL n 
1 160 ILE n 
1 161 HIS n 
1 162 HIS n 
1 163 HIS n 
1 164 HIS n 
1 165 HIS n 
1 166 HIS n 
# 
_entity_src_gen.entity_id                          1 
_entity_src_gen.pdbx_src_id                        1 
_entity_src_gen.pdbx_alt_source_flag               sample 
_entity_src_gen.pdbx_seq_type                      ? 
_entity_src_gen.pdbx_beg_seq_num                   ? 
_entity_src_gen.pdbx_end_seq_num                   ? 
_entity_src_gen.gene_src_common_name               ? 
_entity_src_gen.gene_src_genus                     ? 
_entity_src_gen.pdbx_gene_src_gene                 A223 
_entity_src_gen.gene_src_species                   ? 
_entity_src_gen.gene_src_strain                    ? 
_entity_src_gen.gene_src_tissue                    ? 
_entity_src_gen.gene_src_tissue_fraction           ? 
_entity_src_gen.gene_src_details                   ? 
_entity_src_gen.pdbx_gene_src_fragment             ? 
_entity_src_gen.pdbx_gene_src_scientific_name      'Sulfolobus turreted icosahedral virus' 
_entity_src_gen.pdbx_gene_src_ncbi_taxonomy_id     269145 
_entity_src_gen.pdbx_gene_src_variant              ? 
_entity_src_gen.pdbx_gene_src_cell_line            ? 
_entity_src_gen.pdbx_gene_src_atcc                 ? 
_entity_src_gen.pdbx_gene_src_organ                ? 
_entity_src_gen.pdbx_gene_src_organelle            ? 
_entity_src_gen.pdbx_gene_src_cell                 ? 
_entity_src_gen.pdbx_gene_src_cellular_location    ? 
_entity_src_gen.host_org_common_name               ? 
_entity_src_gen.pdbx_host_org_scientific_name      'Escherichia coli' 
_entity_src_gen.pdbx_host_org_ncbi_taxonomy_id     469008 
_entity_src_gen.host_org_genus                     ? 
_entity_src_gen.pdbx_host_org_gene                 ? 
_entity_src_gen.pdbx_host_org_organ                ? 
_entity_src_gen.host_org_species                   ? 
_entity_src_gen.pdbx_host_org_tissue               ? 
_entity_src_gen.pdbx_host_org_tissue_fraction      ? 
_entity_src_gen.pdbx_host_org_strain               'BL21(DE3)' 
_entity_src_gen.pdbx_host_org_variant              ? 
_entity_src_gen.pdbx_host_org_cell_line            ? 
_entity_src_gen.pdbx_host_org_atcc                 ? 
_entity_src_gen.pdbx_host_org_culture_collection   ? 
_entity_src_gen.pdbx_host_org_cell                 ? 
_entity_src_gen.pdbx_host_org_organelle            ? 
_entity_src_gen.pdbx_host_org_cellular_location    ? 
_entity_src_gen.pdbx_host_org_vector_type          Plasmid 
_entity_src_gen.pdbx_host_org_vector               ? 
_entity_src_gen.host_org_details                   ? 
_entity_src_gen.expression_system_id               ? 
_entity_src_gen.plasmid_name                       pDEST14 
_entity_src_gen.plasmid_details                    ? 
_entity_src_gen.pdbx_description                   ? 
# 
loop_
_chem_comp.id 
_chem_comp.type 
_chem_comp.mon_nstd_flag 
_chem_comp.name 
_chem_comp.pdbx_synonyms 
_chem_comp.formula 
_chem_comp.formula_weight 
ALA 'L-peptide linking' y ALANINE         ? 'C3 H7 N O2'     89.093  
ASN 'L-peptide linking' y ASPARAGINE      ? 'C4 H8 N2 O3'    132.118 
ASP 'L-peptide linking' y 'ASPARTIC ACID' ? 'C4 H7 N O4'     133.103 
GLN 'L-peptide linking' y GLUTAMINE       ? 'C5 H10 N2 O3'   146.144 
GLU 'L-peptide linking' y 'GLUTAMIC ACID' ? 'C5 H9 N O4'     147.129 
GLY 'peptide linking'   y GLYCINE         ? 'C2 H5 N O2'     75.067  
HIS 'L-peptide linking' y HISTIDINE       ? 'C6 H10 N3 O2 1' 156.162 
HOH non-polymer         . WATER           ? 'H2 O'           18.015  
ILE 'L-peptide linking' y ISOLEUCINE      ? 'C6 H13 N O2'    131.173 
LEU 'L-peptide linking' y LEUCINE         ? 'C6 H13 N O2'    131.173 
LYS 'L-peptide linking' y LYSINE          ? 'C6 H15 N2 O2 1' 147.195 
MET 'L-peptide linking' y METHIONINE      ? 'C5 H11 N O2 S'  149.211 
PHE 'L-peptide linking' y PHENYLALANINE   ? 'C9 H11 N O2'    165.189 
PRO 'L-peptide linking' y PROLINE         ? 'C5 H9 N O2'     115.130 
SER 'L-peptide linking' y SERINE          ? 'C3 H7 N O3'     105.093 
THR 'L-peptide linking' y THREONINE       ? 'C4 H9 N O3'     119.119 
TYR 'L-peptide linking' y TYROSINE        ? 'C9 H11 N O3'    181.189 
VAL 'L-peptide linking' y VALINE          ? 'C5 H11 N O2'    117.146 
# 
loop_
_pdbx_poly_seq_scheme.asym_id 
_pdbx_poly_seq_scheme.entity_id 
_pdbx_poly_seq_scheme.seq_id 
_pdbx_poly_seq_scheme.mon_id 
_pdbx_poly_seq_scheme.ndb_seq_num 
_pdbx_poly_seq_scheme.pdb_seq_num 
_pdbx_poly_seq_scheme.auth_seq_num 
_pdbx_poly_seq_scheme.pdb_mon_id 
_pdbx_poly_seq_scheme.auth_mon_id 
_pdbx_poly_seq_scheme.pdb_strand_id 
_pdbx_poly_seq_scheme.pdb_ins_code 
_pdbx_poly_seq_scheme.hetero 
A 1 1   MET 1   64  ?   ?   ?   A . n 
A 1 2   SER 2   65  ?   ?   ?   A . n 
A 1 3   HIS 3   66  ?   ?   ?   A . n 
A 1 4   GLU 4   67  ?   ?   ?   A . n 
A 1 5   GLY 5   68  ?   ?   ?   A . n 
A 1 6   LEU 6   69  ?   ?   ?   A . n 
A 1 7   SER 7   70  ?   ?   ?   A . n 
A 1 8   PRO 8   71  ?   ?   ?   A . n 
A 1 9   ILE 9   72  ?   ?   ?   A . n 
A 1 10  PRO 10  73  ?   ?   ?   A . n 
A 1 11  GLY 11  74  ?   ?   ?   A . n 
A 1 12  GLU 12  75  ?   ?   ?   A . n 
A 1 13  GLY 13  76  ?   ?   ?   A . n 
A 1 14  THR 14  77  ?   ?   ?   A . n 
A 1 15  GLY 15  78  ?   ?   ?   A . n 
A 1 16  ILE 16  79  ?   ?   ?   A . n 
A 1 17  GLN 17  80  ?   ?   ?   A . n 
A 1 18  LEU 18  81  ?   ?   ?   A . n 
A 1 19  SER 19  82  ?   ?   ?   A . n 
A 1 20  ALA 20  83  ?   ?   ?   A . n 
A 1 21  GLY 21  84  ?   ?   ?   A . n 
A 1 22  GLN 22  85  ?   ?   ?   A . n 
A 1 23  ILE 23  86  ?   ?   ?   A . n 
A 1 24  LEU 24  87  ?   ?   ?   A . n 
A 1 25  LYS 25  88  ?   ?   ?   A . n 
A 1 26  PHE 26  89  ?   ?   ?   A . n 
A 1 27  TYR 27  90  ?   ?   ?   A . n 
A 1 28  ASN 28  91  ?   ?   ?   A . n 
A 1 29  VAL 29  92  ?   ?   ?   A . n 
A 1 30  PRO 30  93  ?   ?   ?   A . n 
A 1 31  ILE 31  94  ?   ?   ?   A . n 
A 1 32  ALA 32  95  ?   ?   ?   A . n 
A 1 33  GLU 33  96  ?   ?   ?   A . n 
A 1 34  ILE 34  97  ?   ?   ?   A . n 
A 1 35  ILE 35  98  ?   ?   ?   A . n 
A 1 36  VAL 36  99  ?   ?   ?   A . n 
A 1 37  GLU 37  100 ?   ?   ?   A . n 
A 1 38  TYR 38  101 ?   ?   ?   A . n 
A 1 39  ASP 39  102 ?   ?   ?   A . n 
A 1 40  PRO 40  103 ?   ?   ?   A . n 
A 1 41  SER 41  104 ?   ?   ?   A . n 
A 1 42  ASN 42  105 ?   ?   ?   A . n 
A 1 43  VAL 43  106 ?   ?   ?   A . n 
A 1 44  SER 44  107 ?   ?   ?   A . n 
A 1 45  GLY 45  108 ?   ?   ?   A . n 
A 1 46  VAL 46  109 ?   ?   ?   A . n 
A 1 47  SER 47  110 ?   ?   ?   A . n 
A 1 48  SER 48  111 ?   ?   ?   A . n 
A 1 49  ASN 49  112 ?   ?   ?   A . n 
A 1 50  VAL 50  113 ?   ?   ?   A . n 
A 1 51  LYS 51  114 ?   ?   ?   A . n 
A 1 52  LEU 52  115 ?   ?   ?   A . n 
A 1 53  LYS 53  116 ?   ?   ?   A . n 
A 1 54  GLY 54  117 ?   ?   ?   A . n 
A 1 55  THR 55  118 ?   ?   ?   A . n 
A 1 56  ILE 56  119 ?   ?   ?   A . n 
A 1 57  HIS 57  120 ?   ?   ?   A . n 
A 1 58  PRO 58  121 ?   ?   ?   A . n 
A 1 59  LEU 59  122 ?   ?   ?   A . n 
A 1 60  PHE 60  123 ?   ?   ?   A . n 
A 1 61  GLU 61  124 ?   ?   ?   A . n 
A 1 62  VAL 62  125 ?   ?   ?   A . n 
A 1 63  PRO 63  126 ?   ?   ?   A . n 
A 1 64  SER 64  127 ?   ?   ?   A . n 
A 1 65  GLN 65  128 ?   ?   ?   A . n 
A 1 66  ILE 66  129 ?   ?   ?   A . n 
A 1 67  SER 67  130 ?   ?   ?   A . n 
A 1 68  ILE 68  131 ?   ?   ?   A . n 
A 1 69  GLU 69  132 ?   ?   ?   A . n 
A 1 70  ASN 70  133 ?   ?   ?   A . n 
A 1 71  PHE 71  134 ?   ?   ?   A . n 
A 1 72  GLN 72  135 ?   ?   ?   A . n 
A 1 73  PRO 73  136 ?   ?   ?   A . n 
A 1 74  THR 74  137 ?   ?   ?   A . n 
A 1 75  GLU 75  138 138 GLU GLU A . n 
A 1 76  ASN 76  139 139 ASN ASN A . n 
A 1 77  TYR 77  140 140 TYR TYR A . n 
A 1 78  LEU 78  141 141 LEU LEU A . n 
A 1 79  ILE 79  142 142 ILE ILE A . n 
A 1 80  TYR 80  143 143 TYR TYR A . n 
A 1 81  SER 81  144 144 SER SER A . n 
A 1 82  GLY 82  145 145 GLY GLY A . n 
A 1 83  PHE 83  146 146 PHE PHE A . n 
A 1 84  GLY 84  147 147 GLY GLY A . n 
A 1 85  THR 85  148 148 THR THR A . n 
A 1 86  SER 86  149 149 SER SER A . n 
A 1 87  LEU 87  150 150 LEU LEU A . n 
A 1 88  PRO 88  151 151 PRO PRO A . n 
A 1 89  GLN 89  152 152 GLN GLN A . n 
A 1 90  THR 90  153 153 THR THR A . n 
A 1 91  TYR 91  154 154 TYR TYR A . n 
A 1 92  THR 92  155 155 THR THR A . n 
A 1 93  ILE 93  156 156 ILE ILE A . n 
A 1 94  PRO 94  157 157 PRO PRO A . n 
A 1 95  ALA 95  158 158 ALA ALA A . n 
A 1 96  ASN 96  159 159 ASN ASN A . n 
A 1 97  GLY 97  160 160 GLY GLY A . n 
A 1 98  TYR 98  161 161 TYR TYR A . n 
A 1 99  LEU 99  162 162 LEU LEU A . n 
A 1 100 ILE 100 163 163 ILE ILE A . n 
A 1 101 ILE 101 164 164 ILE ILE A . n 
A 1 102 SER 102 165 165 SER SER A . n 
A 1 103 ILE 103 166 166 ILE ILE A . n 
A 1 104 THR 104 167 167 THR THR A . n 
A 1 105 ASN 105 168 168 ASN ASN A . n 
A 1 106 THR 106 169 169 THR THR A . n 
A 1 107 SER 107 170 170 SER SER A . n 
A 1 108 THR 108 171 171 THR THR A . n 
A 1 109 GLY 109 172 172 GLY GLY A . n 
A 1 110 ASN 110 173 173 ASN ASN A . n 
A 1 111 ILE 111 174 174 ILE ILE A . n 
A 1 112 GLY 112 175 175 GLY GLY A . n 
A 1 113 GLN 113 176 176 GLN GLN A . n 
A 1 114 ILE 114 177 177 ILE ILE A . n 
A 1 115 THR 115 178 178 THR THR A . n 
A 1 116 LEU 116 179 179 LEU LEU A . n 
A 1 117 THR 117 180 180 THR THR A . n 
A 1 118 ILE 118 181 181 ILE ILE A . n 
A 1 119 GLY 119 182 182 GLY GLY A . n 
A 1 120 SER 120 183 183 SER SER A . n 
A 1 121 THR 121 184 184 THR THR A . n 
A 1 122 THR 122 185 185 THR THR A . n 
A 1 123 MET 123 186 186 MET MET A . n 
A 1 124 THR 124 187 187 THR THR A . n 
A 1 125 PHE 125 188 188 PHE PHE A . n 
A 1 126 ASN 126 189 189 ASN ASN A . n 
A 1 127 LEU 127 190 190 LEU LEU A . n 
A 1 128 GLN 128 191 191 GLN GLN A . n 
A 1 129 THR 129 192 192 THR THR A . n 
A 1 130 GLY 130 193 193 GLY GLY A . n 
A 1 131 GLU 131 194 194 GLU GLU A . n 
A 1 132 ASN 132 195 195 ASN ASN A . n 
A 1 133 LYS 133 196 196 LYS LYS A . n 
A 1 134 ILE 134 197 197 ILE ILE A . n 
A 1 135 PRO 135 198 198 PRO PRO A . n 
A 1 136 VAL 136 199 199 VAL VAL A . n 
A 1 137 ILE 137 200 200 ILE ILE A . n 
A 1 138 ALA 138 201 201 ALA ALA A . n 
A 1 139 GLY 139 202 202 GLY GLY A . n 
A 1 140 THR 140 203 203 THR THR A . n 
A 1 141 GLN 141 204 204 GLN GLN A . n 
A 1 142 ILE 142 205 205 ILE ILE A . n 
A 1 143 THR 143 206 206 THR THR A . n 
A 1 144 ASN 144 207 207 ASN ASN A . n 
A 1 145 MET 145 208 208 MET MET A . n 
A 1 146 THR 146 209 209 THR THR A . n 
A 1 147 LEU 147 210 210 LEU LEU A . n 
A 1 148 THR 148 211 211 THR THR A . n 
A 1 149 SER 149 212 212 SER SER A . n 
A 1 150 SER 150 213 213 SER SER A . n 
A 1 151 SER 151 214 214 SER SER A . n 
A 1 152 ALA 152 215 215 ALA ALA A . n 
A 1 153 ILE 153 216 216 ILE ILE A . n 
A 1 154 LEU 154 217 217 LEU LEU A . n 
A 1 155 ILE 155 218 218 ILE ILE A . n 
A 1 156 TYR 156 219 219 TYR TYR A . n 
A 1 157 GLU 157 220 220 GLU GLU A . n 
A 1 158 GLU 158 221 221 GLU GLU A . n 
A 1 159 VAL 159 222 222 VAL VAL A . n 
A 1 160 ILE 160 223 ?   ?   ?   A . n 
A 1 161 HIS 161 224 ?   ?   ?   A . n 
A 1 162 HIS 162 225 ?   ?   ?   A . n 
A 1 163 HIS 163 226 ?   ?   ?   A . n 
A 1 164 HIS 164 227 ?   ?   ?   A . n 
A 1 165 HIS 165 228 ?   ?   ?   A . n 
A 1 166 HIS 166 229 ?   ?   ?   A . n 
# 
loop_
_pdbx_nonpoly_scheme.asym_id 
_pdbx_nonpoly_scheme.entity_id 
_pdbx_nonpoly_scheme.mon_id 
_pdbx_nonpoly_scheme.ndb_seq_num 
_pdbx_nonpoly_scheme.pdb_seq_num 
_pdbx_nonpoly_scheme.auth_seq_num 
_pdbx_nonpoly_scheme.pdb_mon_id 
_pdbx_nonpoly_scheme.auth_mon_id 
_pdbx_nonpoly_scheme.pdb_strand_id 
_pdbx_nonpoly_scheme.pdb_ins_code 
B 2 HOH 1   301 1   HOH HOH A . 
B 2 HOH 2   302 2   HOH HOH A . 
B 2 HOH 3   303 3   HOH HOH A . 
B 2 HOH 4   304 4   HOH HOH A . 
B 2 HOH 5   305 5   HOH HOH A . 
B 2 HOH 6   306 6   HOH HOH A . 
B 2 HOH 7   307 7   HOH HOH A . 
B 2 HOH 8   308 8   HOH HOH A . 
B 2 HOH 9   309 9   HOH HOH A . 
B 2 HOH 10  310 11  HOH HOH A . 
B 2 HOH 11  311 12  HOH HOH A . 
B 2 HOH 12  312 13  HOH HOH A . 
B 2 HOH 13  313 14  HOH HOH A . 
B 2 HOH 14  314 15  HOH HOH A . 
B 2 HOH 15  315 16  HOH HOH A . 
B 2 HOH 16  316 17  HOH HOH A . 
B 2 HOH 17  317 18  HOH HOH A . 
B 2 HOH 18  318 19  HOH HOH A . 
B 2 HOH 19  319 21  HOH HOH A . 
B 2 HOH 20  320 22  HOH HOH A . 
B 2 HOH 21  321 23  HOH HOH A . 
B 2 HOH 22  322 24  HOH HOH A . 
B 2 HOH 23  323 25  HOH HOH A . 
B 2 HOH 24  324 26  HOH HOH A . 
B 2 HOH 25  325 27  HOH HOH A . 
B 2 HOH 26  326 28  HOH HOH A . 
B 2 HOH 27  327 29  HOH HOH A . 
B 2 HOH 28  328 31  HOH HOH A . 
B 2 HOH 29  329 32  HOH HOH A . 
B 2 HOH 30  330 33  HOH HOH A . 
B 2 HOH 31  331 34  HOH HOH A . 
B 2 HOH 32  332 35  HOH HOH A . 
B 2 HOH 33  333 36  HOH HOH A . 
B 2 HOH 34  334 37  HOH HOH A . 
B 2 HOH 35  335 38  HOH HOH A . 
B 2 HOH 36  336 39  HOH HOH A . 
B 2 HOH 37  337 40  HOH HOH A . 
B 2 HOH 38  338 41  HOH HOH A . 
B 2 HOH 39  339 42  HOH HOH A . 
B 2 HOH 40  340 43  HOH HOH A . 
B 2 HOH 41  341 44  HOH HOH A . 
B 2 HOH 42  342 47  HOH HOH A . 
B 2 HOH 43  343 48  HOH HOH A . 
B 2 HOH 44  344 49  HOH HOH A . 
B 2 HOH 45  345 50  HOH HOH A . 
B 2 HOH 46  346 51  HOH HOH A . 
B 2 HOH 47  347 52  HOH HOH A . 
B 2 HOH 48  348 53  HOH HOH A . 
B 2 HOH 49  349 55  HOH HOH A . 
B 2 HOH 50  350 56  HOH HOH A . 
B 2 HOH 51  351 57  HOH HOH A . 
B 2 HOH 52  352 58  HOH HOH A . 
B 2 HOH 53  353 61  HOH HOH A . 
B 2 HOH 54  354 62  HOH HOH A . 
B 2 HOH 55  355 67  HOH HOH A . 
B 2 HOH 56  356 68  HOH HOH A . 
B 2 HOH 57  357 69  HOH HOH A . 
B 2 HOH 58  358 70  HOH HOH A . 
B 2 HOH 59  359 71  HOH HOH A . 
B 2 HOH 60  360 72  HOH HOH A . 
B 2 HOH 61  361 76  HOH HOH A . 
B 2 HOH 62  362 77  HOH HOH A . 
B 2 HOH 63  363 78  HOH HOH A . 
B 2 HOH 64  364 79  HOH HOH A . 
B 2 HOH 65  365 81  HOH HOH A . 
B 2 HOH 66  366 83  HOH HOH A . 
B 2 HOH 67  367 85  HOH HOH A . 
B 2 HOH 68  368 86  HOH HOH A . 
B 2 HOH 69  369 88  HOH HOH A . 
B 2 HOH 70  370 89  HOH HOH A . 
B 2 HOH 71  371 90  HOH HOH A . 
B 2 HOH 72  372 91  HOH HOH A . 
B 2 HOH 73  373 94  HOH HOH A . 
B 2 HOH 74  374 96  HOH HOH A . 
B 2 HOH 75  375 97  HOH HOH A . 
B 2 HOH 76  376 98  HOH HOH A . 
B 2 HOH 77  377 99  HOH HOH A . 
B 2 HOH 78  378 101 HOH HOH A . 
B 2 HOH 79  379 102 HOH HOH A . 
B 2 HOH 80  380 104 HOH HOH A . 
B 2 HOH 81  381 105 HOH HOH A . 
B 2 HOH 82  382 106 HOH HOH A . 
B 2 HOH 83  383 108 HOH HOH A . 
B 2 HOH 84  384 109 HOH HOH A . 
B 2 HOH 85  385 110 HOH HOH A . 
B 2 HOH 86  386 111 HOH HOH A . 
B 2 HOH 87  387 114 HOH HOH A . 
B 2 HOH 88  388 115 HOH HOH A . 
B 2 HOH 89  389 117 HOH HOH A . 
B 2 HOH 90  390 119 HOH HOH A . 
B 2 HOH 91  391 120 HOH HOH A . 
B 2 HOH 92  392 121 HOH HOH A . 
B 2 HOH 93  393 122 HOH HOH A . 
B 2 HOH 94  394 125 HOH HOH A . 
B 2 HOH 95  395 127 HOH HOH A . 
B 2 HOH 96  396 129 HOH HOH A . 
B 2 HOH 97  397 132 HOH HOH A . 
B 2 HOH 98  398 134 HOH HOH A . 
B 2 HOH 99  399 135 HOH HOH A . 
B 2 HOH 100 400 136 HOH HOH A . 
B 2 HOH 101 401 137 HOH HOH A . 
B 2 HOH 102 402 138 HOH HOH A . 
# 
loop_
_pdbx_unobs_or_zero_occ_atoms.id 
_pdbx_unobs_or_zero_occ_atoms.PDB_model_num 
_pdbx_unobs_or_zero_occ_atoms.polymer_flag 
_pdbx_unobs_or_zero_occ_atoms.occupancy_flag 
_pdbx_unobs_or_zero_occ_atoms.auth_asym_id 
_pdbx_unobs_or_zero_occ_atoms.auth_comp_id 
_pdbx_unobs_or_zero_occ_atoms.auth_seq_id 
_pdbx_unobs_or_zero_occ_atoms.PDB_ins_code 
_pdbx_unobs_or_zero_occ_atoms.auth_atom_id 
_pdbx_unobs_or_zero_occ_atoms.label_alt_id 
_pdbx_unobs_or_zero_occ_atoms.label_asym_id 
_pdbx_unobs_or_zero_occ_atoms.label_comp_id 
_pdbx_unobs_or_zero_occ_atoms.label_seq_id 
_pdbx_unobs_or_zero_occ_atoms.label_atom_id 
1 1 Y 1 A GLU 138 ? CG  ? A GLU 75  CG  
2 1 Y 1 A GLU 138 ? CD  ? A GLU 75  CD  
3 1 Y 1 A GLU 138 ? OE1 ? A GLU 75  OE1 
4 1 Y 1 A GLU 138 ? OE2 ? A GLU 75  OE2 
5 1 Y 1 A VAL 222 ? CG1 ? A VAL 159 CG1 
6 1 Y 1 A VAL 222 ? CG2 ? A VAL 159 CG2 
# 
loop_
_software.name 
_software.classification 
_software.version 
_software.citation_id 
_software.pdbx_ordinal 
HKL-2000  'data collection' .        ? 1 
SOLVE     phasing           .        ? 2 
REFMAC    refinement        5.7.0029 ? 3 
HKL-2000  'data reduction'  .        ? 4 
SCALEPACK 'data scaling'    .        ? 5 
# 
_cell.entry_id           4IL7 
_cell.length_a           65.853 
_cell.length_b           65.853 
_cell.length_c           43.673 
_cell.angle_alpha        90.00 
_cell.angle_beta         90.00 
_cell.angle_gamma        120.00 
_cell.Z_PDB              6 
_cell.pdbx_unique_axis   ? 
_cell.length_a_esd       ? 
_cell.length_b_esd       ? 
_cell.length_c_esd       ? 
_cell.angle_alpha_esd    ? 
_cell.angle_beta_esd     ? 
_cell.angle_gamma_esd    ? 
# 
_symmetry.entry_id                         4IL7 
_symmetry.space_group_name_H-M             'P 32 2 1' 
_symmetry.pdbx_full_space_group_name_H-M   ? 
_symmetry.cell_setting                     ? 
_symmetry.Int_Tables_number                154 
_symmetry.space_group_name_Hall            ? 
# 
_exptl.entry_id          4IL7 
_exptl.method            'X-RAY DIFFRACTION' 
_exptl.crystals_number   1 
# 
_exptl_crystal.id                    1 
_exptl_crystal.density_meas          ? 
_exptl_crystal.density_Matthews      1.52 
_exptl_crystal.density_percent_sol   19.30 
_exptl_crystal.description           ? 
_exptl_crystal.F_000                 ? 
_exptl_crystal.preparation           ? 
# 
_exptl_crystal_grow.crystal_id      1 
_exptl_crystal_grow.method          ? 
_exptl_crystal_grow.temp            298 
_exptl_crystal_grow.temp_details    ? 
_exptl_crystal_grow.pH              5.6 
_exptl_crystal_grow.pdbx_pH_range   ? 
_exptl_crystal_grow.pdbx_details    
;10-15%v/v 2-Propanol, 5-10%w/v Polyethylene glycol 4,000, 0.1M Sodium citrate tribasic dihydrate 5.6 , VAPOR DIFFUSION, HANGING DROP, temperature 298K
;
# 
_diffrn.id                     1 
_diffrn.ambient_temp           100 
_diffrn.ambient_temp_details   ? 
_diffrn.crystal_id             1 
# 
_diffrn_detector.diffrn_id              1 
_diffrn_detector.detector               CCD 
_diffrn_detector.type                   'MARMOSAIC 325 mm CCD' 
_diffrn_detector.pdbx_collection_date   2010-05-28 
_diffrn_detector.details                ? 
# 
_diffrn_radiation.diffrn_id                        1 
_diffrn_radiation.wavelength_id                    1 
_diffrn_radiation.pdbx_monochromatic_or_laue_m_l   M 
_diffrn_radiation.monochromator                    'DOUBLE CRYSTAL MONOCHROMATOR' 
_diffrn_radiation.pdbx_diffrn_protocol             'SINGLE WAVELENGTH' 
_diffrn_radiation.pdbx_scattering_type             x-ray 
# 
_diffrn_radiation_wavelength.id           1 
_diffrn_radiation_wavelength.wavelength   0.95369 
_diffrn_radiation_wavelength.wt           1.0 
# 
_diffrn_source.diffrn_id                   1 
_diffrn_source.source                      SYNCHROTRON 
_diffrn_source.type                        'SSRL BEAMLINE BL9-2' 
_diffrn_source.pdbx_synchrotron_site       SSRL 
_diffrn_source.pdbx_synchrotron_beamline   BL9-2 
_diffrn_source.pdbx_wavelength             0.95369 
_diffrn_source.pdbx_wavelength_list        ? 
# 
_reflns.pdbx_diffrn_id               1 
_reflns.pdbx_ordinal                 1 
_reflns.entry_id                     4IL7 
_reflns.observed_criterion_sigma_I   -3.000 
_reflns.observed_criterion_sigma_F   ? 
_reflns.d_resolution_low             50.000 
_reflns.d_resolution_high            1.370 
_reflns.number_obs                   21677 
_reflns.number_all                   ? 
_reflns.percent_possible_obs         93.0 
_reflns.pdbx_Rmerge_I_obs            ? 
_reflns.pdbx_Rsym_value              0.02800 
_reflns.pdbx_netI_over_sigmaI        23.0000 
_reflns.B_iso_Wilson_estimate        ? 
_reflns.pdbx_redundancy              5.900 
_reflns.R_free_details               ? 
_reflns.limit_h_max                  ? 
_reflns.limit_h_min                  ? 
_reflns.limit_k_max                  ? 
_reflns.limit_k_min                  ? 
_reflns.limit_l_max                  ? 
_reflns.limit_l_min                  ? 
_reflns.observed_criterion_F_max     ? 
_reflns.observed_criterion_F_min     ? 
_reflns.pdbx_chi_squared             ? 
_reflns.pdbx_scaling_rejects         ? 
# 
_reflns_shell.pdbx_diffrn_id         1 
_reflns_shell.pdbx_ordinal           1 
_reflns_shell.d_res_high             1.37 
_reflns_shell.d_res_low              1.42 
_reflns_shell.percent_possible_all   89.2 
_reflns_shell.Rmerge_I_obs           ? 
_reflns_shell.pdbx_Rsym_value        0.25500 
_reflns_shell.meanI_over_sigI_obs    ? 
_reflns_shell.pdbx_redundancy        5.20 
_reflns_shell.percent_possible_obs   ? 
_reflns_shell.number_unique_all      ? 
_reflns_shell.number_measured_all    ? 
_reflns_shell.number_measured_obs    ? 
_reflns_shell.number_unique_obs      ? 
_reflns_shell.pdbx_chi_squared       ? 
# 
_refine.pdbx_refine_id                           'X-RAY DIFFRACTION' 
_refine.entry_id                                 4IL7 
_refine.pdbx_diffrn_id                           1 
_refine.pdbx_TLS_residual_ADP_flag               ? 
_refine.ls_number_reflns_obs                     19450 
_refine.ls_number_reflns_all                     21677 
_refine.pdbx_ls_sigma_I                          ? 
_refine.pdbx_ls_sigma_F                          . 
_refine.pdbx_data_cutoff_high_absF               ? 
_refine.pdbx_data_cutoff_low_absF                ? 
_refine.pdbx_data_cutoff_high_rms_absF           ? 
_refine.ls_d_res_low                             19.34 
_refine.ls_d_res_high                            1.40 
_refine.ls_percent_reflns_obs                    93.56 
_refine.ls_R_factor_obs                          0.14136 
_refine.ls_R_factor_all                          ? 
_refine.ls_R_factor_R_work                       0.14017 
_refine.ls_R_factor_R_free                       0.16506 
_refine.ls_R_factor_R_free_error                 ? 
_refine.ls_R_factor_R_free_error_details         ? 
_refine.ls_percent_reflns_R_free                 5.0 
_refine.ls_number_reflns_R_free                  1021 
_refine.ls_number_parameters                     ? 
_refine.ls_number_restraints                     ? 
_refine.occupancy_min                            ? 
_refine.occupancy_max                            ? 
_refine.correlation_coeff_Fo_to_Fc               0.978 
_refine.correlation_coeff_Fo_to_Fc_free          0.971 
_refine.B_iso_mean                               22.117 
_refine.aniso_B[1][1]                            -0.47 
_refine.aniso_B[2][2]                            -0.47 
_refine.aniso_B[3][3]                            1.52 
_refine.aniso_B[1][2]                            -0.47 
_refine.aniso_B[1][3]                            0.00 
_refine.aniso_B[2][3]                            0.00 
_refine.solvent_model_details                    'BABINET MODEL WITH MASK' 
_refine.solvent_model_param_ksol                 ? 
_refine.solvent_model_param_bsol                 ? 
_refine.pdbx_solvent_vdw_probe_radii             1.20 
_refine.pdbx_solvent_ion_probe_radii             0.80 
_refine.pdbx_solvent_shrinkage_radii             0.80 
_refine.pdbx_ls_cross_valid_method               THROUGHOUT 
_refine.details                                  'HYDROGENS HAVE BEEN ADDED IN THE RIDING POSITIONS' 
_refine.pdbx_starting_model                      ? 
_refine.pdbx_method_to_determine_struct          SAD 
_refine.pdbx_isotropic_thermal_model             anisotropic 
_refine.pdbx_stereochemistry_target_values       'MAXIMUM LIKELIHOOD' 
_refine.pdbx_stereochem_target_val_spec_case     ? 
_refine.pdbx_R_Free_selection_details            RANDOM 
_refine.pdbx_overall_ESU_R                       0.054 
_refine.pdbx_overall_ESU_R_Free                  0.050 
_refine.overall_SU_ML                            0.031 
_refine.pdbx_overall_phase_error                 ? 
_refine.overall_SU_B                             1.711 
_refine.overall_SU_R_Cruickshank_DPI             ? 
_refine.pdbx_overall_SU_R_free_Cruickshank_DPI   ? 
_refine.pdbx_overall_SU_R_Blow_DPI               ? 
_refine.pdbx_overall_SU_R_free_Blow_DPI          ? 
_refine.ls_redundancy_reflns_obs                 ? 
_refine.B_iso_min                                ? 
_refine.B_iso_max                                ? 
_refine.overall_SU_R_free                        ? 
_refine.ls_wR_factor_R_free                      ? 
_refine.ls_wR_factor_R_work                      ? 
_refine.overall_FOM_free_R_set                   ? 
_refine.overall_FOM_work_R_set                   ? 
# 
_refine_hist.pdbx_refine_id                   'X-RAY DIFFRACTION' 
_refine_hist.cycle_id                         LAST 
_refine_hist.pdbx_number_atoms_protein        631 
_refine_hist.pdbx_number_atoms_nucleic_acid   0 
_refine_hist.pdbx_number_atoms_ligand         0 
_refine_hist.number_atoms_solvent             102 
_refine_hist.number_atoms_total               733 
_refine_hist.d_res_high                       1.40 
_refine_hist.d_res_low                        19.34 
# 
loop_
_refine_ls_restr.type 
_refine_ls_restr.dev_ideal 
_refine_ls_restr.dev_ideal_target 
_refine_ls_restr.weight 
_refine_ls_restr.number 
_refine_ls_restr.pdbx_refine_id 
_refine_ls_restr.pdbx_restraint_function 
r_bond_refined_d             0.020  0.020  ? 759  'X-RAY DIFFRACTION' ? 
r_bond_other_d               0.001  0.020  ? 700  'X-RAY DIFFRACTION' ? 
r_angle_refined_deg          1.939  1.952  ? 1058 'X-RAY DIFFRACTION' ? 
r_angle_other_deg            1.758  3.000  ? 1628 'X-RAY DIFFRACTION' ? 
r_dihedral_angle_1_deg       6.876  5.000  ? 110  'X-RAY DIFFRACTION' ? 
r_dihedral_angle_2_deg       42.490 27.143 ? 28   'X-RAY DIFFRACTION' ? 
r_dihedral_angle_3_deg       11.597 15.000 ? 126  'X-RAY DIFFRACTION' ? 
r_dihedral_angle_4_deg       ?      ?      ? ?    'X-RAY DIFFRACTION' ? 
r_chiral_restr               0.121  0.200  ? 131  'X-RAY DIFFRACTION' ? 
r_gen_planes_refined         0.010  0.020  ? 934  'X-RAY DIFFRACTION' ? 
r_gen_planes_other           0.009  0.020  ? 170  'X-RAY DIFFRACTION' ? 
r_nbd_refined                ?      ?      ? ?    'X-RAY DIFFRACTION' ? 
r_nbd_other                  ?      ?      ? ?    'X-RAY DIFFRACTION' ? 
r_nbtor_refined              ?      ?      ? ?    'X-RAY DIFFRACTION' ? 
r_nbtor_other                ?      ?      ? ?    'X-RAY DIFFRACTION' ? 
r_xyhbond_nbd_refined        ?      ?      ? ?    'X-RAY DIFFRACTION' ? 
r_xyhbond_nbd_other          ?      ?      ? ?    'X-RAY DIFFRACTION' ? 
r_metal_ion_refined          ?      ?      ? ?    'X-RAY DIFFRACTION' ? 
r_metal_ion_other            ?      ?      ? ?    'X-RAY DIFFRACTION' ? 
r_symmetry_vdw_refined       ?      ?      ? ?    'X-RAY DIFFRACTION' ? 
r_symmetry_vdw_other         ?      ?      ? ?    'X-RAY DIFFRACTION' ? 
r_symmetry_hbond_refined     ?      ?      ? ?    'X-RAY DIFFRACTION' ? 
r_symmetry_hbond_other       ?      ?      ? ?    'X-RAY DIFFRACTION' ? 
r_symmetry_metal_ion_refined ?      ?      ? ?    'X-RAY DIFFRACTION' ? 
r_symmetry_metal_ion_other   ?      ?      ? ?    'X-RAY DIFFRACTION' ? 
r_mcbond_it                  ?      ?      ? ?    'X-RAY DIFFRACTION' ? 
r_mcbond_other               ?      ?      ? ?    'X-RAY DIFFRACTION' ? 
r_mcangle_it                 ?      ?      ? ?    'X-RAY DIFFRACTION' ? 
r_scbond_it                  ?      ?      ? ?    'X-RAY DIFFRACTION' ? 
r_scangle_it                 ?      ?      ? ?    'X-RAY DIFFRACTION' ? 
r_rigid_bond_restr           3.785  3.000  ? 1459 'X-RAY DIFFRACTION' ? 
r_sphericity_free            36.541 5.000  ? 30   'X-RAY DIFFRACTION' ? 
r_sphericity_bonded          9.655  5.000  ? 1507 'X-RAY DIFFRACTION' ? 
# 
_refine_ls_shell.pdbx_refine_id                   'X-RAY DIFFRACTION' 
_refine_ls_shell.pdbx_total_number_of_bins_used   20 
_refine_ls_shell.d_res_high                       1.400 
_refine_ls_shell.d_res_low                        1.436 
_refine_ls_shell.number_reflns_R_work             1523 
_refine_ls_shell.R_factor_R_work                  0.178 
_refine_ls_shell.percent_reflns_obs               99.32 
_refine_ls_shell.R_factor_R_free                  0.239 
_refine_ls_shell.R_factor_R_free_error            ? 
_refine_ls_shell.percent_reflns_R_free            ? 
_refine_ls_shell.number_reflns_R_free             91 
_refine_ls_shell.number_reflns_all                ? 
_refine_ls_shell.R_factor_all                     ? 
_refine_ls_shell.redundancy_reflns_obs            ? 
_refine_ls_shell.number_reflns_obs                ? 
# 
_struct.entry_id                  4IL7 
_struct.title                     
'Crystal structure of A223 C-terminal domain, a structural protein from sulfolobus turreted icosahedral virus (STIV)' 
_struct.pdbx_model_details        ? 
_struct.pdbx_CASP_flag            ? 
_struct.pdbx_model_type_details   ? 
# 
_struct_keywords.entry_id        4IL7 
_struct_keywords.pdbx_keywords   'VIRAL PROTEIN' 
_struct_keywords.text            'partial jelly roll fold, hypothetical protein, C381 and B345, Viral Capsid, VIRAL PROTEIN' 
# 
loop_
_struct_asym.id 
_struct_asym.pdbx_blank_PDB_chainid_flag 
_struct_asym.pdbx_modified 
_struct_asym.entity_id 
_struct_asym.details 
A N N 1 ? 
B N N 2 ? 
# 
_struct_ref.id                         1 
_struct_ref.db_name                    UNP 
_struct_ref.db_code                    Q6Q0L4_9VIRU 
_struct_ref.pdbx_db_accession          Q6Q0L4 
_struct_ref.entity_id                  1 
_struct_ref.pdbx_seq_one_letter_code   
;SHEGLSPIPGEGTGIQLSAGQILKFYNVPIAEIIVEYDPSNVSGVSSNVKLKGTIHPLFEVPSQISIENFQPTENYLIYS
GFGTSLPQTYTIPANGYLIISITNTSTGNIGQITLTIGSTTMTFNLQTGENKIPVIAGTQITNLTLTSSSAILIYEEVI
;
_struct_ref.pdbx_align_begin           65 
_struct_ref.pdbx_db_isoform            ? 
# 
_struct_ref_seq.align_id                      1 
_struct_ref_seq.ref_id                        1 
_struct_ref_seq.pdbx_PDB_id_code              4IL7 
_struct_ref_seq.pdbx_strand_id                A 
_struct_ref_seq.seq_align_beg                 2 
_struct_ref_seq.pdbx_seq_align_beg_ins_code   ? 
_struct_ref_seq.seq_align_end                 160 
_struct_ref_seq.pdbx_seq_align_end_ins_code   ? 
_struct_ref_seq.pdbx_db_accession             Q6Q0L4 
_struct_ref_seq.db_align_beg                  65 
_struct_ref_seq.pdbx_db_align_beg_ins_code    ? 
_struct_ref_seq.db_align_end                  223 
_struct_ref_seq.pdbx_db_align_end_ins_code    ? 
_struct_ref_seq.pdbx_auth_seq_align_beg       65 
_struct_ref_seq.pdbx_auth_seq_align_end       223 
# 
loop_
_struct_ref_seq_dif.align_id 
_struct_ref_seq_dif.pdbx_pdb_id_code 
_struct_ref_seq_dif.mon_id 
_struct_ref_seq_dif.pdbx_pdb_strand_id 
_struct_ref_seq_dif.seq_num 
_struct_ref_seq_dif.pdbx_pdb_ins_code 
_struct_ref_seq_dif.pdbx_seq_db_name 
_struct_ref_seq_dif.pdbx_seq_db_accession_code 
_struct_ref_seq_dif.db_mon_id 
_struct_ref_seq_dif.pdbx_seq_db_seq_num 
_struct_ref_seq_dif.details 
_struct_ref_seq_dif.pdbx_auth_seq_num 
_struct_ref_seq_dif.pdbx_ordinal 
1 4IL7 MET A 1   ? UNP Q6Q0L4 ?   ?   'expression tag'      64  1 
1 4IL7 MET A 145 ? UNP Q6Q0L4 LEU 208 'engineered mutation' 208 2 
1 4IL7 HIS A 161 ? UNP Q6Q0L4 ?   ?   'expression tag'      224 3 
1 4IL7 HIS A 162 ? UNP Q6Q0L4 ?   ?   'expression tag'      225 4 
1 4IL7 HIS A 163 ? UNP Q6Q0L4 ?   ?   'expression tag'      226 5 
1 4IL7 HIS A 164 ? UNP Q6Q0L4 ?   ?   'expression tag'      227 6 
1 4IL7 HIS A 165 ? UNP Q6Q0L4 ?   ?   'expression tag'      228 7 
1 4IL7 HIS A 166 ? UNP Q6Q0L4 ?   ?   'expression tag'      229 8 
# 
_pdbx_struct_assembly.id                   1 
_pdbx_struct_assembly.details              author_and_software_defined_assembly 
_pdbx_struct_assembly.method_details       PISA 
_pdbx_struct_assembly.oligomeric_details   monomeric 
_pdbx_struct_assembly.oligomeric_count     1 
# 
_pdbx_struct_assembly_gen.assembly_id       1 
_pdbx_struct_assembly_gen.oper_expression   1 
_pdbx_struct_assembly_gen.asym_id_list      A,B 
# 
_pdbx_struct_oper_list.id                   1 
_pdbx_struct_oper_list.type                 'identity operation' 
_pdbx_struct_oper_list.name                 1_555 
_pdbx_struct_oper_list.symmetry_operation   x,y,z 
_pdbx_struct_oper_list.matrix[1][1]         1.0000000000 
_pdbx_struct_oper_list.matrix[1][2]         0.0000000000 
_pdbx_struct_oper_list.matrix[1][3]         0.0000000000 
_pdbx_struct_oper_list.vector[1]            0.0000000000 
_pdbx_struct_oper_list.matrix[2][1]         0.0000000000 
_pdbx_struct_oper_list.matrix[2][2]         1.0000000000 
_pdbx_struct_oper_list.matrix[2][3]         0.0000000000 
_pdbx_struct_oper_list.vector[2]            0.0000000000 
_pdbx_struct_oper_list.matrix[3][1]         0.0000000000 
_pdbx_struct_oper_list.matrix[3][2]         0.0000000000 
_pdbx_struct_oper_list.matrix[3][3]         1.0000000000 
_pdbx_struct_oper_list.vector[3]            0.0000000000 
# 
_struct_biol.id        1 
_struct_biol.details   ? 
# 
loop_
_struct_sheet.id 
_struct_sheet.type 
_struct_sheet.number_strands 
_struct_sheet.details 
A ? 4 ? 
B ? 4 ? 
# 
loop_
_struct_sheet_order.sheet_id 
_struct_sheet_order.range_id_1 
_struct_sheet_order.range_id_2 
_struct_sheet_order.offset 
_struct_sheet_order.sense 
A 1 2 ? anti-parallel 
A 2 3 ? anti-parallel 
A 3 4 ? anti-parallel 
B 1 2 ? anti-parallel 
B 2 3 ? anti-parallel 
B 3 4 ? anti-parallel 
# 
loop_
_struct_sheet_range.sheet_id 
_struct_sheet_range.id 
_struct_sheet_range.beg_label_comp_id 
_struct_sheet_range.beg_label_asym_id 
_struct_sheet_range.beg_label_seq_id 
_struct_sheet_range.pdbx_beg_PDB_ins_code 
_struct_sheet_range.end_label_comp_id 
_struct_sheet_range.end_label_asym_id 
_struct_sheet_range.end_label_seq_id 
_struct_sheet_range.pdbx_end_PDB_ins_code 
_struct_sheet_range.beg_auth_comp_id 
_struct_sheet_range.beg_auth_asym_id 
_struct_sheet_range.beg_auth_seq_id 
_struct_sheet_range.end_auth_comp_id 
_struct_sheet_range.end_auth_asym_id 
_struct_sheet_range.end_auth_seq_id 
A 1 ASN A 76  ? SER A 86  ? ASN A 139 SER A 149 
A 2 GLN A 141 ? GLU A 158 ? GLN A 204 GLU A 221 
A 3 ASN A 110 ? ILE A 118 ? ASN A 173 ILE A 181 
A 4 THR A 121 ? GLN A 128 ? THR A 184 GLN A 191 
B 1 TYR A 91  ? THR A 92  ? TYR A 154 THR A 155 
B 2 GLN A 141 ? GLU A 158 ? GLN A 204 GLU A 221 
B 3 GLY A 97  ? THR A 104 ? GLY A 160 THR A 167 
B 4 GLY A 130 ? VAL A 136 ? GLY A 193 VAL A 199 
# 
loop_
_pdbx_struct_sheet_hbond.sheet_id 
_pdbx_struct_sheet_hbond.range_id_1 
_pdbx_struct_sheet_hbond.range_id_2 
_pdbx_struct_sheet_hbond.range_1_label_atom_id 
_pdbx_struct_sheet_hbond.range_1_label_comp_id 
_pdbx_struct_sheet_hbond.range_1_label_asym_id 
_pdbx_struct_sheet_hbond.range_1_label_seq_id 
_pdbx_struct_sheet_hbond.range_1_PDB_ins_code 
_pdbx_struct_sheet_hbond.range_1_auth_atom_id 
_pdbx_struct_sheet_hbond.range_1_auth_comp_id 
_pdbx_struct_sheet_hbond.range_1_auth_asym_id 
_pdbx_struct_sheet_hbond.range_1_auth_seq_id 
_pdbx_struct_sheet_hbond.range_2_label_atom_id 
_pdbx_struct_sheet_hbond.range_2_label_comp_id 
_pdbx_struct_sheet_hbond.range_2_label_asym_id 
_pdbx_struct_sheet_hbond.range_2_label_seq_id 
_pdbx_struct_sheet_hbond.range_2_PDB_ins_code 
_pdbx_struct_sheet_hbond.range_2_auth_atom_id 
_pdbx_struct_sheet_hbond.range_2_auth_comp_id 
_pdbx_struct_sheet_hbond.range_2_auth_asym_id 
_pdbx_struct_sheet_hbond.range_2_auth_seq_id 
A 1 2 N GLY A 82  ? N GLY A 145 O ILE A 153 ? O ILE A 216 
A 2 3 O GLN A 141 ? O GLN A 204 N THR A 117 ? N THR A 180 
A 3 4 N ILE A 111 ? N ILE A 174 O LEU A 127 ? O LEU A 190 
B 1 2 N TYR A 91  ? N TYR A 154 O ILE A 142 ? O ILE A 205 
B 2 3 O LEU A 154 ? O LEU A 217 N SER A 102 ? N SER A 165 
B 3 4 N ILE A 103 ? N ILE A 166 O GLY A 130 ? O GLY A 193 
# 
loop_
_pdbx_validate_close_contact.id 
_pdbx_validate_close_contact.PDB_model_num 
_pdbx_validate_close_contact.auth_atom_id_1 
_pdbx_validate_close_contact.auth_asym_id_1 
_pdbx_validate_close_contact.auth_comp_id_1 
_pdbx_validate_close_contact.auth_seq_id_1 
_pdbx_validate_close_contact.PDB_ins_code_1 
_pdbx_validate_close_contact.label_alt_id_1 
_pdbx_validate_close_contact.auth_atom_id_2 
_pdbx_validate_close_contact.auth_asym_id_2 
_pdbx_validate_close_contact.auth_comp_id_2 
_pdbx_validate_close_contact.auth_seq_id_2 
_pdbx_validate_close_contact.PDB_ins_code_2 
_pdbx_validate_close_contact.label_alt_id_2 
_pdbx_validate_close_contact.dist 
1 1 O A HOH 329 ? ? O A HOH 381 ? ? 1.68 
2 1 O A HOH 352 ? ? O A HOH 365 ? ? 1.77 
3 1 O A HOH 308 ? ? O A HOH 382 ? ? 1.94 
4 1 O A HOH 308 ? ? O A HOH 381 ? ? 2.08 
# 
loop_
_pdbx_validate_symm_contact.id 
_pdbx_validate_symm_contact.PDB_model_num 
_pdbx_validate_symm_contact.auth_atom_id_1 
_pdbx_validate_symm_contact.auth_asym_id_1 
_pdbx_validate_symm_contact.auth_comp_id_1 
_pdbx_validate_symm_contact.auth_seq_id_1 
_pdbx_validate_symm_contact.PDB_ins_code_1 
_pdbx_validate_symm_contact.label_alt_id_1 
_pdbx_validate_symm_contact.site_symmetry_1 
_pdbx_validate_symm_contact.auth_atom_id_2 
_pdbx_validate_symm_contact.auth_asym_id_2 
_pdbx_validate_symm_contact.auth_comp_id_2 
_pdbx_validate_symm_contact.auth_seq_id_2 
_pdbx_validate_symm_contact.PDB_ins_code_2 
_pdbx_validate_symm_contact.label_alt_id_2 
_pdbx_validate_symm_contact.site_symmetry_2 
_pdbx_validate_symm_contact.dist 
1 1 O A HOH 307 ? ? 1_555 O A HOH 308 ? ? 3_565 1.74 
2 1 O A HOH 360 ? ? 1_555 O A HOH 397 ? ? 3_565 2.17 
# 
_pdbx_validate_rmsd_bond.id                        1 
_pdbx_validate_rmsd_bond.PDB_model_num             1 
_pdbx_validate_rmsd_bond.auth_atom_id_1            CB 
_pdbx_validate_rmsd_bond.auth_asym_id_1            A 
_pdbx_validate_rmsd_bond.auth_comp_id_1            SER 
_pdbx_validate_rmsd_bond.auth_seq_id_1             212 
_pdbx_validate_rmsd_bond.PDB_ins_code_1            ? 
_pdbx_validate_rmsd_bond.label_alt_id_1            ? 
_pdbx_validate_rmsd_bond.auth_atom_id_2            OG 
_pdbx_validate_rmsd_bond.auth_asym_id_2            A 
_pdbx_validate_rmsd_bond.auth_comp_id_2            SER 
_pdbx_validate_rmsd_bond.auth_seq_id_2             212 
_pdbx_validate_rmsd_bond.PDB_ins_code_2            ? 
_pdbx_validate_rmsd_bond.label_alt_id_2            ? 
_pdbx_validate_rmsd_bond.bond_value                1.327 
_pdbx_validate_rmsd_bond.bond_target_value         1.418 
_pdbx_validate_rmsd_bond.bond_deviation            -0.091 
_pdbx_validate_rmsd_bond.bond_standard_deviation   0.013 
_pdbx_validate_rmsd_bond.linker_flag               N 
# 
_pdbx_validate_torsion.id              1 
_pdbx_validate_torsion.PDB_model_num   1 
_pdbx_validate_torsion.auth_comp_id    ASN 
_pdbx_validate_torsion.auth_asym_id    A 
_pdbx_validate_torsion.auth_seq_id     168 
_pdbx_validate_torsion.PDB_ins_code    ? 
_pdbx_validate_torsion.label_alt_id    B 
_pdbx_validate_torsion.phi             -160.17 
_pdbx_validate_torsion.psi             -152.98 
# 
loop_
_pdbx_refine_tls.pdbx_refine_id 
_pdbx_refine_tls.id 
_pdbx_refine_tls.details 
_pdbx_refine_tls.method 
_pdbx_refine_tls.origin_x 
_pdbx_refine_tls.origin_y 
_pdbx_refine_tls.origin_z 
_pdbx_refine_tls.T[1][1] 
_pdbx_refine_tls.T[2][2] 
_pdbx_refine_tls.T[3][3] 
_pdbx_refine_tls.T[1][2] 
_pdbx_refine_tls.T[1][3] 
_pdbx_refine_tls.T[2][3] 
_pdbx_refine_tls.L[1][1] 
_pdbx_refine_tls.L[2][2] 
_pdbx_refine_tls.L[3][3] 
_pdbx_refine_tls.L[1][2] 
_pdbx_refine_tls.L[1][3] 
_pdbx_refine_tls.L[2][3] 
_pdbx_refine_tls.S[1][1] 
_pdbx_refine_tls.S[1][2] 
_pdbx_refine_tls.S[1][3] 
_pdbx_refine_tls.S[2][1] 
_pdbx_refine_tls.S[2][2] 
_pdbx_refine_tls.S[2][3] 
_pdbx_refine_tls.S[3][1] 
_pdbx_refine_tls.S[3][2] 
_pdbx_refine_tls.S[3][3] 
'X-RAY DIFFRACTION' 1  ? refined 1.2194   0.8949  -9.9996 0.0642 0.1103 0.0423 -0.0220 0.0179  0.0223  4.4396  10.3676 6.5137 1.6459  -0.5561 5.0188  -0.1589 0.4246  -0.1311 -0.2810 0.0906  0.2017  0.0345  -0.3941 0.0683  
'X-RAY DIFFRACTION' 2  ? refined 5.9094   7.8006  0.2741  0.0780 0.0256 0.0784 0.0063  0.0181  0.0124  2.5658  1.8523  6.1506 1.1644  2.3124  1.9202  0.0777  -0.0120 0.0551  -0.1012 0.0962  -0.0484 -0.0843 0.0929  -0.1738 
'X-RAY DIFFRACTION' 3  ? refined -5.1322  5.0406  -6.1605 0.1833 0.4720 0.1236 -0.0378 0.0007  0.1767  4.9407  5.0277  3.8514 3.0067  3.6840  3.1209  -0.5774 0.7009  0.3414  -0.1370 0.5848  0.1110  -0.3806 0.0193  -0.0074 
'X-RAY DIFFRACTION' 4  ? refined -1.6663  -6.4946 -4.7635 0.1054 0.0985 0.1263 -0.0618 0.0611  -0.0369 11.3658 3.6954  3.5469 3.2983  4.1010  2.4334  -0.1530 0.2053  -0.6279 0.0074  0.0160  -0.0019 0.2939  -0.2262 0.1371  
'X-RAY DIFFRACTION' 5  ? refined 12.9466  -1.4019 5.4624  0.1362 0.3078 0.1980 0.0718  -0.0026 -0.0451 11.2752 0.1796  1.9932 -1.4198 4.7063  -0.5917 0.1412  -0.2144 -0.1191 -0.0123 -0.0081 0.0173  0.0980  -0.0046 -0.1329 
'X-RAY DIFFRACTION' 6  ? refined 2.6606   -1.2144 8.8064  0.0759 0.0686 0.0894 -0.0087 0.0024  0.0431  5.3489  3.2526  2.5240 -2.4513 -0.8645 -0.4085 -0.0697 -0.3205 -0.0214 0.0969  0.0671  -0.0482 0.1334  0.0540  0.0025  
'X-RAY DIFFRACTION' 7  ? refined -12.6837 0.1842  1.1590  0.0857 0.1461 0.1367 -0.0054 -0.0126 0.0158  13.2471 1.5975  0.0335 1.1053  -0.5560 -0.1483 -0.1563 0.2760  0.1298  -0.0991 0.1426  0.1373  0.0104  -0.0247 0.0136  
'X-RAY DIFFRACTION' 8  ? refined -9.7873  -2.6466 5.4078  0.0704 0.0801 0.1001 -0.0202 0.0007  0.0251  13.4292 2.1020  2.0580 -5.1455 3.8643  -1.1338 0.1085  0.0906  -0.1720 -0.0476 -0.0633 0.0797  0.0067  -0.0946 -0.0452 
'X-RAY DIFFRACTION' 9  ? refined 5.0524   -5.5530 5.1835  0.1843 0.0712 0.1081 0.0261  -0.0068 0.0293  9.0796  2.5054  3.5403 -1.7335 -3.8038 -1.1940 -0.1657 0.0271  -0.3119 -0.1619 -0.0906 -0.1465 0.4415  0.0754  0.2563  
'X-RAY DIFFRACTION' 10 ? refined -6.1653  -6.1335 -3.1154 0.0709 0.1261 0.1163 -0.0598 0.0462  -0.0125 8.7488  2.5714  4.0595 -2.1152 2.4275  -0.5132 -0.1212 0.1720  -0.6961 -0.0165 0.0998  0.1435  0.2207  -0.3434 0.0215  
'X-RAY DIFFRACTION' 11 ? refined -5.5459  4.5510  1.0636  0.0418 0.0503 0.0514 0.0108  0.0162  0.0288  12.4079 5.2310  5.7735 2.4832  2.7569  3.3128  -0.1424 0.0510  0.3884  -0.0512 0.0166  0.2107  -0.1421 -0.3097 0.1258  
'X-RAY DIFFRACTION' 12 ? refined 7.4048   4.7028  6.9552  0.0427 0.0525 0.0625 0.0051  0.0006  0.0069  3.4022  2.8263  4.2694 -0.8755 -1.0357 0.2259  0.0276  -0.3729 -0.0922 0.1656  0.0260  -0.0996 -0.0239 0.2222  -0.0534 
'X-RAY DIFFRACTION' 13 ? refined 2.3848   -2.5320 -6.2694 0.0576 0.0738 0.0477 -0.0249 0.0397  0.0021  5.4113  2.5949  4.1313 1.9248  1.3797  1.5364  -0.2053 0.2033  -0.3124 0.0211  0.1264  -0.0796 0.2760  -0.1836 0.0789  
# 
loop_
_pdbx_refine_tls_group.pdbx_refine_id 
_pdbx_refine_tls_group.id 
_pdbx_refine_tls_group.refine_tls_id 
_pdbx_refine_tls_group.beg_auth_asym_id 
_pdbx_refine_tls_group.beg_auth_seq_id 
_pdbx_refine_tls_group.beg_label_asym_id 
_pdbx_refine_tls_group.beg_label_seq_id 
_pdbx_refine_tls_group.end_auth_asym_id 
_pdbx_refine_tls_group.end_auth_seq_id 
_pdbx_refine_tls_group.end_label_asym_id 
_pdbx_refine_tls_group.end_label_seq_id 
_pdbx_refine_tls_group.selection 
_pdbx_refine_tls_group.selection_details 
'X-RAY DIFFRACTION' 1  1  A 139 ? ? A 143 ? ? ? ? 
'X-RAY DIFFRACTION' 2  2  A 144 ? ? A 150 ? ? ? ? 
'X-RAY DIFFRACTION' 3  3  A 151 ? ? A 158 ? ? ? ? 
'X-RAY DIFFRACTION' 4  4  A 159 ? ? A 165 ? ? ? ? 
'X-RAY DIFFRACTION' 5  5  A 166 ? ? A 171 ? ? ? ? 
'X-RAY DIFFRACTION' 6  6  A 172 ? ? A 177 ? ? ? ? 
'X-RAY DIFFRACTION' 7  7  A 178 ? ? A 183 ? ? ? ? 
'X-RAY DIFFRACTION' 8  8  A 184 ? ? A 188 ? ? ? ? 
'X-RAY DIFFRACTION' 9  9  A 189 ? ? A 194 ? ? ? ? 
'X-RAY DIFFRACTION' 10 10 A 195 ? ? A 203 ? ? ? ? 
'X-RAY DIFFRACTION' 11 11 A 204 ? ? A 208 ? ? ? ? 
'X-RAY DIFFRACTION' 12 12 A 209 ? ? A 215 ? ? ? ? 
'X-RAY DIFFRACTION' 13 13 A 216 ? ? A 221 ? ? ? ? 
# 
loop_
_pdbx_unobs_or_zero_occ_residues.id 
_pdbx_unobs_or_zero_occ_residues.PDB_model_num 
_pdbx_unobs_or_zero_occ_residues.polymer_flag 
_pdbx_unobs_or_zero_occ_residues.occupancy_flag 
_pdbx_unobs_or_zero_occ_residues.auth_asym_id 
_pdbx_unobs_or_zero_occ_residues.auth_comp_id 
_pdbx_unobs_or_zero_occ_residues.auth_seq_id 
_pdbx_unobs_or_zero_occ_residues.PDB_ins_code 
_pdbx_unobs_or_zero_occ_residues.label_asym_id 
_pdbx_unobs_or_zero_occ_residues.label_comp_id 
_pdbx_unobs_or_zero_occ_residues.label_seq_id 
1  1 Y 1 A MET 64  ? A MET 1   
2  1 Y 1 A SER 65  ? A SER 2   
3  1 Y 1 A HIS 66  ? A HIS 3   
4  1 Y 1 A GLU 67  ? A GLU 4   
5  1 Y 1 A GLY 68  ? A GLY 5   
6  1 Y 1 A LEU 69  ? A LEU 6   
7  1 Y 1 A SER 70  ? A SER 7   
8  1 Y 1 A PRO 71  ? A PRO 8   
9  1 Y 1 A ILE 72  ? A ILE 9   
10 1 Y 1 A PRO 73  ? A PRO 10  
11 1 Y 1 A GLY 74  ? A GLY 11  
12 1 Y 1 A GLU 75  ? A GLU 12  
13 1 Y 1 A GLY 76  ? A GLY 13  
14 1 Y 1 A THR 77  ? A THR 14  
15 1 Y 1 A GLY 78  ? A GLY 15  
16 1 Y 1 A ILE 79  ? A ILE 16  
17 1 Y 1 A GLN 80  ? A GLN 17  
18 1 Y 1 A LEU 81  ? A LEU 18  
19 1 Y 1 A SER 82  ? A SER 19  
20 1 Y 1 A ALA 83  ? A ALA 20  
21 1 Y 1 A GLY 84  ? A GLY 21  
22 1 Y 1 A GLN 85  ? A GLN 22  
23 1 Y 1 A ILE 86  ? A ILE 23  
24 1 Y 1 A LEU 87  ? A LEU 24  
25 1 Y 1 A LYS 88  ? A LYS 25  
26 1 Y 1 A PHE 89  ? A PHE 26  
27 1 Y 1 A TYR 90  ? A TYR 27  
28 1 Y 1 A ASN 91  ? A ASN 28  
29 1 Y 1 A VAL 92  ? A VAL 29  
30 1 Y 1 A PRO 93  ? A PRO 30  
31 1 Y 1 A ILE 94  ? A ILE 31  
32 1 Y 1 A ALA 95  ? A ALA 32  
33 1 Y 1 A GLU 96  ? A GLU 33  
34 1 Y 1 A ILE 97  ? A ILE 34  
35 1 Y 1 A ILE 98  ? A ILE 35  
36 1 Y 1 A VAL 99  ? A VAL 36  
37 1 Y 1 A GLU 100 ? A GLU 37  
38 1 Y 1 A TYR 101 ? A TYR 38  
39 1 Y 1 A ASP 102 ? A ASP 39  
40 1 Y 1 A PRO 103 ? A PRO 40  
41 1 Y 1 A SER 104 ? A SER 41  
42 1 Y 1 A ASN 105 ? A ASN 42  
43 1 Y 1 A VAL 106 ? A VAL 43  
44 1 Y 1 A SER 107 ? A SER 44  
45 1 Y 1 A GLY 108 ? A GLY 45  
46 1 Y 1 A VAL 109 ? A VAL 46  
47 1 Y 1 A SER 110 ? A SER 47  
48 1 Y 1 A SER 111 ? A SER 48  
49 1 Y 1 A ASN 112 ? A ASN 49  
50 1 Y 1 A VAL 113 ? A VAL 50  
51 1 Y 1 A LYS 114 ? A LYS 51  
52 1 Y 1 A LEU 115 ? A LEU 52  
53 1 Y 1 A LYS 116 ? A LYS 53  
54 1 Y 1 A GLY 117 ? A GLY 54  
55 1 Y 1 A THR 118 ? A THR 55  
56 1 Y 1 A ILE 119 ? A ILE 56  
57 1 Y 1 A HIS 120 ? A HIS 57  
58 1 Y 1 A PRO 121 ? A PRO 58  
59 1 Y 1 A LEU 122 ? A LEU 59  
60 1 Y 1 A PHE 123 ? A PHE 60  
61 1 Y 1 A GLU 124 ? A GLU 61  
62 1 Y 1 A VAL 125 ? A VAL 62  
63 1 Y 1 A PRO 126 ? A PRO 63  
64 1 Y 1 A SER 127 ? A SER 64  
65 1 Y 1 A GLN 128 ? A GLN 65  
66 1 Y 1 A ILE 129 ? A ILE 66  
67 1 Y 1 A SER 130 ? A SER 67  
68 1 Y 1 A ILE 131 ? A ILE 68  
69 1 Y 1 A GLU 132 ? A GLU 69  
70 1 Y 1 A ASN 133 ? A ASN 70  
71 1 Y 1 A PHE 134 ? A PHE 71  
72 1 Y 1 A GLN 135 ? A GLN 72  
73 1 Y 1 A PRO 136 ? A PRO 73  
74 1 Y 1 A THR 137 ? A THR 74  
75 1 Y 1 A ILE 223 ? A ILE 160 
76 1 Y 1 A HIS 224 ? A HIS 161 
77 1 Y 1 A HIS 225 ? A HIS 162 
78 1 Y 1 A HIS 226 ? A HIS 163 
79 1 Y 1 A HIS 227 ? A HIS 164 
80 1 Y 1 A HIS 228 ? A HIS 165 
81 1 Y 1 A HIS 229 ? A HIS 166 
# 
loop_
_chem_comp_atom.comp_id 
_chem_comp_atom.atom_id 
_chem_comp_atom.type_symbol 
_chem_comp_atom.pdbx_aromatic_flag 
_chem_comp_atom.pdbx_stereo_config 
_chem_comp_atom.pdbx_ordinal 
ALA N    N N N 1   
ALA CA   C N S 2   
ALA C    C N N 3   
ALA O    O N N 4   
ALA CB   C N N 5   
ALA OXT  O N N 6   
ALA H    H N N 7   
ALA H2   H N N 8   
ALA HA   H N N 9   
ALA HB1  H N N 10  
ALA HB2  H N N 11  
ALA HB3  H N N 12  
ALA HXT  H N N 13  
ASN N    N N N 14  
ASN CA   C N S 15  
ASN C    C N N 16  
ASN O    O N N 17  
ASN CB   C N N 18  
ASN CG   C N N 19  
ASN OD1  O N N 20  
ASN ND2  N N N 21  
ASN OXT  O N N 22  
ASN H    H N N 23  
ASN H2   H N N 24  
ASN HA   H N N 25  
ASN HB2  H N N 26  
ASN HB3  H N N 27  
ASN HD21 H N N 28  
ASN HD22 H N N 29  
ASN HXT  H N N 30  
ASP N    N N N 31  
ASP CA   C N S 32  
ASP C    C N N 33  
ASP O    O N N 34  
ASP CB   C N N 35  
ASP CG   C N N 36  
ASP OD1  O N N 37  
ASP OD2  O N N 38  
ASP OXT  O N N 39  
ASP H    H N N 40  
ASP H2   H N N 41  
ASP HA   H N N 42  
ASP HB2  H N N 43  
ASP HB3  H N N 44  
ASP HD2  H N N 45  
ASP HXT  H N N 46  
GLN N    N N N 47  
GLN CA   C N S 48  
GLN C    C N N 49  
GLN O    O N N 50  
GLN CB   C N N 51  
GLN CG   C N N 52  
GLN CD   C N N 53  
GLN OE1  O N N 54  
GLN NE2  N N N 55  
GLN OXT  O N N 56  
GLN H    H N N 57  
GLN H2   H N N 58  
GLN HA   H N N 59  
GLN HB2  H N N 60  
GLN HB3  H N N 61  
GLN HG2  H N N 62  
GLN HG3  H N N 63  
GLN HE21 H N N 64  
GLN HE22 H N N 65  
GLN HXT  H N N 66  
GLU N    N N N 67  
GLU CA   C N S 68  
GLU C    C N N 69  
GLU O    O N N 70  
GLU CB   C N N 71  
GLU CG   C N N 72  
GLU CD   C N N 73  
GLU OE1  O N N 74  
GLU OE2  O N N 75  
GLU OXT  O N N 76  
GLU H    H N N 77  
GLU H2   H N N 78  
GLU HA   H N N 79  
GLU HB2  H N N 80  
GLU HB3  H N N 81  
GLU HG2  H N N 82  
GLU HG3  H N N 83  
GLU HE2  H N N 84  
GLU HXT  H N N 85  
GLY N    N N N 86  
GLY CA   C N N 87  
GLY C    C N N 88  
GLY O    O N N 89  
GLY OXT  O N N 90  
GLY H    H N N 91  
GLY H2   H N N 92  
GLY HA2  H N N 93  
GLY HA3  H N N 94  
GLY HXT  H N N 95  
HIS N    N N N 96  
HIS CA   C N S 97  
HIS C    C N N 98  
HIS O    O N N 99  
HIS CB   C N N 100 
HIS CG   C Y N 101 
HIS ND1  N Y N 102 
HIS CD2  C Y N 103 
HIS CE1  C Y N 104 
HIS NE2  N Y N 105 
HIS OXT  O N N 106 
HIS H    H N N 107 
HIS H2   H N N 108 
HIS HA   H N N 109 
HIS HB2  H N N 110 
HIS HB3  H N N 111 
HIS HD1  H N N 112 
HIS HD2  H N N 113 
HIS HE1  H N N 114 
HIS HE2  H N N 115 
HIS HXT  H N N 116 
HOH O    O N N 117 
HOH H1   H N N 118 
HOH H2   H N N 119 
ILE N    N N N 120 
ILE CA   C N S 121 
ILE C    C N N 122 
ILE O    O N N 123 
ILE CB   C N S 124 
ILE CG1  C N N 125 
ILE CG2  C N N 126 
ILE CD1  C N N 127 
ILE OXT  O N N 128 
ILE H    H N N 129 
ILE H2   H N N 130 
ILE HA   H N N 131 
ILE HB   H N N 132 
ILE HG12 H N N 133 
ILE HG13 H N N 134 
ILE HG21 H N N 135 
ILE HG22 H N N 136 
ILE HG23 H N N 137 
ILE HD11 H N N 138 
ILE HD12 H N N 139 
ILE HD13 H N N 140 
ILE HXT  H N N 141 
LEU N    N N N 142 
LEU CA   C N S 143 
LEU C    C N N 144 
LEU O    O N N 145 
LEU CB   C N N 146 
LEU CG   C N N 147 
LEU CD1  C N N 148 
LEU CD2  C N N 149 
LEU OXT  O N N 150 
LEU H    H N N 151 
LEU H2   H N N 152 
LEU HA   H N N 153 
LEU HB2  H N N 154 
LEU HB3  H N N 155 
LEU HG   H N N 156 
LEU HD11 H N N 157 
LEU HD12 H N N 158 
LEU HD13 H N N 159 
LEU HD21 H N N 160 
LEU HD22 H N N 161 
LEU HD23 H N N 162 
LEU HXT  H N N 163 
LYS N    N N N 164 
LYS CA   C N S 165 
LYS C    C N N 166 
LYS O    O N N 167 
LYS CB   C N N 168 
LYS CG   C N N 169 
LYS CD   C N N 170 
LYS CE   C N N 171 
LYS NZ   N N N 172 
LYS OXT  O N N 173 
LYS H    H N N 174 
LYS H2   H N N 175 
LYS HA   H N N 176 
LYS HB2  H N N 177 
LYS HB3  H N N 178 
LYS HG2  H N N 179 
LYS HG3  H N N 180 
LYS HD2  H N N 181 
LYS HD3  H N N 182 
LYS HE2  H N N 183 
LYS HE3  H N N 184 
LYS HZ1  H N N 185 
LYS HZ2  H N N 186 
LYS HZ3  H N N 187 
LYS HXT  H N N 188 
MET N    N N N 189 
MET CA   C N S 190 
MET C    C N N 191 
MET O    O N N 192 
MET CB   C N N 193 
MET CG   C N N 194 
MET SD   S N N 195 
MET CE   C N N 196 
MET OXT  O N N 197 
MET H    H N N 198 
MET H2   H N N 199 
MET HA   H N N 200 
MET HB2  H N N 201 
MET HB3  H N N 202 
MET HG2  H N N 203 
MET HG3  H N N 204 
MET HE1  H N N 205 
MET HE2  H N N 206 
MET HE3  H N N 207 
MET HXT  H N N 208 
PHE N    N N N 209 
PHE CA   C N S 210 
PHE C    C N N 211 
PHE O    O N N 212 
PHE CB   C N N 213 
PHE CG   C Y N 214 
PHE CD1  C Y N 215 
PHE CD2  C Y N 216 
PHE CE1  C Y N 217 
PHE CE2  C Y N 218 
PHE CZ   C Y N 219 
PHE OXT  O N N 220 
PHE H    H N N 221 
PHE H2   H N N 222 
PHE HA   H N N 223 
PHE HB2  H N N 224 
PHE HB3  H N N 225 
PHE HD1  H N N 226 
PHE HD2  H N N 227 
PHE HE1  H N N 228 
PHE HE2  H N N 229 
PHE HZ   H N N 230 
PHE HXT  H N N 231 
PRO N    N N N 232 
PRO CA   C N S 233 
PRO C    C N N 234 
PRO O    O N N 235 
PRO CB   C N N 236 
PRO CG   C N N 237 
PRO CD   C N N 238 
PRO OXT  O N N 239 
PRO H    H N N 240 
PRO HA   H N N 241 
PRO HB2  H N N 242 
PRO HB3  H N N 243 
PRO HG2  H N N 244 
PRO HG3  H N N 245 
PRO HD2  H N N 246 
PRO HD3  H N N 247 
PRO HXT  H N N 248 
SER N    N N N 249 
SER CA   C N S 250 
SER C    C N N 251 
SER O    O N N 252 
SER CB   C N N 253 
SER OG   O N N 254 
SER OXT  O N N 255 
SER H    H N N 256 
SER H2   H N N 257 
SER HA   H N N 258 
SER HB2  H N N 259 
SER HB3  H N N 260 
SER HG   H N N 261 
SER HXT  H N N 262 
THR N    N N N 263 
THR CA   C N S 264 
THR C    C N N 265 
THR O    O N N 266 
THR CB   C N R 267 
THR OG1  O N N 268 
THR CG2  C N N 269 
THR OXT  O N N 270 
THR H    H N N 271 
THR H2   H N N 272 
THR HA   H N N 273 
THR HB   H N N 274 
THR HG1  H N N 275 
THR HG21 H N N 276 
THR HG22 H N N 277 
THR HG23 H N N 278 
THR HXT  H N N 279 
TYR N    N N N 280 
TYR CA   C N S 281 
TYR C    C N N 282 
TYR O    O N N 283 
TYR CB   C N N 284 
TYR CG   C Y N 285 
TYR CD1  C Y N 286 
TYR CD2  C Y N 287 
TYR CE1  C Y N 288 
TYR CE2  C Y N 289 
TYR CZ   C Y N 290 
TYR OH   O N N 291 
TYR OXT  O N N 292 
TYR H    H N N 293 
TYR H2   H N N 294 
TYR HA   H N N 295 
TYR HB2  H N N 296 
TYR HB3  H N N 297 
TYR HD1  H N N 298 
TYR HD2  H N N 299 
TYR HE1  H N N 300 
TYR HE2  H N N 301 
TYR HH   H N N 302 
TYR HXT  H N N 303 
VAL N    N N N 304 
VAL CA   C N S 305 
VAL C    C N N 306 
VAL O    O N N 307 
VAL CB   C N N 308 
VAL CG1  C N N 309 
VAL CG2  C N N 310 
VAL OXT  O N N 311 
VAL H    H N N 312 
VAL H2   H N N 313 
VAL HA   H N N 314 
VAL HB   H N N 315 
VAL HG11 H N N 316 
VAL HG12 H N N 317 
VAL HG13 H N N 318 
VAL HG21 H N N 319 
VAL HG22 H N N 320 
VAL HG23 H N N 321 
VAL HXT  H N N 322 
# 
loop_
_chem_comp_bond.comp_id 
_chem_comp_bond.atom_id_1 
_chem_comp_bond.atom_id_2 
_chem_comp_bond.value_order 
_chem_comp_bond.pdbx_aromatic_flag 
_chem_comp_bond.pdbx_stereo_config 
_chem_comp_bond.pdbx_ordinal 
ALA N   CA   sing N N 1   
ALA N   H    sing N N 2   
ALA N   H2   sing N N 3   
ALA CA  C    sing N N 4   
ALA CA  CB   sing N N 5   
ALA CA  HA   sing N N 6   
ALA C   O    doub N N 7   
ALA C   OXT  sing N N 8   
ALA CB  HB1  sing N N 9   
ALA CB  HB2  sing N N 10  
ALA CB  HB3  sing N N 11  
ALA OXT HXT  sing N N 12  
ASN N   CA   sing N N 13  
ASN N   H    sing N N 14  
ASN N   H2   sing N N 15  
ASN CA  C    sing N N 16  
ASN CA  CB   sing N N 17  
ASN CA  HA   sing N N 18  
ASN C   O    doub N N 19  
ASN C   OXT  sing N N 20  
ASN CB  CG   sing N N 21  
ASN CB  HB2  sing N N 22  
ASN CB  HB3  sing N N 23  
ASN CG  OD1  doub N N 24  
ASN CG  ND2  sing N N 25  
ASN ND2 HD21 sing N N 26  
ASN ND2 HD22 sing N N 27  
ASN OXT HXT  sing N N 28  
ASP N   CA   sing N N 29  
ASP N   H    sing N N 30  
ASP N   H2   sing N N 31  
ASP CA  C    sing N N 32  
ASP CA  CB   sing N N 33  
ASP CA  HA   sing N N 34  
ASP C   O    doub N N 35  
ASP C   OXT  sing N N 36  
ASP CB  CG   sing N N 37  
ASP CB  HB2  sing N N 38  
ASP CB  HB3  sing N N 39  
ASP CG  OD1  doub N N 40  
ASP CG  OD2  sing N N 41  
ASP OD2 HD2  sing N N 42  
ASP OXT HXT  sing N N 43  
GLN N   CA   sing N N 44  
GLN N   H    sing N N 45  
GLN N   H2   sing N N 46  
GLN CA  C    sing N N 47  
GLN CA  CB   sing N N 48  
GLN CA  HA   sing N N 49  
GLN C   O    doub N N 50  
GLN C   OXT  sing N N 51  
GLN CB  CG   sing N N 52  
GLN CB  HB2  sing N N 53  
GLN CB  HB3  sing N N 54  
GLN CG  CD   sing N N 55  
GLN CG  HG2  sing N N 56  
GLN CG  HG3  sing N N 57  
GLN CD  OE1  doub N N 58  
GLN CD  NE2  sing N N 59  
GLN NE2 HE21 sing N N 60  
GLN NE2 HE22 sing N N 61  
GLN OXT HXT  sing N N 62  
GLU N   CA   sing N N 63  
GLU N   H    sing N N 64  
GLU N   H2   sing N N 65  
GLU CA  C    sing N N 66  
GLU CA  CB   sing N N 67  
GLU CA  HA   sing N N 68  
GLU C   O    doub N N 69  
GLU C   OXT  sing N N 70  
GLU CB  CG   sing N N 71  
GLU CB  HB2  sing N N 72  
GLU CB  HB3  sing N N 73  
GLU CG  CD   sing N N 74  
GLU CG  HG2  sing N N 75  
GLU CG  HG3  sing N N 76  
GLU CD  OE1  doub N N 77  
GLU CD  OE2  sing N N 78  
GLU OE2 HE2  sing N N 79  
GLU OXT HXT  sing N N 80  
GLY N   CA   sing N N 81  
GLY N   H    sing N N 82  
GLY N   H2   sing N N 83  
GLY CA  C    sing N N 84  
GLY CA  HA2  sing N N 85  
GLY CA  HA3  sing N N 86  
GLY C   O    doub N N 87  
GLY C   OXT  sing N N 88  
GLY OXT HXT  sing N N 89  
HIS N   CA   sing N N 90  
HIS N   H    sing N N 91  
HIS N   H2   sing N N 92  
HIS CA  C    sing N N 93  
HIS CA  CB   sing N N 94  
HIS CA  HA   sing N N 95  
HIS C   O    doub N N 96  
HIS C   OXT  sing N N 97  
HIS CB  CG   sing N N 98  
HIS CB  HB2  sing N N 99  
HIS CB  HB3  sing N N 100 
HIS CG  ND1  sing Y N 101 
HIS CG  CD2  doub Y N 102 
HIS ND1 CE1  doub Y N 103 
HIS ND1 HD1  sing N N 104 
HIS CD2 NE2  sing Y N 105 
HIS CD2 HD2  sing N N 106 
HIS CE1 NE2  sing Y N 107 
HIS CE1 HE1  sing N N 108 
HIS NE2 HE2  sing N N 109 
HIS OXT HXT  sing N N 110 
HOH O   H1   sing N N 111 
HOH O   H2   sing N N 112 
ILE N   CA   sing N N 113 
ILE N   H    sing N N 114 
ILE N   H2   sing N N 115 
ILE CA  C    sing N N 116 
ILE CA  CB   sing N N 117 
ILE CA  HA   sing N N 118 
ILE C   O    doub N N 119 
ILE C   OXT  sing N N 120 
ILE CB  CG1  sing N N 121 
ILE CB  CG2  sing N N 122 
ILE CB  HB   sing N N 123 
ILE CG1 CD1  sing N N 124 
ILE CG1 HG12 sing N N 125 
ILE CG1 HG13 sing N N 126 
ILE CG2 HG21 sing N N 127 
ILE CG2 HG22 sing N N 128 
ILE CG2 HG23 sing N N 129 
ILE CD1 HD11 sing N N 130 
ILE CD1 HD12 sing N N 131 
ILE CD1 HD13 sing N N 132 
ILE OXT HXT  sing N N 133 
LEU N   CA   sing N N 134 
LEU N   H    sing N N 135 
LEU N   H2   sing N N 136 
LEU CA  C    sing N N 137 
LEU CA  CB   sing N N 138 
LEU CA  HA   sing N N 139 
LEU C   O    doub N N 140 
LEU C   OXT  sing N N 141 
LEU CB  CG   sing N N 142 
LEU CB  HB2  sing N N 143 
LEU CB  HB3  sing N N 144 
LEU CG  CD1  sing N N 145 
LEU CG  CD2  sing N N 146 
LEU CG  HG   sing N N 147 
LEU CD1 HD11 sing N N 148 
LEU CD1 HD12 sing N N 149 
LEU CD1 HD13 sing N N 150 
LEU CD2 HD21 sing N N 151 
LEU CD2 HD22 sing N N 152 
LEU CD2 HD23 sing N N 153 
LEU OXT HXT  sing N N 154 
LYS N   CA   sing N N 155 
LYS N   H    sing N N 156 
LYS N   H2   sing N N 157 
LYS CA  C    sing N N 158 
LYS CA  CB   sing N N 159 
LYS CA  HA   sing N N 160 
LYS C   O    doub N N 161 
LYS C   OXT  sing N N 162 
LYS CB  CG   sing N N 163 
LYS CB  HB2  sing N N 164 
LYS CB  HB3  sing N N 165 
LYS CG  CD   sing N N 166 
LYS CG  HG2  sing N N 167 
LYS CG  HG3  sing N N 168 
LYS CD  CE   sing N N 169 
LYS CD  HD2  sing N N 170 
LYS CD  HD3  sing N N 171 
LYS CE  NZ   sing N N 172 
LYS CE  HE2  sing N N 173 
LYS CE  HE3  sing N N 174 
LYS NZ  HZ1  sing N N 175 
LYS NZ  HZ2  sing N N 176 
LYS NZ  HZ3  sing N N 177 
LYS OXT HXT  sing N N 178 
MET N   CA   sing N N 179 
MET N   H    sing N N 180 
MET N   H2   sing N N 181 
MET CA  C    sing N N 182 
MET CA  CB   sing N N 183 
MET CA  HA   sing N N 184 
MET C   O    doub N N 185 
MET C   OXT  sing N N 186 
MET CB  CG   sing N N 187 
MET CB  HB2  sing N N 188 
MET CB  HB3  sing N N 189 
MET CG  SD   sing N N 190 
MET CG  HG2  sing N N 191 
MET CG  HG3  sing N N 192 
MET SD  CE   sing N N 193 
MET CE  HE1  sing N N 194 
MET CE  HE2  sing N N 195 
MET CE  HE3  sing N N 196 
MET OXT HXT  sing N N 197 
PHE N   CA   sing N N 198 
PHE N   H    sing N N 199 
PHE N   H2   sing N N 200 
PHE CA  C    sing N N 201 
PHE CA  CB   sing N N 202 
PHE CA  HA   sing N N 203 
PHE C   O    doub N N 204 
PHE C   OXT  sing N N 205 
PHE CB  CG   sing N N 206 
PHE CB  HB2  sing N N 207 
PHE CB  HB3  sing N N 208 
PHE CG  CD1  doub Y N 209 
PHE CG  CD2  sing Y N 210 
PHE CD1 CE1  sing Y N 211 
PHE CD1 HD1  sing N N 212 
PHE CD2 CE2  doub Y N 213 
PHE CD2 HD2  sing N N 214 
PHE CE1 CZ   doub Y N 215 
PHE CE1 HE1  sing N N 216 
PHE CE2 CZ   sing Y N 217 
PHE CE2 HE2  sing N N 218 
PHE CZ  HZ   sing N N 219 
PHE OXT HXT  sing N N 220 
PRO N   CA   sing N N 221 
PRO N   CD   sing N N 222 
PRO N   H    sing N N 223 
PRO CA  C    sing N N 224 
PRO CA  CB   sing N N 225 
PRO CA  HA   sing N N 226 
PRO C   O    doub N N 227 
PRO C   OXT  sing N N 228 
PRO CB  CG   sing N N 229 
PRO CB  HB2  sing N N 230 
PRO CB  HB3  sing N N 231 
PRO CG  CD   sing N N 232 
PRO CG  HG2  sing N N 233 
PRO CG  HG3  sing N N 234 
PRO CD  HD2  sing N N 235 
PRO CD  HD3  sing N N 236 
PRO OXT HXT  sing N N 237 
SER N   CA   sing N N 238 
SER N   H    sing N N 239 
SER N   H2   sing N N 240 
SER CA  C    sing N N 241 
SER CA  CB   sing N N 242 
SER CA  HA   sing N N 243 
SER C   O    doub N N 244 
SER C   OXT  sing N N 245 
SER CB  OG   sing N N 246 
SER CB  HB2  sing N N 247 
SER CB  HB3  sing N N 248 
SER OG  HG   sing N N 249 
SER OXT HXT  sing N N 250 
THR N   CA   sing N N 251 
THR N   H    sing N N 252 
THR N   H2   sing N N 253 
THR CA  C    sing N N 254 
THR CA  CB   sing N N 255 
THR CA  HA   sing N N 256 
THR C   O    doub N N 257 
THR C   OXT  sing N N 258 
THR CB  OG1  sing N N 259 
THR CB  CG2  sing N N 260 
THR CB  HB   sing N N 261 
THR OG1 HG1  sing N N 262 
THR CG2 HG21 sing N N 263 
THR CG2 HG22 sing N N 264 
THR CG2 HG23 sing N N 265 
THR OXT HXT  sing N N 266 
TYR N   CA   sing N N 267 
TYR N   H    sing N N 268 
TYR N   H2   sing N N 269 
TYR CA  C    sing N N 270 
TYR CA  CB   sing N N 271 
TYR CA  HA   sing N N 272 
TYR C   O    doub N N 273 
TYR C   OXT  sing N N 274 
TYR CB  CG   sing N N 275 
TYR CB  HB2  sing N N 276 
TYR CB  HB3  sing N N 277 
TYR CG  CD1  doub Y N 278 
TYR CG  CD2  sing Y N 279 
TYR CD1 CE1  sing Y N 280 
TYR CD1 HD1  sing N N 281 
TYR CD2 CE2  doub Y N 282 
TYR CD2 HD2  sing N N 283 
TYR CE1 CZ   doub Y N 284 
TYR CE1 HE1  sing N N 285 
TYR CE2 CZ   sing Y N 286 
TYR CE2 HE2  sing N N 287 
TYR CZ  OH   sing N N 288 
TYR OH  HH   sing N N 289 
TYR OXT HXT  sing N N 290 
VAL N   CA   sing N N 291 
VAL N   H    sing N N 292 
VAL N   H2   sing N N 293 
VAL CA  C    sing N N 294 
VAL CA  CB   sing N N 295 
VAL CA  HA   sing N N 296 
VAL C   O    doub N N 297 
VAL C   OXT  sing N N 298 
VAL CB  CG1  sing N N 299 
VAL CB  CG2  sing N N 300 
VAL CB  HB   sing N N 301 
VAL CG1 HG11 sing N N 302 
VAL CG1 HG12 sing N N 303 
VAL CG1 HG13 sing N N 304 
VAL CG2 HG21 sing N N 305 
VAL CG2 HG22 sing N N 306 
VAL CG2 HG23 sing N N 307 
VAL OXT HXT  sing N N 308 
# 
_atom_sites.entry_id                    4IL7 
_atom_sites.fract_transf_matrix[1][1]   0.01661585 
_atom_sites.fract_transf_matrix[1][2]   0.00376054 
_atom_sites.fract_transf_matrix[1][3]   0.00414926 
_atom_sites.fract_transf_matrix[2][1]   0.00368911 
_atom_sites.fract_transf_matrix[2][2]   0.00765586 
_atom_sites.fract_transf_matrix[2][3]   0.01533801 
_atom_sites.fract_transf_matrix[3][1]   0.00222832 
_atom_sites.fract_transf_matrix[3][2]   -0.02059912 
_atom_sites.fract_transf_matrix[3][3]   0.00974594 
_atom_sites.fract_transf_vector[1]      0.290326 
_atom_sites.fract_transf_vector[2]      0.485694 
_atom_sites.fract_transf_vector[3]      0.099682 
# 
loop_
_atom_type.symbol 
C 
N 
O 
S 
# 
loop_
_atom_site.group_PDB 
_atom_site.id 
_atom_site.type_symbol 
_atom_site.label_atom_id 
_atom_site.label_alt_id 
_atom_site.label_comp_id 
_atom_site.label_asym_id 
_atom_site.label_entity_id 
_atom_site.label_seq_id 
_atom_site.pdbx_PDB_ins_code 
_atom_site.Cartn_x 
_atom_site.Cartn_y 
_atom_site.Cartn_z 
_atom_site.occupancy 
_atom_site.B_iso_or_equiv 
_atom_site.pdbx_formal_charge 
_atom_site.auth_seq_id 
_atom_site.auth_comp_id 
_atom_site.auth_asym_id 
_atom_site.auth_atom_id 
_atom_site.pdbx_PDB_model_num 
ATOM   1   N N   . GLU A 1 75  ? 0.947   -9.780  -15.232 1.00 48.41  ? 138 GLU A N   1 
ATOM   2   C CA  . GLU A 1 75  ? 1.099   -8.355  -15.644 1.00 40.14  ? 138 GLU A CA  1 
ATOM   3   C C   . GLU A 1 75  ? 0.946   -7.500  -14.352 1.00 34.08  ? 138 GLU A C   1 
ATOM   4   O O   . GLU A 1 75  ? 0.022   -7.698  -13.564 1.00 32.43  ? 138 GLU A O   1 
ATOM   5   C CB  . GLU A 1 75  ? 0.073   -7.950  -16.700 1.00 53.55  ? 138 GLU A CB  1 
ATOM   6   N N   . ASN A 1 76  ? 1.880   -6.581  -14.144 1.00 32.29  ? 139 ASN A N   1 
ATOM   7   C CA  . ASN A 1 76  ? 1.958   -5.730  -12.961 1.00 25.62  ? 139 ASN A CA  1 
ATOM   8   C C   . ASN A 1 76  ? 1.674   -4.285  -13.281 1.00 23.90  ? 139 ASN A C   1 
ATOM   9   O O   . ASN A 1 76  ? 2.454   -3.668  -13.974 1.00 28.89  ? 139 ASN A O   1 
ATOM   10  C CB  . ASN A 1 76  ? 3.333   -5.835  -12.337 1.00 29.57  ? 139 ASN A CB  1 
ATOM   11  C CG  . ASN A 1 76  ? 3.607   -7.189  -11.705 1.00 32.38  ? 139 ASN A CG  1 
ATOM   12  O OD1 . ASN A 1 76  ? 2.733   -7.803  -11.069 1.00 30.64  ? 139 ASN A OD1 1 
ATOM   13  N ND2 . ASN A 1 76  ? 4.871   -7.637  -11.779 1.00 42.51  ? 139 ASN A ND2 1 
ATOM   14  N N   . TYR A 1 77  ? 0.567   -3.723  -12.783 1.00 26.29  ? 140 TYR A N   1 
ATOM   15  C CA  . TYR A 1 77  ? 0.089   -2.365  -13.094 1.00 26.54  ? 140 TYR A CA  1 
ATOM   16  C C   . TYR A 1 77  ? 0.596   -1.466  -11.965 1.00 22.72  ? 140 TYR A C   1 
ATOM   17  O O   . TYR A 1 77  ? 0.272   -1.681  -10.790 1.00 21.15  ? 140 TYR A O   1 
ATOM   18  C CB  . TYR A 1 77  ? -1.444  -2.308  -13.117 1.00 33.41  ? 140 TYR A CB  1 
ATOM   19  C CG  . TYR A 1 77  ? -2.073  -0.943  -13.532 1.00 43.10  ? 140 TYR A CG  1 
ATOM   20  C CD1 . TYR A 1 77  ? -2.586  -0.756  -14.827 1.00 74.66  ? 140 TYR A CD1 1 
ATOM   21  C CD2 . TYR A 1 77  ? -2.198  0.155   -12.621 1.00 68.77  ? 140 TYR A CD2 1 
ATOM   22  C CE1 . TYR A 1 77  ? -3.167  0.455   -15.212 1.00 80.32  ? 140 TYR A CE1 1 
ATOM   23  C CE2 . TYR A 1 77  ? -2.778  1.373   -13.018 1.00 77.52  ? 140 TYR A CE2 1 
ATOM   24  C CZ  . TYR A 1 77  ? -3.260  1.511   -14.315 1.00 82.14  ? 140 TYR A CZ  1 
ATOM   25  O OH  . TYR A 1 77  ? -3.837  2.704   -14.741 1.00 101.29 ? 140 TYR A OH  1 
ATOM   26  N N   . LEU A 1 78  ? 1.395   -0.476  -12.342 1.00 21.36  ? 141 LEU A N   1 
ATOM   27  C CA  . LEU A 1 78  ? 1.959   0.475   -11.381 1.00 17.70  ? 141 LEU A CA  1 
ATOM   28  C C   . LEU A 1 78  ? 0.866   1.398   -10.899 1.00 17.39  ? 141 LEU A C   1 
ATOM   29  O O   . LEU A 1 78  ? 0.146   2.058   -11.679 1.00 20.51  ? 141 LEU A O   1 
ATOM   30  C CB  . LEU A 1 78  ? 3.078   1.270   -12.037 1.00 17.93  ? 141 LEU A CB  1 
ATOM   31  C CG  . LEU A 1 78  ? 3.740   2.372   -11.177 1.00 16.64  ? 141 LEU A CG  1 
ATOM   32  C CD1 . LEU A 1 78  ? 4.401   1.751   -9.966  1.00 16.57  ? 141 LEU A CD1 1 
ATOM   33  C CD2 . LEU A 1 78  ? 4.722   3.127   -11.988 1.00 18.24  ? 141 LEU A CD2 1 
ATOM   34  N N   . ILE A 1 79  ? 0.796   1.583   -9.559  1.00 16.85  ? 142 ILE A N   1 
ATOM   35  C CA  . ILE A 1 79  ? -0.146  2.507   -8.950  1.00 17.99  ? 142 ILE A CA  1 
ATOM   36  C C   . ILE A 1 79  ? 0.564   3.725   -8.347  1.00 15.39  ? 142 ILE A C   1 
ATOM   37  O O   . ILE A 1 79  ? 0.105   4.863   -8.516  1.00 18.26  ? 142 ILE A O   1 
ATOM   38  C CB  . ILE A 1 79  ? -1.032  1.786   -7.908  1.00 18.00  ? 142 ILE A CB  1 
ATOM   39  C CG1 . ILE A 1 79  ? -1.910  0.723   -8.610  1.00 19.67  ? 142 ILE A CG1 1 
ATOM   40  C CG2 . ILE A 1 79  ? -1.864  2.753   -7.077  1.00 18.76  ? 142 ILE A CG2 1 
ATOM   41  C CD1 . ILE A 1 79  ? -2.578  -0.249  -7.652  1.00 22.24  ? 142 ILE A CD1 1 
ATOM   42  N N   . TYR A 1 80  ? 1.650   3.501   -7.607  1.00 14.79  ? 143 TYR A N   1 
ATOM   43  C CA  . TYR A 1 80  ? 2.355   4.620   -6.945  1.00 14.31  ? 143 TYR A CA  1 
ATOM   44  C C   . TYR A 1 80  ? 3.807   4.236   -6.671  1.00 13.03  ? 143 TYR A C   1 
ATOM   45  O O   . TYR A 1 80  ? 4.110   3.099   -6.301  1.00 14.84  ? 143 TYR A O   1 
ATOM   46  C CB  . TYR A 1 80  ? 1.702   4.993   -5.615  1.00 15.85  ? 143 TYR A CB  1 
ATOM   47  C CG  . TYR A 1 80  ? 2.399   6.123   -4.874  1.00 14.76  ? 143 TYR A CG  1 
ATOM   48  C CD1 . TYR A 1 80  ? 2.390   7.378   -5.370  1.00 16.35  ? 143 TYR A CD1 1 
ATOM   49  C CD2 . TYR A 1 80  ? 3.143   5.862   -3.750  1.00 13.91  ? 143 TYR A CD2 1 
ATOM   50  C CE1 . TYR A 1 80  ? 3.024   8.392   -4.691  1.00 17.27  ? 143 TYR A CE1 1 
ATOM   51  C CE2 . TYR A 1 80  ? 3.801   6.899   -3.063  1.00 13.83  ? 143 TYR A CE2 1 
ATOM   52  C CZ  . TYR A 1 80  ? 3.725   8.164   -3.536  1.00 15.25  ? 143 TYR A CZ  1 
ATOM   53  O OH  . TYR A 1 80  ? 4.368   9.254   -2.913  1.00 17.23  ? 143 TYR A OH  1 
ATOM   54  N N   . SER A 1 81  ? 4.713   5.155   -6.867  1.00 13.02  ? 144 SER A N   1 
ATOM   55  C CA  . SER A 1 81  ? 6.084   5.006   -6.393  1.00 12.48  ? 144 SER A CA  1 
ATOM   56  C C   . SER A 1 81  ? 6.484   6.281   -5.725  1.00 12.33  ? 144 SER A C   1 
ATOM   57  O O   . SER A 1 81  ? 6.400   7.361   -6.340  1.00 14.80  ? 144 SER A O   1 
ATOM   58  C CB  . SER A 1 81  ? 6.993   4.752   -7.616  1.00 13.51  ? 144 SER A CB  1 
ATOM   59  O OG  . SER A 1 81  ? 8.363   4.697   -7.274  1.00 16.87  ? 144 SER A OG  1 
ATOM   60  N N   . GLY A 1 82  ? 7.009   6.252   -4.522  1.00 11.68  ? 145 GLY A N   1 
ATOM   61  C CA  . GLY A 1 82  ? 7.410   7.436   -3.830  1.00 11.67  ? 145 GLY A CA  1 
ATOM   62  C C   . GLY A 1 82  ? 8.149   7.143   -2.538  1.00 11.96  ? 145 GLY A C   1 
ATOM   63  O O   . GLY A 1 82  ? 8.644   6.029   -2.340  1.00 12.61  ? 145 GLY A O   1 
ATOM   64  N N   A PHE A 1 83  ? 8.128   8.091   -1.624  0.50 11.72  ? 146 PHE A N   1 
ATOM   65  N N   B PHE A 1 83  ? 8.274   8.177   -1.683  0.50 12.57  ? 146 PHE A N   1 
ATOM   66  C CA  A PHE A 1 83  ? 9.020   8.105   -0.510  0.50 11.66  ? 146 PHE A CA  1 
ATOM   67  C CA  B PHE A 1 83  ? 9.038   8.071   -0.432  0.50 13.09  ? 146 PHE A CA  1 
ATOM   68  C C   A PHE A 1 83  ? 8.323   8.818   0.668   0.50 11.57  ? 146 PHE A C   1 
ATOM   69  C C   B PHE A 1 83  ? 8.397   8.876   0.687   0.50 12.33  ? 146 PHE A C   1 
ATOM   70  O O   A PHE A 1 83  ? 7.506   9.704   0.450   0.50 11.71  ? 146 PHE A O   1 
ATOM   71  O O   B PHE A 1 83  ? 7.745   9.891   0.470   0.50 12.77  ? 146 PHE A O   1 
ATOM   72  C CB  A PHE A 1 83  ? 10.302  8.854   -0.905  0.50 11.97  ? 146 PHE A CB  1 
ATOM   73  C CB  B PHE A 1 83  ? 10.478  8.606   -0.588  0.50 15.02  ? 146 PHE A CB  1 
ATOM   74  C CG  A PHE A 1 83  ? 10.977  8.280   -2.098  0.50 12.75  ? 146 PHE A CG  1 
ATOM   75  C CG  B PHE A 1 83  ? 11.387  8.404   0.623   0.50 17.70  ? 146 PHE A CG  1 
ATOM   76  C CD1 A PHE A 1 83  ? 10.787  8.847   -3.391  0.50 14.27  ? 146 PHE A CD1 1 
ATOM   77  C CD1 B PHE A 1 83  ? 12.206  7.290   0.756   0.50 18.33  ? 146 PHE A CD1 1 
ATOM   78  C CD2 A PHE A 1 83  ? 11.734  7.130   -1.926  0.50 15.17  ? 146 PHE A CD2 1 
ATOM   79  C CD2 B PHE A 1 83  ? 11.512  9.386   1.581   0.50 19.10  ? 146 PHE A CD2 1 
ATOM   80  C CE1 A PHE A 1 83  ? 11.367  8.232   -4.485  0.50 16.50  ? 146 PHE A CE1 1 
ATOM   81  C CE1 B PHE A 1 83  ? 13.042  7.104   1.869   0.50 18.94  ? 146 PHE A CE1 1 
ATOM   82  C CE2 A PHE A 1 83  ? 12.313  6.526   -3.069  0.50 19.99  ? 146 PHE A CE2 1 
ATOM   83  C CE2 B PHE A 1 83  ? 12.356  9.199   2.664   0.50 21.26  ? 146 PHE A CE2 1 
ATOM   84  C CZ  A PHE A 1 83  ? 12.125  7.072   -4.325  0.50 20.56  ? 146 PHE A CZ  1 
ATOM   85  C CZ  B PHE A 1 83  ? 13.150  8.068   2.785   0.50 19.77  ? 146 PHE A CZ  1 
ATOM   86  N N   . GLY A 1 84  ? 8.637   8.362   1.884   1.00 11.80  ? 147 GLY A N   1 
ATOM   87  C CA  . GLY A 1 84  ? 8.241   9.052   3.102   1.00 12.67  ? 147 GLY A CA  1 
ATOM   88  C C   . GLY A 1 84  ? 7.495   8.118   4.021   1.00 12.08  ? 147 GLY A C   1 
ATOM   89  O O   . GLY A 1 84  ? 7.847   6.973   4.207   1.00 12.51  ? 147 GLY A O   1 
ATOM   90  N N   . THR A 1 85  ? 6.421   8.657   4.626   1.00 11.97  ? 148 THR A N   1 
ATOM   91  C CA  . THR A 1 85  ? 5.617   7.916   5.575   1.00 11.36  ? 148 THR A CA  1 
ATOM   92  C C   . THR A 1 85  ? 4.109   8.008   5.310   1.00 11.49  ? 148 THR A C   1 
ATOM   93  O O   . THR A 1 85  ? 3.345   7.488   6.126   1.00 13.83  ? 148 THR A O   1 
ATOM   94  C CB  . THR A 1 85  ? 5.886   8.341   7.026   1.00 12.57  ? 148 THR A CB  1 
ATOM   95  O OG1 . THR A 1 85  ? 5.554   9.743   7.118   1.00 13.66  ? 148 THR A OG1 1 
ATOM   96  C CG2 . THR A 1 85  ? 7.302   8.110   7.429   1.00 13.46  ? 148 THR A CG2 1 
ATOM   97  N N   A SER A 1 86  ? 3.678   8.654   4.250   0.50 12.05  ? 149 SER A N   1 
ATOM   98  N N   B SER A 1 86  ? 3.666   8.589   4.213   0.50 11.01  ? 149 SER A N   1 
ATOM   99  C CA  A SER A 1 86  ? 2.300   8.611   3.873   0.50 13.81  ? 149 SER A CA  1 
ATOM   100 C CA  B SER A 1 86  ? 2.257   8.811   3.934   0.50 11.22  ? 149 SER A CA  1 
ATOM   101 C C   A SER A 1 86  ? 2.110   8.937   2.378   0.50 13.10  ? 149 SER A C   1 
ATOM   102 C C   B SER A 1 86  ? 2.131   8.903   2.412   0.50 12.28  ? 149 SER A C   1 
ATOM   103 O O   A SER A 1 86  ? 3.048   9.267   1.687   0.50 12.62  ? 149 SER A O   1 
ATOM   104 O O   B SER A 1 86  ? 3.187   8.974   1.750   0.50 12.00  ? 149 SER A O   1 
ATOM   105 C CB  A SER A 1 86  ? 1.498   9.558   4.772   0.50 16.39  ? 149 SER A CB  1 
ATOM   106 C CB  B SER A 1 86  ? 1.786   10.073  4.633   0.50 11.26  ? 149 SER A CB  1 
ATOM   107 O OG  A SER A 1 86  ? 1.844   10.875  4.489   0.50 19.83  ? 149 SER A OG  1 
ATOM   108 O OG  B SER A 1 86  ? 0.404   10.251  4.520   0.50 14.40  ? 149 SER A OG  1 
ATOM   109 N N   . LEU A 1 87  ? 0.894   8.835   1.905   1.00 12.59  ? 150 LEU A N   1 
ATOM   110 C CA  . LEU A 1 87  ? 0.585   8.999   0.475   1.00 13.53  ? 150 LEU A CA  1 
ATOM   111 C C   . LEU A 1 87  ? 0.061   10.371  0.155   1.00 15.34  ? 150 LEU A C   1 
ATOM   112 O O   . LEU A 1 87  ? -0.723  10.867  0.934   1.00 17.59  ? 150 LEU A O   1 
ATOM   113 C CB  . LEU A 1 87  ? -0.373  7.897   0.008   1.00 13.53  ? 150 LEU A CB  1 
ATOM   114 C CG  . LEU A 1 87  ? 0.062   6.454   0.192   1.00 13.40  ? 150 LEU A CG  1 
ATOM   115 C CD1 . LEU A 1 87  ? -1.046  5.509   -0.144  1.00 15.50  ? 150 LEU A CD1 1 
ATOM   116 C CD2 . LEU A 1 87  ? 1.299   6.129   -0.617  1.00 15.66  ? 150 LEU A CD2 1 
ATOM   117 N N   . PRO A 1 88  ? 0.447   10.930  -0.977  1.00 25.61  ? 151 PRO A N   1 
ATOM   118 C CA  . PRO A 1 88  ? 0.006   12.314  -1.277  1.00 27.03  ? 151 PRO A CA  1 
ATOM   119 C C   . PRO A 1 88  ? -1.418  12.392  -1.775  1.00 27.94  ? 151 PRO A C   1 
ATOM   120 O O   . PRO A 1 88  ? -1.956  13.520  -1.833  1.00 31.58  ? 151 PRO A O   1 
ATOM   121 C CB  . PRO A 1 88  ? 0.984   12.710  -2.359  1.00 29.24  ? 151 PRO A CB  1 
ATOM   122 C CG  . PRO A 1 88  ? 1.430   11.467  -2.997  1.00 27.84  ? 151 PRO A CG  1 
ATOM   123 C CD  . PRO A 1 88  ? 1.469   10.422  -1.913  1.00 25.45  ? 151 PRO A CD  1 
ATOM   124 N N   A GLN A 1 89  ? -2.029  11.290  -2.203  0.50 26.78  ? 152 GLN A N   1 
ATOM   125 N N   B GLN A 1 89  ? -2.080  11.277  -2.051  0.50 27.42  ? 152 GLN A N   1 
ATOM   126 C CA  A GLN A 1 89  ? -3.404  11.264  -2.703  0.50 28.29  ? 152 GLN A CA  1 
ATOM   127 C CA  B GLN A 1 89  ? -3.476  11.254  -2.405  0.50 28.69  ? 152 GLN A CA  1 
ATOM   128 C C   A GLN A 1 89  ? -4.014  9.881   -2.418  0.50 26.21  ? 152 GLN A C   1 
ATOM   129 C C   B GLN A 1 89  ? -4.020  9.867   -2.359  0.50 26.19  ? 152 GLN A C   1 
ATOM   130 O O   A GLN A 1 89  ? -3.345  9.019   -1.859  0.50 24.47  ? 152 GLN A O   1 
ATOM   131 O O   B GLN A 1 89  ? -3.293  8.980   -1.961  0.50 23.99  ? 152 GLN A O   1 
ATOM   132 C CB  A GLN A 1 89  ? -3.510  11.654  -4.200  0.50 31.46  ? 152 GLN A CB  1 
ATOM   133 C CB  B GLN A 1 89  ? -3.697  11.771  -3.754  0.50 32.79  ? 152 GLN A CB  1 
ATOM   134 C CG  A GLN A 1 89  ? -3.106  10.571  -5.167  0.50 32.19  ? 152 GLN A CG  1 
ATOM   135 C CG  B GLN A 1 89  ? -2.823  11.175  -4.779  0.50 32.53  ? 152 GLN A CG  1 
ATOM   136 C CD  A GLN A 1 89  ? -3.454  10.837  -6.634  0.50 38.40  ? 152 GLN A CD  1 
ATOM   137 C CD  B GLN A 1 89  ? -2.706  12.254  -5.742  0.50 38.25  ? 152 GLN A CD  1 
ATOM   138 O OE1 A GLN A 1 89  ? -2.918  11.762  -7.236  0.50 47.19  ? 152 GLN A OE1 1 
ATOM   139 O OE1 B GLN A 1 89  ? -3.380  13.282  -5.499  0.50 45.33  ? 152 GLN A OE1 1 
ATOM   140 N NE2 A GLN A 1 89  ? -4.338  9.990   -7.226  0.50 38.74  ? 152 GLN A NE2 1 
ATOM   141 N NE2 B GLN A 1 89  ? -2.097  12.020  -6.885  0.50 35.13  ? 152 GLN A NE2 1 
ATOM   142 N N   . THR A 1 90  ? -5.280  9.706   -2.748  1.00 26.64  ? 153 THR A N   1 
ATOM   143 C CA  . THR A 1 90  ? -5.914  8.406   -2.828  1.00 26.56  ? 153 THR A CA  1 
ATOM   144 C C   . THR A 1 90  ? -5.725  7.802   -4.223  1.00 26.34  ? 153 THR A C   1 
ATOM   145 O O   . THR A 1 90  ? -5.483  8.513   -5.204  1.00 27.64  ? 153 THR A O   1 
ATOM   146 C CB  . THR A 1 90  ? -7.410  8.474   -2.508  1.00 28.25  ? 153 THR A CB  1 
ATOM   147 O OG1 . THR A 1 90  ? -8.073  9.281   -3.447  1.00 32.00  ? 153 THR A OG1 1 
ATOM   148 C CG2 . THR A 1 90  ? -7.599  9.012   -1.127  1.00 28.51  ? 153 THR A CG2 1 
ATOM   149 N N   . TYR A 1 91  ? -5.790  6.471   -4.296  1.00 23.86  ? 154 TYR A N   1 
ATOM   150 C CA  . TYR A 1 91  ? -5.559  5.750   -5.560  1.00 24.24  ? 154 TYR A CA  1 
ATOM   151 C C   . TYR A 1 91  ? -6.675  4.765   -5.756  1.00 24.69  ? 154 TYR A C   1 
ATOM   152 O O   . TYR A 1 91  ? -7.186  4.212   -4.785  1.00 24.88  ? 154 TYR A O   1 
ATOM   153 C CB  . TYR A 1 91  ? -4.200  5.003   -5.565  1.00 24.47  ? 154 TYR A CB  1 
ATOM   154 C CG  . TYR A 1 91  ? -3.091  5.966   -5.310  1.00 24.54  ? 154 TYR A CG  1 
ATOM   155 C CD1 . TYR A 1 91  ? -2.583  6.741   -6.303  1.00 25.48  ? 154 TYR A CD1 1 
ATOM   156 C CD2 . TYR A 1 91  ? -2.618  6.144   -4.036  1.00 23.09  ? 154 TYR A CD2 1 
ATOM   157 C CE1 . TYR A 1 91  ? -1.598  7.704   -6.053  1.00 26.62  ? 154 TYR A CE1 1 
ATOM   158 C CE2 . TYR A 1 91  ? -1.671  7.076   -3.754  1.00 24.35  ? 154 TYR A CE2 1 
ATOM   159 C CZ  . TYR A 1 91  ? -1.218  7.899   -4.729  1.00 25.82  ? 154 TYR A CZ  1 
ATOM   160 O OH  . TYR A 1 91  ? -0.286  8.813   -4.418  1.00 27.57  ? 154 TYR A OH  1 
ATOM   161 N N   . THR A 1 92  ? -6.993  4.490   -7.011  1.00 27.44  ? 155 THR A N   1 
ATOM   162 C CA  . THR A 1 92  ? -7.996  3.514   -7.380  1.00 28.29  ? 155 THR A CA  1 
ATOM   163 C C   . THR A 1 92  ? -7.337  2.289   -7.953  1.00 28.26  ? 155 THR A C   1 
ATOM   164 O O   . THR A 1 92  ? -6.510  2.379   -8.864  1.00 32.51  ? 155 THR A O   1 
ATOM   165 C CB  . THR A 1 92  ? -8.975  4.109   -8.415  1.00 31.83  ? 155 THR A CB  1 
ATOM   166 O OG1 . THR A 1 92  ? -9.654  5.201   -7.806  1.00 36.31  ? 155 THR A OG1 1 
ATOM   167 C CG2 . THR A 1 92  ? -10.018 3.055   -8.854  1.00 35.44  ? 155 THR A CG2 1 
ATOM   168 N N   . ILE A 1 93  ? -7.682  1.136   -7.438  1.00 26.22  ? 156 ILE A N   1 
ATOM   169 C CA  . ILE A 1 93  ? -7.162  -0.103  -7.958  1.00 28.87  ? 156 ILE A CA  1 
ATOM   170 C C   . ILE A 1 93  ? -7.999  -0.482  -9.201  1.00 32.19  ? 156 ILE A C   1 
ATOM   171 O O   . ILE A 1 93  ? -9.215  -0.550  -9.119  1.00 33.61  ? 156 ILE A O   1 
ATOM   172 C CB  . ILE A 1 93  ? -7.224  -1.162  -6.846  1.00 34.60  ? 156 ILE A CB  1 
ATOM   173 C CG1 . ILE A 1 93  ? -6.230  -0.759  -5.734  1.00 35.42  ? 156 ILE A CG1 1 
ATOM   174 C CG2 . ILE A 1 93  ? -6.927  -2.534  -7.398  1.00 38.79  ? 156 ILE A CG2 1 
ATOM   175 C CD1 . ILE A 1 93  ? -6.399  -1.496  -4.433  1.00 36.76  ? 156 ILE A CD1 1 
ATOM   176 N N   . PRO A 1 94  ? -7.347  -0.714  -10.353 1.00 34.31  ? 157 PRO A N   1 
ATOM   177 C CA  . PRO A 1 94  ? -8.102  -0.776  -11.623 1.00 41.98  ? 157 PRO A CA  1 
ATOM   178 C C   . PRO A 1 94  ? -8.749  -2.112  -11.961 1.00 43.99  ? 157 PRO A C   1 
ATOM   179 O O   . PRO A 1 94  ? -9.619  -2.154  -12.846 1.00 53.40  ? 157 PRO A O   1 
ATOM   180 C CB  . PRO A 1 94  ? -7.025  -0.456  -12.658 1.00 48.52  ? 157 PRO A CB  1 
ATOM   181 C CG  . PRO A 1 94  ? -5.786  -1.038  -12.081 1.00 43.69  ? 157 PRO A CG  1 
ATOM   182 C CD  . PRO A 1 94  ? -5.890  -0.744  -10.593 1.00 37.10  ? 157 PRO A CD  1 
ATOM   183 N N   . ALA A 1 95  ? -8.320  -3.189  -11.321 1.00 38.45  ? 158 ALA A N   1 
ATOM   184 C CA  . ALA A 1 95  ? -8.778  -4.518  -11.692 1.00 36.95  ? 158 ALA A CA  1 
ATOM   185 C C   . ALA A 1 95  ? -8.833  -5.442  -10.506 1.00 37.57  ? 158 ALA A C   1 
ATOM   186 O O   . ALA A 1 95  ? -8.377  -5.107  -9.423  1.00 32.32  ? 158 ALA A O   1 
ATOM   187 C CB  . ALA A 1 95  ? -7.868  -5.100  -12.765 1.00 39.78  ? 158 ALA A CB  1 
ATOM   188 N N   . ASN A 1 96  ? -9.441  -6.599  -10.702 1.00 34.87  ? 159 ASN A N   1 
ATOM   189 C CA  . ASN A 1 96  ? -9.316  -7.689  -9.763  1.00 31.54  ? 159 ASN A CA  1 
ATOM   190 C C   . ASN A 1 96  ? -7.899  -8.233  -9.799  1.00 33.13  ? 159 ASN A C   1 
ATOM   191 O O   . ASN A 1 96  ? -7.304  -8.391  -10.878 1.00 37.17  ? 159 ASN A O   1 
ATOM   192 C CB  . ASN A 1 96  ? -10.295 -8.837  -10.068 1.00 36.05  ? 159 ASN A CB  1 
ATOM   193 C CG  . ASN A 1 96  ? -11.768 -8.458  -9.950  1.00 39.84  ? 159 ASN A CG  1 
ATOM   194 O OD1 . ASN A 1 96  ? -12.174 -7.377  -9.531  1.00 36.36  ? 159 ASN A OD1 1 
ATOM   195 N ND2 . ASN A 1 96  ? -12.591 -9.409  -10.342 1.00 56.15  ? 159 ASN A ND2 1 
ATOM   196 N N   . GLY A 1 97  ? -7.349  -8.538  -8.626  1.00 29.86  ? 160 GLY A N   1 
ATOM   197 C CA  . GLY A 1 97  ? -6.012  -9.137  -8.553  1.00 29.50  ? 160 GLY A CA  1 
ATOM   198 C C   . GLY A 1 97  ? -5.440  -9.010  -7.157  1.00 28.32  ? 160 GLY A C   1 
ATOM   199 O O   . GLY A 1 97  ? -6.178  -8.995  -6.184  1.00 28.47  ? 160 GLY A O   1 
ATOM   200 N N   . TYR A 1 98  ? -4.113  -8.926  -7.071  1.00 26.86  ? 161 TYR A N   1 
ATOM   201 C CA  . TYR A 1 98  ? -3.404  -8.776  -5.816  1.00 24.09  ? 161 TYR A CA  1 
ATOM   202 C C   . TYR A 1 98  ? -2.717  -7.418  -5.783  1.00 21.77  ? 161 TYR A C   1 
ATOM   203 O O   . TYR A 1 98  ? -1.857  -7.099  -6.614  1.00 22.46  ? 161 TYR A O   1 
ATOM   204 C CB  . TYR A 1 98  ? -2.380  -9.881  -5.615  1.00 27.11  ? 161 TYR A CB  1 
ATOM   205 C CG  . TYR A 1 98  ? -3.017  -11.216 -5.540  1.00 34.82  ? 161 TYR A CG  1 
ATOM   206 C CD1 . TYR A 1 98  ? -3.527  -11.678 -4.343  1.00 34.11  ? 161 TYR A CD1 1 
ATOM   207 C CD2 . TYR A 1 98  ? -3.183  -11.973 -6.683  1.00 40.14  ? 161 TYR A CD2 1 
ATOM   208 C CE1 . TYR A 1 98  ? -4.166  -12.905 -4.274  1.00 47.30  ? 161 TYR A CE1 1 
ATOM   209 C CE2 . TYR A 1 98  ? -3.817  -13.189 -6.640  1.00 69.02  ? 161 TYR A CE2 1 
ATOM   210 C CZ  . TYR A 1 98  ? -4.319  -13.659 -5.432  1.00 54.32  ? 161 TYR A CZ  1 
ATOM   211 O OH  . TYR A 1 98  ? -4.943  -14.881 -5.371  1.00 108.80 ? 161 TYR A OH  1 
ATOM   212 N N   . LEU A 1 99  ? -3.088  -6.630  -4.795  1.00 20.75  ? 162 LEU A N   1 
ATOM   213 C CA  . LEU A 1 99  ? -2.394  -5.397  -4.480  1.00 18.58  ? 162 LEU A CA  1 
ATOM   214 C C   . LEU A 1 99  ? -1.098  -5.727  -3.764  1.00 18.26  ? 162 LEU A C   1 
ATOM   215 O O   . LEU A 1 99  ? -1.054  -6.445  -2.738  1.00 20.54  ? 162 LEU A O   1 
ATOM   216 C CB  . LEU A 1 99  ? -3.227  -4.531  -3.586  1.00 18.54  ? 162 LEU A CB  1 
ATOM   217 C CG  . LEU A 1 99  ? -2.653  -3.153  -3.257  1.00 17.95  ? 162 LEU A CG  1 
ATOM   218 C CD1 . LEU A 1 99  ? -2.566  -2.281  -4.488  1.00 18.36  ? 162 LEU A CD1 1 
ATOM   219 C CD2 . LEU A 1 99  ? -3.490  -2.465  -2.191  1.00 19.81  ? 162 LEU A CD2 1 
ATOM   220 N N   . ILE A 1 100 ? -0.004  -5.211  -4.320  1.00 17.05  ? 163 ILE A N   1 
ATOM   221 C CA  . ILE A 1 100 ? 1.302   -5.380  -3.727  1.00 17.50  ? 163 ILE A CA  1 
ATOM   222 C C   . ILE A 1 100 ? 1.820   -4.040  -3.231  1.00 16.27  ? 163 ILE A C   1 
ATOM   223 O O   . ILE A 1 100 ? 1.930   -3.086  -3.990  1.00 16.11  ? 163 ILE A O   1 
ATOM   224 C CB  . ILE A 1 100 ? 2.332   -5.990  -4.720  1.00 20.42  ? 163 ILE A CB  1 
ATOM   225 C CG1 . ILE A 1 100 ? 1.802   -7.252  -5.382  1.00 24.34  ? 163 ILE A CG1 1 
ATOM   226 C CG2 . ILE A 1 100 ? 3.658   -6.196  -4.038  1.00 19.23  ? 163 ILE A CG2 1 
ATOM   227 C CD1 . ILE A 1 100 ? 1.598   -8.374  -4.430  1.00 29.16  ? 163 ILE A CD1 1 
ATOM   228 N N   . ILE A 1 101 ? 2.186   -3.994  -1.959  1.00 15.84  ? 164 ILE A N   1 
ATOM   229 C CA  . ILE A 1 101 ? 2.781   -2.840  -1.325  1.00 15.00  ? 164 ILE A CA  1 
ATOM   230 C C   . ILE A 1 101 ? 4.145   -3.270  -0.900  1.00 14.54  ? 164 ILE A C   1 
ATOM   231 O O   . ILE A 1 101 ? 4.301   -4.141  -0.023  1.00 16.87  ? 164 ILE A O   1 
ATOM   232 C CB  . ILE A 1 101 ? 1.973   -2.327  -0.125  1.00 16.46  ? 164 ILE A CB  1 
ATOM   233 C CG1 . ILE A 1 101 ? 0.484   -2.042  -0.505  1.00 17.82  ? 164 ILE A CG1 1 
ATOM   234 C CG2 . ILE A 1 101 ? 2.634   -1.061  0.410   1.00 16.46  ? 164 ILE A CG2 1 
ATOM   235 C CD1 . ILE A 1 101 ? -0.393  -3.084  0.050   1.00 21.13  ? 164 ILE A CD1 1 
ATOM   236 N N   . SER A 1 102 ? 5.162   -2.728  -1.551  1.00 14.52  ? 165 SER A N   1 
ATOM   237 C CA  . SER A 1 102 ? 6.571   -3.047  -1.216  1.00 14.08  ? 165 SER A CA  1 
ATOM   238 C C   . SER A 1 102 ? 7.167   -1.878  -0.471  1.00 13.60  ? 165 SER A C   1 
ATOM   239 O O   . SER A 1 102 ? 7.333   -0.799  -1.033  1.00 14.55  ? 165 SER A O   1 
ATOM   240 C CB  . SER A 1 102 ? 7.355   -3.323  -2.495  1.00 16.63  ? 165 SER A CB  1 
ATOM   241 O OG  . SER A 1 102 ? 8.697   -3.620  -2.204  1.00 22.30  ? 165 SER A OG  1 
ATOM   242 N N   A ILE A 1 103 ? 7.482   -2.050  0.802   0.50 20.41  ? 166 ILE A N   1 
ATOM   243 N N   B ILE A 1 103 ? 7.529   -2.059  0.791   0.50 20.42  ? 166 ILE A N   1 
ATOM   244 C CA  A ILE A 1 103 ? 8.027   -0.981  1.640   0.50 19.31  ? 166 ILE A CA  1 
ATOM   245 C CA  B ILE A 1 103 ? 8.083   -0.996  1.628   0.50 19.33  ? 166 ILE A CA  1 
ATOM   246 C C   A ILE A 1 103 ? 9.453   -1.326  1.935   0.50 20.11  ? 166 ILE A C   1 
ATOM   247 C C   B ILE A 1 103 ? 9.499   -1.339  1.923   0.50 20.14  ? 166 ILE A C   1 
ATOM   248 O O   A ILE A 1 103 ? 9.738   -2.411  2.493   0.50 21.01  ? 166 ILE A O   1 
ATOM   249 O O   B ILE A 1 103 ? 9.804   -2.420  2.476   0.50 21.03  ? 166 ILE A O   1 
ATOM   250 C CB  A ILE A 1 103 ? 7.221   -0.875  2.947   0.50 19.03  ? 166 ILE A CB  1 
ATOM   251 C CB  B ILE A 1 103 ? 7.295   -0.894  2.936   0.50 19.03  ? 166 ILE A CB  1 
ATOM   252 C CG1 A ILE A 1 103 ? 5.723   -0.677  2.727   0.50 19.28  ? 166 ILE A CG1 1 
ATOM   253 C CG1 B ILE A 1 103 ? 5.836   -0.578  2.704   0.50 19.47  ? 166 ILE A CG1 1 
ATOM   254 C CG2 A ILE A 1 103 ? 7.810   0.260   3.783   0.50 19.35  ? 166 ILE A CG2 1 
ATOM   255 C CG2 B ILE A 1 103 ? 7.977   0.155   3.813   0.50 19.38  ? 166 ILE A CG2 1 
ATOM   256 C CD1 A ILE A 1 103 ? 5.365   0.631   2.018   0.50 19.20  ? 166 ILE A CD1 1 
ATOM   257 C CD1 B ILE A 1 103 ? 4.987   -0.611  3.935   0.50 20.66  ? 166 ILE A CD1 1 
ATOM   258 N N   . THR A 1 104 ? 10.401  -0.494  1.505   1.00 19.77  ? 167 THR A N   1 
ATOM   259 C CA  . THR A 1 104 ? 11.815  -0.794  1.685   1.00 21.52  ? 167 THR A CA  1 
ATOM   260 C C   . THR A 1 104 ? 12.463  0.284   2.456   1.00 19.57  ? 167 THR A C   1 
ATOM   261 O O   . THR A 1 104 ? 12.171  1.461   2.325   1.00 19.75  ? 167 THR A O   1 
ATOM   262 C CB  . THR A 1 104 ? 12.492  -1.114  0.353   1.00 26.35  ? 167 THR A CB  1 
ATOM   263 O OG1 . THR A 1 104 ? 12.380  -0.073  -0.529  1.00 25.99  ? 167 THR A OG1 1 
ATOM   264 C CG2 . THR A 1 104 ? 11.844  -2.373  -0.231  1.00 27.79  ? 167 THR A CG2 1 
ATOM   265 N N   A ASN A 1 105 ? 13.320  -0.115  3.355   0.50 19.30  ? 168 ASN A N   1 
ATOM   266 N N   B ASN A 1 105 ? 13.340  -0.124  3.357   0.50 19.37  ? 168 ASN A N   1 
ATOM   267 C CA  A ASN A 1 105 ? 14.064  0.850   4.164   0.50 19.91  ? 168 ASN A CA  1 
ATOM   268 C CA  B ASN A 1 105 ? 14.229  0.827   4.023   0.50 20.16  ? 168 ASN A CA  1 
ATOM   269 C C   A ASN A 1 105 ? 15.242  0.079   4.754   0.50 20.12  ? 168 ASN A C   1 
ATOM   270 C C   B ASN A 1 105 ? 15.426  0.093   4.612   0.50 20.33  ? 168 ASN A C   1 
ATOM   271 O O   A ASN A 1 105 ? 15.483  -1.043  4.336   0.50 19.65  ? 168 ASN A O   1 
ATOM   272 O O   B ASN A 1 105 ? 15.864  -0.917  4.069   0.50 20.85  ? 168 ASN A O   1 
ATOM   273 C CB  A ASN A 1 105 ? 13.209  1.511   5.212   0.50 20.90  ? 168 ASN A CB  1 
ATOM   274 C CB  B ASN A 1 105 ? 13.515  1.643   5.076   0.50 21.23  ? 168 ASN A CB  1 
ATOM   275 C CG  A ASN A 1 105 ? 12.608  0.525   6.154   0.50 20.41  ? 168 ASN A CG  1 
ATOM   276 C CG  B ASN A 1 105 ? 12.836  0.781   6.065   0.50 21.27  ? 168 ASN A CG  1 
ATOM   277 O OD1 A ASN A 1 105 ? 13.199  -0.479  6.485   0.50 19.92  ? 168 ASN A OD1 1 
ATOM   278 O OD1 B ASN A 1 105 ? 11.939  0.051   5.687   0.50 24.52  ? 168 ASN A OD1 1 
ATOM   279 N ND2 A ASN A 1 105 ? 11.391  0.787   6.551   0.50 20.97  ? 168 ASN A ND2 1 
ATOM   280 N ND2 B ASN A 1 105 ? 13.239  0.861   7.340   0.50 23.14  ? 168 ASN A ND2 1 
ATOM   281 N N   . THR A 1 106 ? 16.009  0.649   5.668   1.00 20.63  ? 169 THR A N   1 
ATOM   282 C CA  . THR A 1 106 ? 17.229  0.038   6.158   1.00 21.76  ? 169 THR A CA  1 
ATOM   283 C C   . THR A 1 106 ? 16.994  -0.922  7.293   1.00 22.12  ? 169 THR A C   1 
ATOM   284 O O   . THR A 1 106 ? 17.976  -1.454  7.833   1.00 25.72  ? 169 THR A O   1 
ATOM   285 C CB  . THR A 1 106 ? 18.249  1.096   6.617   1.00 24.24  ? 169 THR A CB  1 
ATOM   286 O OG1 . THR A 1 106 ? 17.683  1.860   7.691   1.00 26.42  ? 169 THR A OG1 1 
ATOM   287 C CG2 . THR A 1 106 ? 18.632  2.024   5.432   1.00 28.18  ? 169 THR A CG2 1 
ATOM   288 N N   . SER A 1 107 ? 15.746  -1.181  7.628   1.00 23.82  ? 170 SER A N   1 
ATOM   289 C CA  . SER A 1 107 ? 15.393  -2.123  8.686   1.00 27.23  ? 170 SER A CA  1 
ATOM   290 C C   . SER A 1 107 ? 14.425  -3.176  8.172   1.00 25.93  ? 170 SER A C   1 
ATOM   291 O O   . SER A 1 107 ? 14.148  -3.294  6.968   1.00 23.90  ? 170 SER A O   1 
ATOM   292 C CB  . SER A 1 107 ? 14.811  -1.352  9.862   1.00 37.80  ? 170 SER A CB  1 
ATOM   293 O OG  . SER A 1 107 ? 14.788  -2.200  11.001  1.00 45.15  ? 170 SER A OG  1 
ATOM   294 N N   . THR A 1 108 ? 13.932  -3.987  9.090   1.00 26.29  ? 171 THR A N   1 
ATOM   295 C CA  A THR A 1 108 ? 13.022  -5.074  8.764   0.50 27.35  ? 171 THR A CA  1 
ATOM   296 C CA  B THR A 1 108 ? 12.956  -5.004  8.723   0.50 26.11  ? 171 THR A CA  1 
ATOM   297 C C   . THR A 1 108 ? 11.876  -5.060  9.785   1.00 29.16  ? 171 THR A C   1 
ATOM   298 O O   . THR A 1 108 ? 12.053  -4.574  10.853  1.00 32.71  ? 171 THR A O   1 
ATOM   299 C CB  A THR A 1 108 ? 13.804  -6.428  8.834   0.50 30.15  ? 171 THR A CB  1 
ATOM   300 C CB  B THR A 1 108 ? 13.585  -6.406  8.624   0.50 26.16  ? 171 THR A CB  1 
ATOM   301 O OG1 A THR A 1 108 ? 14.672  -6.561  7.680   0.50 31.59  ? 171 THR A OG1 1 
ATOM   302 O OG1 B THR A 1 108 ? 14.101  -6.754  9.914   0.50 28.67  ? 171 THR A OG1 1 
ATOM   303 C CG2 A THR A 1 108 ? 12.903  -7.616  8.937   0.50 37.53  ? 171 THR A CG2 1 
ATOM   304 C CG2 B THR A 1 108 ? 14.768  -6.410  7.593   0.50 25.81  ? 171 THR A CG2 1 
ATOM   305 N N   . GLY A 1 109 ? 10.741  -5.632  9.435   1.00 20.55  ? 172 GLY A N   1 
ATOM   306 C CA  . GLY A 1 109 ? 9.663   -5.850  10.419  1.00 21.00  ? 172 GLY A CA  1 
ATOM   307 C C   . GLY A 1 109 ? 8.447   -4.959  10.213  1.00 19.70  ? 172 GLY A C   1 
ATOM   308 O O   . GLY A 1 109 ? 8.244   -4.433  9.129   1.00 18.06  ? 172 GLY A O   1 
ATOM   309 N N   . ASN A 1 110 ? 7.635   -4.832  11.248  1.00 18.23  ? 173 ASN A N   1 
ATOM   310 C CA  . ASN A 1 110 ? 6.433   -4.033  11.124  1.00 16.61  ? 173 ASN A CA  1 
ATOM   311 C C   . ASN A 1 110 ? 6.818   -2.606  10.815  1.00 15.71  ? 173 ASN A C   1 
ATOM   312 O O   . ASN A 1 110 ? 7.730   -2.028  11.408  1.00 20.02  ? 173 ASN A O   1 
ATOM   313 C CB  . ASN A 1 110 ? 5.595   -4.113  12.392  1.00 19.51  ? 173 ASN A CB  1 
ATOM   314 C CG  . ASN A 1 110 ? 4.953   -5.482  12.555  1.00 21.55  ? 173 ASN A CG  1 
ATOM   315 O OD1 . ASN A 1 110 ? 4.527   -6.131  11.631  1.00 21.63  ? 173 ASN A OD1 1 
ATOM   316 N ND2 . ASN A 1 110 ? 4.987   -5.982  13.787  1.00 31.56  ? 173 ASN A ND2 1 
ATOM   317 N N   . ILE A 1 111 ? 6.033   -1.965  9.936   1.00 14.45  ? 174 ILE A N   1 
ATOM   318 C CA  . ILE A 1 111 ? 6.364   -0.609  9.459   1.00 14.15  ? 174 ILE A CA  1 
ATOM   319 C C   . ILE A 1 111 ? 5.156   0.360   9.368   1.00 13.49  ? 174 ILE A C   1 
ATOM   320 O O   . ILE A 1 111 ? 5.381   1.538   9.148   1.00 13.92  ? 174 ILE A O   1 
ATOM   321 C CB  . ILE A 1 111 ? 7.120   -0.719  8.110   1.00 14.88  ? 174 ILE A CB  1 
ATOM   322 C CG1 . ILE A 1 111 ? 7.861   0.552   7.678   1.00 15.57  ? 174 ILE A CG1 1 
ATOM   323 C CG2 . ILE A 1 111 ? 6.259   -1.215  6.976   1.00 14.84  ? 174 ILE A CG2 1 
ATOM   324 C CD1 . ILE A 1 111 ? 8.721   1.205   8.704   1.00 16.38  ? 174 ILE A CD1 1 
ATOM   325 N N   . GLY A 1 112 ? 3.936   -0.122  9.494   1.00 14.00  ? 175 GLY A N   1 
ATOM   326 C CA  . GLY A 1 112 ? 2.786   0.763   9.466   1.00 14.14  ? 175 GLY A CA  1 
ATOM   327 C C   . GLY A 1 112 ? 1.511   0.072   9.104   1.00 12.73  ? 175 GLY A C   1 
ATOM   328 O O   . GLY A 1 112 ? 1.319   -1.090  9.416   1.00 12.86  ? 175 GLY A O   1 
ATOM   329 N N   A GLN A 1 113 ? 0.656   0.862   8.437   0.50 12.15  ? 176 GLN A N   1 
ATOM   330 N N   B GLN A 1 113 ? 0.624   0.827   8.465   0.50 12.96  ? 176 GLN A N   1 
ATOM   331 C CA  A GLN A 1 113 ? -0.743  0.533   8.193   0.50 12.12  ? 176 GLN A CA  1 
ATOM   332 C CA  B GLN A 1 113 ? -0.664  0.274   8.072   0.50 13.60  ? 176 GLN A CA  1 
ATOM   333 C C   A GLN A 1 113 ? -1.157  1.055   6.844   0.50 11.35  ? 176 GLN A C   1 
ATOM   334 C C   B GLN A 1 113 ? -1.145  1.009   6.835   0.50 11.99  ? 176 GLN A C   1 
ATOM   335 O O   A GLN A 1 113 ? -0.695  2.108   6.451   0.50 11.92  ? 176 GLN A O   1 
ATOM   336 O O   B GLN A 1 113 ? -0.685  2.104   6.481   0.50 12.39  ? 176 GLN A O   1 
ATOM   337 C CB  A GLN A 1 113 ? -1.676  1.132   9.240   0.50 12.13  ? 176 GLN A CB  1 
ATOM   338 C CB  B GLN A 1 113 ? -1.729  0.326   9.188   0.50 15.54  ? 176 GLN A CB  1 
ATOM   339 C CG  A GLN A 1 113 ? -1.551  0.555   10.624  0.50 13.27  ? 176 GLN A CG  1 
ATOM   340 C CG  B GLN A 1 113 ? -1.951  1.726   9.744   0.50 20.36  ? 176 GLN A CG  1 
ATOM   341 C CD  A GLN A 1 113 ? -2.785  0.911   11.448  0.50 18.51  ? 176 GLN A CD  1 
ATOM   342 C CD  B GLN A 1 113 ? -2.624  1.779   11.132  0.50 28.43  ? 176 GLN A CD  1 
ATOM   343 O OE1 A GLN A 1 113 ? -3.540  1.913   11.124  0.50 28.00  ? 176 GLN A OE1 1 
ATOM   344 O OE1 B GLN A 1 113 ? -2.471  2.744   11.851  0.50 29.73  ? 176 GLN A OE1 1 
ATOM   345 N NE2 A GLN A 1 113 ? -3.098  0.030   12.367  0.50 16.66  ? 176 GLN A NE2 1 
ATOM   346 N NE2 B GLN A 1 113 ? -3.344  0.713   11.523  0.50 26.99  ? 176 GLN A NE2 1 
ATOM   347 N N   . ILE A 1 114 ? -2.092  0.347   6.210   1.00 11.95  ? 177 ILE A N   1 
ATOM   348 C CA  . ILE A 1 114 ? -2.804  0.832   5.011   1.00 11.10  ? 177 ILE A CA  1 
ATOM   349 C C   . ILE A 1 114 ? -4.274  0.606   5.206   1.00 11.48  ? 177 ILE A C   1 
ATOM   350 O O   . ILE A 1 114 ? -4.705  -0.383  5.759   1.00 13.21  ? 177 ILE A O   1 
ATOM   351 C CB  . ILE A 1 114 ? -2.272  0.173   3.693   1.00 12.11  ? 177 ILE A CB  1 
ATOM   352 C CG1 . ILE A 1 114 ? -2.781  0.846   2.431   1.00 12.96  ? 177 ILE A CG1 1 
ATOM   353 C CG2 . ILE A 1 114 ? -2.486  -1.316  3.716   1.00 13.38  ? 177 ILE A CG2 1 
ATOM   354 C CD1 . ILE A 1 114 ? -2.086  0.364   1.135   1.00 14.72  ? 177 ILE A CD1 1 
ATOM   355 N N   . THR A 1 115 ? -5.091  1.534   4.663   1.00 13.80  ? 178 THR A N   1 
ATOM   356 C CA  . THR A 1 115 ? -6.527  1.433   4.675   1.00 13.73  ? 178 THR A CA  1 
ATOM   357 C C   . THR A 1 115 ? -7.070  1.383   3.294   1.00 13.34  ? 178 THR A C   1 
ATOM   358 O O   . THR A 1 115 ? -6.670  2.211   2.431   1.00 13.87  ? 178 THR A O   1 
ATOM   359 C CB  . THR A 1 115 ? -7.156  2.613   5.403   1.00 16.01  ? 178 THR A CB  1 
ATOM   360 O OG1 . THR A 1 115 ? -6.627  2.694   6.722   1.00 25.22  ? 178 THR A OG1 1 
ATOM   361 C CG2 . THR A 1 115 ? -8.673  2.520   5.495   1.00 16.44  ? 178 THR A CG2 1 
ATOM   362 N N   . LEU A 1 116 ? -7.928  0.438   2.999   1.00 13.36  ? 179 LEU A N   1 
ATOM   363 C CA  . LEU A 1 116 ? -8.598  0.238   1.738   1.00 13.37  ? 179 LEU A CA  1 
ATOM   364 C C   . LEU A 1 116 ? -10.082 0.348   1.876   1.00 13.33  ? 179 LEU A C   1 
ATOM   365 O O   . LEU A 1 116 ? -10.634 -0.093  2.919   1.00 15.54  ? 179 LEU A O   1 
ATOM   366 C CB  . LEU A 1 116 ? -8.309  -1.137  1.151   1.00 14.83  ? 179 LEU A CB  1 
ATOM   367 C CG  . LEU A 1 116 ? -6.844  -1.556  0.988   1.00 15.07  ? 179 LEU A CG  1 
ATOM   368 C CD1 . LEU A 1 116 ? -6.696  -2.918  0.351   1.00 17.51  ? 179 LEU A CD1 1 
ATOM   369 C CD2 . LEU A 1 116 ? -6.048  -0.557  0.183   1.00 14.99  ? 179 LEU A CD2 1 
ATOM   370 N N   . THR A 1 117 ? -10.798 0.822   0.889   1.00 14.52  ? 180 THR A N   1 
ATOM   371 C CA  . THR A 1 117 ? -12.241 0.860   0.898   1.00 15.05  ? 180 THR A CA  1 
ATOM   372 C C   . THR A 1 117 ? -12.781 0.273   -0.369  1.00 16.64  ? 180 THR A C   1 
ATOM   373 O O   . THR A 1 117 ? -12.270 0.564   -1.448  1.00 18.39  ? 180 THR A O   1 
ATOM   374 C CB  . THR A 1 117 ? -12.742 2.272   1.164   1.00 16.89  ? 180 THR A CB  1 
ATOM   375 O OG1 . THR A 1 117 ? -12.552 3.122   0.007   1.00 23.40  ? 180 THR A OG1 1 
ATOM   376 C CG2 . THR A 1 117 ? -12.167 2.893   2.326   1.00 16.85  ? 180 THR A CG2 1 
ATOM   377 N N   . ILE A 1 118 ? -13.826 -0.539  -0.290  1.00 20.22  ? 181 ILE A N   1 
ATOM   378 C CA  . ILE A 1 118 ? -14.475 -1.090  -1.463  1.00 20.67  ? 181 ILE A CA  1 
ATOM   379 C C   . ILE A 1 118 ? -15.952 -1.012  -1.148  1.00 19.19  ? 181 ILE A C   1 
ATOM   380 O O   . ILE A 1 118 ? -16.440 -1.585  -0.151  1.00 18.88  ? 181 ILE A O   1 
ATOM   381 C CB  . ILE A 1 118 ? -13.993 -2.524  -1.796  1.00 23.57  ? 181 ILE A CB  1 
ATOM   382 C CG1 . ILE A 1 118 ? -14.763 -3.118  -2.967  1.00 27.16  ? 181 ILE A CG1 1 
ATOM   383 C CG2 . ILE A 1 118 ? -14.052 -3.504  -0.630  1.00 22.53  ? 181 ILE A CG2 1 
ATOM   384 C CD1 . ILE A 1 118 ? -14.577 -2.390  -4.295  1.00 27.93  ? 181 ILE A CD1 1 
ATOM   385 N N   . GLY A 1 119 ? -16.722 -0.289  -1.926  1.00 23.02  ? 182 GLY A N   1 
ATOM   386 C CA  . GLY A 1 119 ? -18.139 -0.151  -1.668  1.00 21.51  ? 182 GLY A CA  1 
ATOM   387 C C   . GLY A 1 119 ? -18.359 0.418   -0.274  1.00 20.25  ? 182 GLY A C   1 
ATOM   388 O O   . GLY A 1 119 ? -17.837 1.437   0.088   1.00 24.47  ? 182 GLY A O   1 
ATOM   389 N N   . SER A 1 120 ? -19.098 -0.320  0.543   1.00 18.97  ? 183 SER A N   1 
ATOM   390 C CA  . SER A 1 120 ? -19.440 0.055   1.890   1.00 17.17  ? 183 SER A CA  1 
ATOM   391 C C   . SER A 1 120 ? -18.528 -0.572  2.960   1.00 16.46  ? 183 SER A C   1 
ATOM   392 O O   . SER A 1 120 ? -18.788 -0.421  4.133   1.00 19.35  ? 183 SER A O   1 
ATOM   393 C CB  . SER A 1 120 ? -20.914 -0.264  2.124   1.00 18.50  ? 183 SER A CB  1 
ATOM   394 O OG  . SER A 1 120 ? -21.202 -1.619  1.807   1.00 18.17  ? 183 SER A OG  1 
ATOM   395 N N   . THR A 1 121 ? -17.431 -1.190  2.547   1.00 15.09  ? 184 THR A N   1 
ATOM   396 C CA  . THR A 1 121 ? -16.473 -1.820  3.431   1.00 15.00  ? 184 THR A CA  1 
ATOM   397 C C   . THR A 1 121 ? -15.170 -1.087  3.524   1.00 13.49  ? 184 THR A C   1 
ATOM   398 O O   . THR A 1 121 ? -14.600 -0.690  2.495   1.00 16.68  ? 184 THR A O   1 
ATOM   399 C CB  . THR A 1 121 ? -16.198 -3.200  2.896   1.00 16.50  ? 184 THR A CB  1 
ATOM   400 O OG1 . THR A 1 121 ? -17.445 -3.951  2.909   1.00 19.85  ? 184 THR A OG1 1 
ATOM   401 C CG2 . THR A 1 121 ? -15.217 -3.995  3.753   1.00 19.35  ? 184 THR A CG2 1 
ATOM   402 N N   . THR A 1 122 ? -14.686 -0.875  4.738   1.00 12.60  ? 185 THR A N   1 
ATOM   403 C CA  . THR A 1 122 ? -13.365 -0.355  5.003   1.00 12.06  ? 185 THR A CA  1 
ATOM   404 C C   . THR A 1 122 ? -12.538 -1.449  5.648   1.00 11.19  ? 185 THR A C   1 
ATOM   405 O O   . THR A 1 122 ? -13.080 -2.282  6.324   1.00 11.95  ? 185 THR A O   1 
ATOM   406 C CB  . THR A 1 122 ? -13.422 0.866   5.890   1.00 14.86  ? 185 THR A CB  1 
ATOM   407 O OG1 . THR A 1 122 ? -14.190 1.882   5.289   1.00 18.78  ? 185 THR A OG1 1 
ATOM   408 C CG2 . THR A 1 122 ? -12.069 1.389   6.145   1.00 16.69  ? 185 THR A CG2 1 
ATOM   409 N N   A MET A 1 123 ? -11.299 -1.594  5.255   0.50 11.28  ? 186 MET A N   1 
ATOM   410 N N   B MET A 1 123 ? -11.223 -1.420  5.399   0.50 11.71  ? 186 MET A N   1 
ATOM   411 C CA  A MET A 1 123 ? -10.325 -2.553  5.774   0.50 11.17  ? 186 MET A CA  1 
ATOM   412 C CA  B MET A 1 123 ? -10.374 -2.508  5.855   0.50 11.91  ? 186 MET A CA  1 
ATOM   413 C C   A MET A 1 123 ? -9.064  -1.850  6.162   0.50 11.27  ? 186 MET A C   1 
ATOM   414 C C   B MET A 1 123 ? -9.002  -2.005  6.071   0.50 12.26  ? 186 MET A C   1 
ATOM   415 O O   A MET A 1 123 ? -8.606  -0.955  5.494   0.50 10.97  ? 186 MET A O   1 
ATOM   416 O O   B MET A 1 123 ? -8.451  -1.313  5.217   0.50 13.60  ? 186 MET A O   1 
ATOM   417 C CB  A MET A 1 123 ? -10.022 -3.629  4.736   0.50 12.51  ? 186 MET A CB  1 
ATOM   418 C CB  B MET A 1 123 ? -10.373 -3.643  4.855   0.50 15.19  ? 186 MET A CB  1 
ATOM   419 C CG  A MET A 1 123 ? -11.310 -4.313  4.263   0.50 12.92  ? 186 MET A CG  1 
ATOM   420 C CG  B MET A 1 123 ? -11.726 -3.951  4.298   0.50 18.46  ? 186 MET A CG  1 
ATOM   421 S SD  A MET A 1 123 ? -11.160 -5.209  2.791   0.50 16.98  ? 186 MET A SD  1 
ATOM   422 S SD  B MET A 1 123 ? -11.782 -3.871  2.565   0.50 25.93  ? 186 MET A SD  1 
ATOM   423 C CE  A MET A 1 123 ? -11.080 -3.943  1.517   0.50 19.27  ? 186 MET A CE  1 
ATOM   424 C CE  B MET A 1 123 ? -11.161 -5.544  2.396   0.50 26.14  ? 186 MET A CE  1 
ATOM   425 N N   . THR A 1 124 ? -8.465  -2.290  7.258   1.00 11.41  ? 187 THR A N   1 
ATOM   426 C CA  . THR A 1 124 ? -7.175  -1.810  7.745   1.00 11.40  ? 187 THR A CA  1 
ATOM   427 C C   . THR A 1 124 ? -6.206  -2.974  7.857   1.00 10.61  ? 187 THR A C   1 
ATOM   428 O O   . THR A 1 124 ? -6.546  -3.994  8.463   1.00 11.68  ? 187 THR A O   1 
ATOM   429 C CB  . THR A 1 124 ? -7.282  -1.067  9.048   1.00 12.84  ? 187 THR A CB  1 
ATOM   430 O OG1 . THR A 1 124 ? -8.224  0.025   8.886   1.00 17.71  ? 187 THR A OG1 1 
ATOM   431 C CG2 . THR A 1 124 ? -5.992  -0.527  9.546   1.00 13.49  ? 187 THR A CG2 1 
ATOM   432 N N   . PHE A 1 125 ? -5.024  -2.811  7.274   1.00 11.48  ? 188 PHE A N   1 
ATOM   433 C CA  . PHE A 1 125 ? -4.012  -3.886  7.243   1.00 11.43  ? 188 PHE A CA  1 
ATOM   434 C C   . PHE A 1 125 ? -2.689  -3.398  7.830   1.00 11.82  ? 188 PHE A C   1 
ATOM   435 O O   . PHE A 1 125 ? -2.201  -2.323  7.536   1.00 12.60  ? 188 PHE A O   1 
ATOM   436 C CB  . PHE A 1 125 ? -3.742  -4.333  5.802   1.00 12.36  ? 188 PHE A CB  1 
ATOM   437 C CG  . PHE A 1 125 ? -4.938  -4.880  5.128   1.00 13.29  ? 188 PHE A CG  1 
ATOM   438 C CD1 . PHE A 1 125 ? -5.791  -4.050  4.398   1.00 13.54  ? 188 PHE A CD1 1 
ATOM   439 C CD2 . PHE A 1 125 ? -5.263  -6.226  5.210   1.00 15.58  ? 188 PHE A CD2 1 
ATOM   440 C CE1 . PHE A 1 125 ? -6.897  -4.533  3.772   1.00 15.24  ? 188 PHE A CE1 1 
ATOM   441 C CE2 . PHE A 1 125 ? -6.401  -6.731  4.550   1.00 16.70  ? 188 PHE A CE2 1 
ATOM   442 C CZ  . PHE A 1 125 ? -7.187  -5.846  3.854   1.00 16.55  ? 188 PHE A CZ  1 
ATOM   443 N N   . ASN A 1 126 ? -2.073  -4.277  8.591   1.00 14.06  ? 189 ASN A N   1 
ATOM   444 C CA  . ASN A 1 126 ? -0.670  -4.147  8.997   1.00 13.52  ? 189 ASN A CA  1 
ATOM   445 C C   . ASN A 1 126 ? 0.245   -4.290  7.763   1.00 14.60  ? 189 ASN A C   1 
ATOM   446 O O   . ASN A 1 126 ? 0.040   -5.085  6.911   1.00 15.29  ? 189 ASN A O   1 
ATOM   447 C CB  . ASN A 1 126 ? -0.336  -5.268  9.976   1.00 15.57  ? 189 ASN A CB  1 
ATOM   448 C CG  . ASN A 1 126 ? 0.986   -5.039  10.597  1.00 16.34  ? 189 ASN A CG  1 
ATOM   449 O OD1 . ASN A 1 126 ? 1.144   -4.155  11.386  1.00 18.44  ? 189 ASN A OD1 1 
ATOM   450 N ND2 . ASN A 1 126 ? 1.915   -5.888  10.244  1.00 17.71  ? 189 ASN A ND2 1 
ATOM   451 N N   . LEU A 1 127 ? 1.245   -3.404  7.786   1.00 13.78  ? 190 LEU A N   1 
ATOM   452 C CA  . LEU A 1 127 ? 2.347   -3.481  6.795   1.00 14.29  ? 190 LEU A CA  1 
ATOM   453 C C   . LEU A 1 127 ? 3.643   -3.831  7.515   1.00 13.86  ? 190 LEU A C   1 
ATOM   454 O O   . LEU A 1 127 ? 3.923   -3.368  8.579   1.00 14.63  ? 190 LEU A O   1 
ATOM   455 C CB  . LEU A 1 127 ? 2.559   -2.165  6.088   1.00 14.18  ? 190 LEU A CB  1 
ATOM   456 C CG  . LEU A 1 127 ? 1.395   -1.704  5.218   1.00 14.67  ? 190 LEU A CG  1 
ATOM   457 C CD1 . LEU A 1 127 ? 1.666   -0.294  4.712   1.00 14.41  ? 190 LEU A CD1 1 
ATOM   458 C CD2 . LEU A 1 127 ? 1.154   -2.642  4.087   1.00 15.88  ? 190 LEU A CD2 1 
ATOM   459 N N   . GLN A 1 128 ? 4.407   -4.674  6.801   1.00 16.40  ? 191 GLN A N   1 
ATOM   460 C CA  . GLN A 1 128 ? 5.789   -5.007  7.168   1.00 17.18  ? 191 GLN A CA  1 
ATOM   461 C C   . GLN A 1 128 ? 6.674   -4.494  6.009   1.00 16.03  ? 191 GLN A C   1 
ATOM   462 O O   . GLN A 1 128 ? 6.263   -4.311  4.893   1.00 16.34  ? 191 GLN A O   1 
ATOM   463 C CB  . GLN A 1 128 ? 5.963   -6.524  7.434   1.00 19.13  ? 191 GLN A CB  1 
ATOM   464 C CG  . GLN A 1 128 ? 5.032   -7.016  8.510   1.00 22.92  ? 191 GLN A CG  1 
ATOM   465 C CD  . GLN A 1 128 ? 5.271   -8.410  8.934   1.00 28.71  ? 191 GLN A CD  1 
ATOM   466 O OE1 . GLN A 1 128 ? 5.447   -9.282  8.110   1.00 35.43  ? 191 GLN A OE1 1 
ATOM   467 N NE2 . GLN A 1 128 ? 5.246   -8.644  10.237  1.00 36.77  ? 191 GLN A NE2 1 
ATOM   468 N N   . THR A 1 129 ? 7.981   -4.462  6.311   1.00 17.01  ? 192 THR A N   1 
ATOM   469 C CA  . THR A 1 129 ? 8.923   -4.241  5.246   1.00 17.74  ? 192 THR A CA  1 
ATOM   470 C C   . THR A 1 129 ? 8.890   -5.397  4.278   1.00 17.89  ? 192 THR A C   1 
ATOM   471 O O   . THR A 1 129 ? 8.568   -6.544  4.650   1.00 19.75  ? 192 THR A O   1 
ATOM   472 C CB  . THR A 1 129 ? 10.339  -4.025  5.762   1.00 18.74  ? 192 THR A CB  1 
ATOM   473 O OG1 . THR A 1 129 ? 10.806  -5.191  6.451   1.00 21.08  ? 192 THR A OG1 1 
ATOM   474 C CG2 . THR A 1 129 ? 10.412  -2.832  6.634   1.00 18.87  ? 192 THR A CG2 1 
ATOM   475 N N   . GLY A 1 130 ? 9.316   -5.117  3.041   1.00 18.44  ? 193 GLY A N   1 
ATOM   476 C CA  . GLY A 1 130 ? 9.208   -6.068  1.989   1.00 18.78  ? 193 GLY A CA  1 
ATOM   477 C C   . GLY A 1 130 ? 7.833   -6.064  1.326   1.00 18.67  ? 193 GLY A C   1 
ATOM   478 O O   . GLY A 1 130 ? 7.165   -5.047  1.334   1.00 18.49  ? 193 GLY A O   1 
ATOM   479 N N   A GLU A 1 131 ? 7.417   -7.199  0.765   0.50 20.04  ? 194 GLU A N   1 
ATOM   480 N N   B GLU A 1 131 ? 7.401   -7.230  0.914   0.50 19.97  ? 194 GLU A N   1 
ATOM   481 C CA  A GLU A 1 131 ? 6.149   -7.295  0.019   0.50 20.94  ? 194 GLU A CA  1 
ATOM   482 C CA  B GLU A 1 131 ? 6.188   -7.391  0.153   0.50 20.56  ? 194 GLU A CA  1 
ATOM   483 C C   A GLU A 1 131 ? 4.972   -7.669  0.929   0.50 20.70  ? 194 GLU A C   1 
ATOM   484 C C   B GLU A 1 131 ? 5.045   -7.521  1.144   0.50 21.01  ? 194 GLU A C   1 
ATOM   485 O O   A GLU A 1 131 ? 4.990   -8.620  1.718   0.50 21.06  ? 194 GLU A O   1 
ATOM   486 O O   B GLU A 1 131 ? 5.183   -8.160  2.234   0.50 20.61  ? 194 GLU A O   1 
ATOM   487 C CB  A GLU A 1 131 ? 6.222   -8.273  -1.158  0.50 24.13  ? 194 GLU A CB  1 
ATOM   488 C CB  B GLU A 1 131 ? 6.251   -8.649  -0.736  0.50 23.55  ? 194 GLU A CB  1 
ATOM   489 C CG  A GLU A 1 131 ? 7.092   -7.777  -2.290  0.50 26.22  ? 194 GLU A CG  1 
ATOM   490 C CG  B GLU A 1 131 ? 4.935   -8.911  -1.520  0.50 26.68  ? 194 GLU A CG  1 
ATOM   491 C CD  A GLU A 1 131 ? 7.106   -8.696  -3.441  0.50 33.44  ? 194 GLU A CD  1 
ATOM   492 C CD  B GLU A 1 131 ? 4.934   -10.073 -2.525  0.50 32.04  ? 194 GLU A CD  1 
ATOM   493 O OE1 A GLU A 1 131 ? 6.358   -9.690  -3.437  0.50 35.71  ? 194 GLU A OE1 1 
ATOM   494 O OE1 B GLU A 1 131 ? 5.476   -9.915  -3.637  0.50 36.72  ? 194 GLU A OE1 1 
ATOM   495 O OE2 A GLU A 1 131 ? 7.886   -8.401  -4.327  0.50 37.91  ? 194 GLU A OE2 1 
ATOM   496 O OE2 B GLU A 1 131 ? 4.323   -11.103 -2.240  0.50 35.99  ? 194 GLU A OE2 1 
ATOM   497 N N   . ASN A 1 132 ? 3.936   -6.874  0.768   1.00 17.20  ? 195 ASN A N   1 
ATOM   498 C CA  . ASN A 1 132 ? 2.657   -7.045  1.464   1.00 16.20  ? 195 ASN A CA  1 
ATOM   499 C C   . ASN A 1 132 ? 1.648   -7.288  0.362   1.00 18.42  ? 195 ASN A C   1 
ATOM   500 O O   . ASN A 1 132 ? 1.536   -6.473  -0.547  1.00 20.21  ? 195 ASN A O   1 
ATOM   501 C CB  . ASN A 1 132 ? 2.288   -5.799  2.251   1.00 14.60  ? 195 ASN A CB  1 
ATOM   502 C CG  . ASN A 1 132 ? 3.287   -5.438  3.292   1.00 14.38  ? 195 ASN A CG  1 
ATOM   503 O OD1 . ASN A 1 132 ? 3.168   -5.774  4.452   1.00 16.07  ? 195 ASN A OD1 1 
ATOM   504 N ND2 . ASN A 1 132 ? 4.338   -4.702  2.907   1.00 14.99  ? 195 ASN A ND2 1 
ATOM   505 N N   . LYS A 1 133 ? 0.931   -8.379  0.355   1.00 20.09  ? 196 LYS A N   1 
ATOM   506 C CA  . LYS A 1 133 ? 0.062   -8.808  -0.758  1.00 20.62  ? 196 LYS A CA  1 
ATOM   507 C C   . LYS A 1 133 ? -1.366  -8.939  -0.201  1.00 20.85  ? 196 LYS A C   1 
ATOM   508 O O   . LYS A 1 133 ? -1.614  -9.705  0.758   1.00 22.60  ? 196 LYS A O   1 
ATOM   509 C CB  . LYS A 1 133 ? 0.588   -10.160 -1.248  1.00 24.03  ? 196 LYS A CB  1 
ATOM   510 C CG  . LYS A 1 133 ? -0.145  -10.763 -2.408  1.00 28.57  ? 196 LYS A CG  1 
ATOM   511 C CD  . LYS A 1 133 ? 0.693   -11.906 -2.992  0.50 33.87  ? 196 LYS A CD  1 
ATOM   512 C CE  . LYS A 1 133 ? -0.010  -12.551 -4.162  0.50 32.14  ? 196 LYS A CE  1 
ATOM   513 N NZ  . LYS A 1 133 ? 0.863   -13.639 -4.687  0.50 33.87  ? 196 LYS A NZ  1 
ATOM   514 N N   . ILE A 1 134 ? -2.296  -8.249  -0.853  1.00 20.29  ? 197 ILE A N   1 
ATOM   515 C CA  . ILE A 1 134 ? -3.694  -8.180  -0.460  1.00 20.17  ? 197 ILE A CA  1 
ATOM   516 C C   . ILE A 1 134 ? -4.591  -8.403  -1.673  1.00 22.43  ? 197 ILE A C   1 
ATOM   517 O O   . ILE A 1 134 ? -4.553  -7.675  -2.632  1.00 20.97  ? 197 ILE A O   1 
ATOM   518 C CB  . ILE A 1 134 ? -4.033  -6.794  0.154   1.00 19.36  ? 197 ILE A CB  1 
ATOM   519 C CG1 . ILE A 1 134 ? -3.063  -6.436  1.304   1.00 19.31  ? 197 ILE A CG1 1 
ATOM   520 C CG2 . ILE A 1 134 ? -5.470  -6.745  0.613   1.00 20.43  ? 197 ILE A CG2 1 
ATOM   521 C CD1 . ILE A 1 134 ? -3.188  -4.985  1.829   1.00 19.86  ? 197 ILE A CD1 1 
ATOM   522 N N   . PRO A 1 135 ? -5.418  -9.466  -1.653  1.00 23.97  ? 198 PRO A N   1 
ATOM   523 C CA  . PRO A 1 135 ? -6.428  -9.625  -2.695  1.00 26.17  ? 198 PRO A CA  1 
ATOM   524 C C   . PRO A 1 135 ? -7.391  -8.465  -2.727  1.00 23.86  ? 198 PRO A C   1 
ATOM   525 O O   . PRO A 1 135 ? -7.877  -8.053  -1.684  1.00 26.22  ? 198 PRO A O   1 
ATOM   526 C CB  . PRO A 1 135 ? -7.154  -10.919 -2.280  1.00 32.88  ? 198 PRO A CB  1 
ATOM   527 C CG  . PRO A 1 135 ? -6.252  -11.578 -1.317  1.00 36.10  ? 198 PRO A CG  1 
ATOM   528 C CD  . PRO A 1 135 ? -5.483  -10.516 -0.634  1.00 27.92  ? 198 PRO A CD  1 
ATOM   529 N N   . VAL A 1 136 ? -7.666  -7.942  -3.903  1.00 22.76  ? 199 VAL A N   1 
ATOM   530 C CA  . VAL A 1 136 ? -8.524  -6.825  -4.084  1.00 22.81  ? 199 VAL A CA  1 
ATOM   531 C C   . VAL A 1 136 ? -9.425  -6.976  -5.343  1.00 25.08  ? 199 VAL A C   1 
ATOM   532 O O   . VAL A 1 136 ? -9.076  -7.655  -6.330  1.00 25.11  ? 199 VAL A O   1 
ATOM   533 C CB  . VAL A 1 136 ? -7.733  -5.496  -4.198  1.00 22.54  ? 199 VAL A CB  1 
ATOM   534 C CG1 . VAL A 1 136 ? -7.047  -5.180  -2.880  1.00 21.46  ? 199 VAL A CG1 1 
ATOM   535 C CG2 . VAL A 1 136 ? -6.736  -5.508  -5.337  1.00 22.64  ? 199 VAL A CG2 1 
ATOM   536 N N   . ILE A 1 137 ? -10.579 -6.329  -5.300  1.00 26.07  ? 200 ILE A N   1 
ATOM   537 C CA  . ILE A 1 137 ? -11.433 -6.277  -6.467  1.00 27.85  ? 200 ILE A CA  1 
ATOM   538 C C   . ILE A 1 137 ? -11.343 -4.871  -7.088  1.00 25.88  ? 200 ILE A C   1 
ATOM   539 O O   . ILE A 1 137 ? -10.940 -3.861  -6.470  1.00 25.23  ? 200 ILE A O   1 
ATOM   540 C CB  . ILE A 1 137 ? -12.875 -6.742  -6.195  1.00 32.62  ? 200 ILE A CB  1 
ATOM   541 C CG1 . ILE A 1 137 ? -13.618 -5.633  -5.524  1.00 31.37  ? 200 ILE A CG1 1 
ATOM   542 C CG2 . ILE A 1 137 ? -12.863 -7.958  -5.263  1.00 38.05  ? 200 ILE A CG2 1 
ATOM   543 C CD1 . ILE A 1 137 ? -15.063 -5.999  -5.282  1.00 36.02  ? 200 ILE A CD1 1 
ATOM   544 N N   . ALA A 1 138 ? -11.646 -4.838  -8.360  1.00 28.51  ? 201 ALA A N   1 
ATOM   545 C CA  . ALA A 1 138 ? -11.650 -3.609  -9.139  1.00 28.54  ? 201 ALA A CA  1 
ATOM   546 C C   . ALA A 1 138 ? -12.407 -2.473  -8.488  1.00 26.62  ? 201 ALA A C   1 
ATOM   547 O O   . ALA A 1 138 ? -13.530 -2.665  -7.986  1.00 29.20  ? 201 ALA A O   1 
ATOM   548 C CB  . ALA A 1 138 ? -12.216 -3.893  -10.507 1.00 31.83  ? 201 ALA A CB  1 
ATOM   549 N N   . GLY A 1 139 ? -11.806 -1.302  -8.450  1.00 26.99  ? 202 GLY A N   1 
ATOM   550 C CA  . GLY A 1 139 ? -12.409 -0.102  -7.901  1.00 26.46  ? 202 GLY A CA  1 
ATOM   551 C C   . GLY A 1 139 ? -12.145 0.105   -6.416  1.00 22.49  ? 202 GLY A C   1 
ATOM   552 O O   . GLY A 1 139 ? -12.513 1.138   -5.862  1.00 26.82  ? 202 GLY A O   1 
ATOM   553 N N   . THR A 1 140 ? -11.444 -0.852  -5.770  1.00 21.64  ? 203 THR A N   1 
ATOM   554 C CA  . THR A 1 140 ? -11.006 -0.653  -4.383  1.00 19.85  ? 203 THR A CA  1 
ATOM   555 C C   . THR A 1 140 ? -10.170 0.618   -4.305  1.00 18.27  ? 203 THR A C   1 
ATOM   556 O O   . THR A 1 140 ? -9.363  0.890   -5.217  1.00 21.02  ? 203 THR A O   1 
ATOM   557 C CB  . THR A 1 140 ? -10.204 -1.883  -3.904  1.00 19.88  ? 203 THR A CB  1 
ATOM   558 O OG1 . THR A 1 140 ? -11.068 -3.021  -3.928  1.00 22.23  ? 203 THR A OG1 1 
ATOM   559 C CG2 . THR A 1 140 ? -9.685  -1.706  -2.483  1.00 19.05  ? 203 THR A CG2 1 
ATOM   560 N N   . GLN A 1 141 ? -10.339 1.437   -3.290  1.00 17.68  ? 204 GLN A N   1 
ATOM   561 C CA  . GLN A 1 141 ? -9.570  2.634   -3.082  1.00 18.43  ? 204 GLN A CA  1 
ATOM   562 C C   . GLN A 1 141 ? -8.545  2.439   -2.010  1.00 16.39  ? 204 GLN A C   1 
ATOM   563 O O   . GLN A 1 141 ? -8.795  1.843   -0.972  1.00 17.68  ? 204 GLN A O   1 
ATOM   564 C CB  . GLN A 1 141 ? -10.510 3.715   -2.639  1.00 20.87  ? 204 GLN A CB  1 
ATOM   565 C CG  . GLN A 1 141 ? -11.566 4.061   -3.699  1.00 29.30  ? 204 GLN A CG  1 
ATOM   566 C CD  . GLN A 1 141 ? -11.028 4.809   -4.832  1.00 33.63  ? 204 GLN A CD  1 
ATOM   567 O OE1 . GLN A 1 141 ? -11.067 4.325   -5.949  1.00 39.19  ? 204 GLN A OE1 1 
ATOM   568 N NE2 . GLN A 1 141 ? -10.544 6.012   -4.566  1.00 39.15  ? 204 GLN A NE2 1 
ATOM   569 N N   . ILE A 1 142 ? -7.358  2.974   -2.227  1.00 16.76  ? 205 ILE A N   1 
ATOM   570 C CA  . ILE A 1 142 ? -6.330  3.123   -1.182  1.00 14.41  ? 205 ILE A CA  1 
ATOM   571 C C   . ILE A 1 142 ? -6.546  4.473   -0.571  1.00 14.83  ? 205 ILE A C   1 
ATOM   572 O O   . ILE A 1 142 ? -6.288  5.533   -1.205  1.00 17.68  ? 205 ILE A O   1 
ATOM   573 C CB  . ILE A 1 142 ? -4.913  3.054   -1.777  1.00 15.12  ? 205 ILE A CB  1 
ATOM   574 C CG1 . ILE A 1 142 ? -4.715  1.750   -2.507  1.00 15.99  ? 205 ILE A CG1 1 
ATOM   575 C CG2 . ILE A 1 142 ? -3.882  3.243   -0.662  1.00 16.97  ? 205 ILE A CG2 1 
ATOM   576 C CD1 . ILE A 1 142 ? -3.371  1.648   -3.231  1.00 18.38  ? 205 ILE A CD1 1 
ATOM   577 N N   A THR A 1 143 ? -7.127  4.551   0.621   0.50 15.35  ? 206 THR A N   1 
ATOM   578 N N   B THR A 1 143 ? -6.952  4.449   0.676   0.50 16.75  ? 206 THR A N   1 
ATOM   579 C CA  A THR A 1 143 ? -7.436  5.849   1.212   0.50 17.57  ? 206 THR A CA  1 
ATOM   580 C CA  B THR A 1 143 ? -7.537  5.558   1.326   0.50 18.46  ? 206 THR A CA  1 
ATOM   581 C C   A THR A 1 143 ? -6.373  6.422   2.136   0.50 16.02  ? 206 THR A C   1 
ATOM   582 C C   B THR A 1 143 ? -6.537  6.322   2.241   0.50 17.75  ? 206 THR A C   1 
ATOM   583 O O   A THR A 1 143 ? -6.311  7.608   2.338   0.50 19.06  ? 206 THR A O   1 
ATOM   584 O O   B THR A 1 143 ? -6.629  7.526   2.474   0.50 21.13  ? 206 THR A O   1 
ATOM   585 C CB  A THR A 1 143 ? -8.790  5.779   1.949   0.50 16.92  ? 206 THR A CB  1 
ATOM   586 C CB  B THR A 1 143 ? -8.767  4.997   2.050   0.50 23.33  ? 206 THR A CB  1 
ATOM   587 O OG1 A THR A 1 143 ? -8.622  4.788   2.981   0.50 15.33  ? 206 THR A OG1 1 
ATOM   588 O OG1 B THR A 1 143 ? -9.896  5.060   1.160   0.50 31.63  ? 206 THR A OG1 1 
ATOM   589 C CG2 A THR A 1 143 ? -9.834  5.245   0.973   0.50 23.98  ? 206 THR A CG2 1 
ATOM   590 C CG2 B THR A 1 143 ? -9.055  5.721   3.230   0.50 25.66  ? 206 THR A CG2 1 
ATOM   591 N N   . ASN A 1 144 ? -5.557  5.583   2.758   1.00 14.70  ? 207 ASN A N   1 
ATOM   592 C CA  A ASN A 1 144 ? -4.531  6.093   3.677   0.50 13.94  ? 207 ASN A CA  1 
ATOM   593 C CA  B ASN A 1 144 ? -4.444  6.142   3.417   0.50 15.21  ? 207 ASN A CA  1 
ATOM   594 C C   . ASN A 1 144 ? -3.408  5.066   3.772   1.00 13.82  ? 207 ASN A C   1 
ATOM   595 O O   . ASN A 1 144 ? -3.670  3.866   3.699   1.00 14.74  ? 207 ASN A O   1 
ATOM   596 C CB  A ASN A 1 144 ? -5.046  6.359   5.119   0.50 13.81  ? 207 ASN A CB  1 
ATOM   597 C CB  B ASN A 1 144 ? -4.875  6.897   4.641   0.50 19.38  ? 207 ASN A CB  1 
ATOM   598 C CG  A ASN A 1 144 ? -3.936  6.829   6.104   0.50 15.28  ? 207 ASN A CG  1 
ATOM   599 C CG  B ASN A 1 144 ? -5.618  6.027   5.610   0.50 21.94  ? 207 ASN A CG  1 
ATOM   600 O OD1 A ASN A 1 144 ? -3.262  5.987   6.773   0.50 17.98  ? 207 ASN A OD1 1 
ATOM   601 O OD1 B ASN A 1 144 ? -5.095  5.002   6.041   0.50 21.30  ? 207 ASN A OD1 1 
ATOM   602 N ND2 A ASN A 1 144 ? -3.702  8.119   6.175   0.50 19.29  ? 207 ASN A ND2 1 
ATOM   603 N ND2 B ASN A 1 144 ? -6.867  6.367   5.882   0.50 26.61  ? 207 ASN A ND2 1 
ATOM   604 N N   . MET A 1 145 ? -2.214  5.570   3.994   1.00 13.56  ? 208 MET A N   1 
ATOM   605 C CA  A MET A 1 145 ? -1.151  4.724   4.477   0.50 12.42  ? 208 MET A CA  1 
ATOM   606 C CA  B MET A 1 145 ? -1.050  4.794   4.468   0.50 12.92  ? 208 MET A CA  1 
ATOM   607 C C   . MET A 1 145 ? -0.337  5.573   5.477   1.00 13.46  ? 208 MET A C   1 
ATOM   608 O O   . MET A 1 145 ? -0.088  6.783   5.254   1.00 14.85  ? 208 MET A O   1 
ATOM   609 C CB  A MET A 1 145 ? -0.333  4.121   3.278   0.50 10.43  ? 208 MET A CB  1 
ATOM   610 C CB  B MET A 1 145 ? 0.017   4.571   3.385   0.50 11.96  ? 208 MET A CB  1 
ATOM   611 C CG  A MET A 1 145 ? 1.131   3.675   3.792   0.50 12.39  ? 208 MET A CG  1 
ATOM   612 C CG  B MET A 1 145 ? 0.714   3.175   3.641   0.50 13.09  ? 208 MET A CG  1 
ATOM   613 S SD  A MET A 1 145 ? 2.357   3.351   2.496   0.50 12.56  ? 208 MET A SD  1 
ATOM   614 S SD  B MET A 1 145 ? 1.828   2.736   2.309   0.50 15.25  ? 208 MET A SD  1 
ATOM   615 C CE  A MET A 1 145 ? 1.361   2.197   1.478   0.50 12.70  ? 208 MET A CE  1 
ATOM   616 C CE  B MET A 1 145 ? 2.704   4.262   2.471   0.50 15.11  ? 208 MET A CE  1 
ATOM   617 N N   . THR A 1 146 ? 0.080   4.969   6.583   1.00 12.44  ? 209 THR A N   1 
ATOM   618 C CA  . THR A 1 146 ? 0.883   5.648   7.611   1.00 12.86  ? 209 THR A CA  1 
ATOM   619 C C   . THR A 1 146 ? 2.010   4.730   8.014   1.00 13.01  ? 209 THR A C   1 
ATOM   620 O O   . THR A 1 146 ? 1.732   3.632   8.494   1.00 15.20  ? 209 THR A O   1 
ATOM   621 C CB  . THR A 1 146 ? 0.042   6.088   8.791   1.00 15.81  ? 209 THR A CB  1 
ATOM   622 O OG1 . THR A 1 146 ? -1.071  6.870   8.340   1.00 18.83  ? 209 THR A OG1 1 
ATOM   623 C CG2 . THR A 1 146 ? 0.795   6.870   9.820   1.00 18.38  ? 209 THR A CG2 1 
ATOM   624 N N   . LEU A 1 147 ? 3.246   5.150   7.829   1.00 11.98  ? 210 LEU A N   1 
ATOM   625 C CA  . LEU A 1 147 ? 4.442   4.420   8.195   1.00 12.24  ? 210 LEU A CA  1 
ATOM   626 C C   . LEU A 1 147 ? 5.072   5.014   9.417   1.00 13.53  ? 210 LEU A C   1 
ATOM   627 O O   . LEU A 1 147 ? 4.970   6.238   9.633   1.00 14.85  ? 210 LEU A O   1 
ATOM   628 C CB  . LEU A 1 147 ? 5.453   4.303   7.065   1.00 11.49  ? 210 LEU A CB  1 
ATOM   629 C CG  . LEU A 1 147 ? 4.948   3.837   5.716   1.00 11.99  ? 210 LEU A CG  1 
ATOM   630 C CD1 . LEU A 1 147 ? 6.067   3.755   4.732   1.00 12.45  ? 210 LEU A CD1 1 
ATOM   631 C CD2 . LEU A 1 147 ? 4.207   2.503   5.793   1.00 14.70  ? 210 LEU A CD2 1 
ATOM   632 N N   . THR A 1 148 ? 5.797   4.154   10.153  1.00 14.32  ? 211 THR A N   1 
ATOM   633 C CA  . THR A 1 148 ? 6.460   4.629   11.377  1.00 15.75  ? 211 THR A CA  1 
ATOM   634 C C   . THR A 1 148 ? 7.847   5.195   11.135  1.00 17.84  ? 211 THR A C   1 
ATOM   635 O O   . THR A 1 148 ? 8.430   5.818   12.030  1.00 20.41  ? 211 THR A O   1 
ATOM   636 C CB  . THR A 1 148 ? 6.483   3.519   12.440  1.00 18.58  ? 211 THR A CB  1 
ATOM   637 O OG1 . THR A 1 148 ? 7.158   2.367   11.905  1.00 20.63  ? 211 THR A OG1 1 
ATOM   638 C CG2 . THR A 1 148 ? 5.066   3.177   12.857  1.00 20.00  ? 211 THR A CG2 1 
ATOM   639 N N   . SER A 1 149 ? 8.443   4.939   9.967   1.00 17.19  ? 212 SER A N   1 
ATOM   640 C CA  . SER A 1 149 ? 9.715   5.537   9.616   1.00 18.44  ? 212 SER A CA  1 
ATOM   641 C C   . SER A 1 149 ? 9.805   5.648   8.098   1.00 16.04  ? 212 SER A C   1 
ATOM   642 O O   . SER A 1 149 ? 9.157   4.920   7.336   1.00 14.98  ? 212 SER A O   1 
ATOM   643 C CB  . SER A 1 149 ? 10.875  4.821   10.218  1.00 25.40  ? 212 SER A CB  1 
ATOM   644 O OG  . SER A 1 149 ? 11.034  3.615   9.685   1.00 27.90  ? 212 SER A OG  1 
ATOM   645 N N   A SER A 1 150 ? 10.535  6.649   7.646   0.50 14.85  ? 213 SER A N   1 
ATOM   646 N N   B SER A 1 150 ? 10.608  6.645   7.678   0.50 16.36  ? 213 SER A N   1 
ATOM   647 C CA  A SER A 1 150 ? 10.586  6.952   6.239   0.50 13.97  ? 213 SER A CA  1 
ATOM   648 C CA  B SER A 1 150 ? 10.827  7.066   6.266   0.50 15.44  ? 213 SER A CA  1 
ATOM   649 C C   A SER A 1 150 ? 11.136  5.790   5.446   0.50 13.86  ? 213 SER A C   1 
ATOM   650 C C   B SER A 1 150 ? 11.229  5.858   5.416   0.50 14.96  ? 213 SER A C   1 
ATOM   651 O O   A SER A 1 150 ? 12.155  5.171   5.752   0.50 15.60  ? 213 SER A O   1 
ATOM   652 O O   B SER A 1 150 ? 12.248  5.221   5.719   0.50 16.60  ? 213 SER A O   1 
ATOM   653 C CB  A SER A 1 150 ? 11.457  8.151   6.030   0.50 14.53  ? 213 SER A CB  1 
ATOM   654 C CB  B SER A 1 150 ? 11.902  8.164   6.214   0.50 17.78  ? 213 SER A CB  1 
ATOM   655 O OG  A SER A 1 150 ? 11.450  8.644   4.696   0.50 16.60  ? 213 SER A OG  1 
ATOM   656 O OG  B SER A 1 150 ? 11.444  9.250   7.038   0.50 23.15  ? 213 SER A OG  1 
ATOM   657 N N   . SER A 1 151 ? 10.454  5.560   4.379   1.00 13.18  ? 214 SER A N   1 
ATOM   658 C CA  . SER A 1 151 ? 10.685  4.415   3.518   1.00 12.01  ? 214 SER A CA  1 
ATOM   659 C C   . SER A 1 151 ? 10.496  4.725   2.071   1.00 12.92  ? 214 SER A C   1 
ATOM   660 O O   . SER A 1 151 ? 9.803   5.675   1.707   1.00 14.31  ? 214 SER A O   1 
ATOM   661 C CB  . SER A 1 151 ? 9.730   3.295   3.892   1.00 13.36  ? 214 SER A CB  1 
ATOM   662 O OG  . SER A 1 151 ? 9.801   2.961   5.286   1.00 14.92  ? 214 SER A OG  1 
ATOM   663 N N   . ALA A 1 152 ? 10.982  3.855   1.213   1.00 13.49  ? 215 ALA A N   1 
ATOM   664 C CA  . ALA A 1 152 ? 10.582  3.830   -0.188  1.00 13.34  ? 215 ALA A CA  1 
ATOM   665 C C   . ALA A 1 152 ? 9.275   3.057   -0.282  1.00 12.54  ? 215 ALA A C   1 
ATOM   666 O O   . ALA A 1 152 ? 9.176   1.964   0.322   1.00 14.98  ? 215 ALA A O   1 
ATOM   667 C CB  . ALA A 1 152 ? 11.679  3.195   -1.035  1.00 14.21  ? 215 ALA A CB  1 
ATOM   668 N N   . ILE A 1 153 ? 8.339   3.545   -1.056  1.00 12.32  ? 216 ILE A N   1 
ATOM   669 C CA  . ILE A 1 153 ? 7.011   2.985   -1.152  1.00 11.94  ? 216 ILE A CA  1 
ATOM   670 C C   . ILE A 1 153 ? 6.718   2.670   -2.594  1.00 11.63  ? 216 ILE A C   1 
ATOM   671 O O   . ILE A 1 153 ? 6.684   3.574   -3.443  1.00 13.50  ? 216 ILE A O   1 
ATOM   672 C CB  . ILE A 1 153 ? 5.994   4.003   -0.611  1.00 13.16  ? 216 ILE A CB  1 
ATOM   673 C CG1 . ILE A 1 153 ? 6.259   4.415   0.828   1.00 12.88  ? 216 ILE A CG1 1 
ATOM   674 C CG2 . ILE A 1 153 ? 4.563   3.491   -0.784  1.00 13.70  ? 216 ILE A CG2 1 
ATOM   675 C CD1 . ILE A 1 153 ? 5.588   5.726   1.236   1.00 14.95  ? 216 ILE A CD1 1 
ATOM   676 N N   . LEU A 1 154 ? 6.427   1.403   -2.905  1.00 12.06  ? 217 LEU A N   1 
ATOM   677 C CA  . LEU A 1 154 ? 6.058   0.965   -4.249  1.00 12.03  ? 217 LEU A CA  1 
ATOM   678 C C   . LEU A 1 154 ? 4.720   0.237   -4.148  1.00 12.21  ? 217 LEU A C   1 
ATOM   679 O O   . LEU A 1 154 ? 4.602   -0.666  -3.318  1.00 13.45  ? 217 LEU A O   1 
ATOM   680 C CB  . LEU A 1 154 ? 7.117   0.053   -4.801  1.00 12.76  ? 217 LEU A CB  1 
ATOM   681 C CG  . LEU A 1 154 ? 6.809   -0.614  -6.155  1.00 14.33  ? 217 LEU A CG  1 
ATOM   682 C CD1 . LEU A 1 154 ? 6.772   0.427   -7.241  1.00 16.79  ? 217 LEU A CD1 1 
ATOM   683 C CD2 . LEU A 1 154 ? 7.792   -1.732  -6.424  1.00 15.41  ? 217 LEU A CD2 1 
ATOM   684 N N   . ILE A 1 155 ? 3.740   0.680   -4.921  1.00 12.05  ? 218 ILE A N   1 
ATOM   685 C CA  . ILE A 1 155 ? 2.429   0.053   -4.895  1.00 12.85  ? 218 ILE A CA  1 
ATOM   686 C C   . ILE A 1 155 ? 2.079   -0.309  -6.340  1.00 13.58  ? 218 ILE A C   1 
ATOM   687 O O   . ILE A 1 155 ? 2.131   0.530   -7.236  1.00 14.32  ? 218 ILE A O   1 
ATOM   688 C CB  . ILE A 1 155 ? 1.343   1.001   -4.349  1.00 13.15  ? 218 ILE A CB  1 
ATOM   689 C CG1 . ILE A 1 155 ? 1.734   1.494   -2.955  1.00 13.97  ? 218 ILE A CG1 1 
ATOM   690 C CG2 . ILE A 1 155 ? 0.009   0.277   -4.330  1.00 15.10  ? 218 ILE A CG2 1 
ATOM   691 C CD1 . ILE A 1 155 ? 0.768   2.474   -2.328  1.00 15.08  ? 218 ILE A CD1 1 
ATOM   692 N N   . TYR A 1 156 ? 1.751   -1.571  -6.572  1.00 14.71  ? 219 TYR A N   1 
ATOM   693 C CA  . TYR A 1 156 ? 1.337   -2.006  -7.888  1.00 15.24  ? 219 TYR A CA  1 
ATOM   694 C C   . TYR A 1 156 ? 0.352   -3.161  -7.705  1.00 16.89  ? 219 TYR A C   1 
ATOM   695 O O   . TYR A 1 156 ? 0.159   -3.649  -6.617  1.00 17.59  ? 219 TYR A O   1 
ATOM   696 C CB  . TYR A 1 156 ? 2.558   -2.506  -8.724  1.00 15.66  ? 219 TYR A CB  1 
ATOM   697 C CG  . TYR A 1 156 ? 3.363   -3.656  -8.205  1.00 17.10  ? 219 TYR A CG  1 
ATOM   698 C CD1 . TYR A 1 156 ? 4.387   -3.481  -7.318  1.00 17.32  ? 219 TYR A CD1 1 
ATOM   699 C CD2 . TYR A 1 156 ? 3.113   -4.956  -8.652  1.00 20.44  ? 219 TYR A CD2 1 
ATOM   700 C CE1 . TYR A 1 156 ? 5.134   -4.541  -6.855  1.00 20.05  ? 219 TYR A CE1 1 
ATOM   701 C CE2 . TYR A 1 156 ? 3.892   -6.017  -8.220  1.00 21.42  ? 219 TYR A CE2 1 
ATOM   702 C CZ  . TYR A 1 156 ? 4.914   -5.837  -7.346  1.00 21.17  ? 219 TYR A CZ  1 
ATOM   703 O OH  . TYR A 1 156 ? 5.675   -6.899  -6.903  1.00 24.79  ? 219 TYR A OH  1 
ATOM   704 N N   . GLU A 1 157 ? -0.320  -3.554  -8.779  1.00 19.07  ? 220 GLU A N   1 
ATOM   705 C CA  . GLU A 1 157 ? -1.285  -4.669  -8.748  1.00 20.21  ? 220 GLU A CA  1 
ATOM   706 C C   . GLU A 1 157 ? -0.908  -5.730  -9.761  1.00 20.62  ? 220 GLU A C   1 
ATOM   707 O O   . GLU A 1 157 ? -0.674  -5.447  -10.936 1.00 24.46  ? 220 GLU A O   1 
ATOM   708 C CB  . GLU A 1 157 ? -2.682  -4.185  -9.074  1.00 21.98  ? 220 GLU A CB  1 
ATOM   709 C CG  . GLU A 1 157 ? -3.720  -5.263  -8.899  1.00 22.05  ? 220 GLU A CG  1 
ATOM   710 C CD  . GLU A 1 157 ? -5.129  -4.909  -9.258  1.00 21.29  ? 220 GLU A CD  1 
ATOM   711 O OE1 . GLU A 1 157 ? -5.391  -3.918  -9.970  1.00 24.68  ? 220 GLU A OE1 1 
ATOM   712 O OE2 . GLU A 1 157 ? -5.975  -5.671  -8.718  1.00 25.62  ? 220 GLU A OE2 1 
ATOM   713 N N   A GLU A 1 158 ? -0.876  -6.979  -9.282  0.50 22.28  ? 221 GLU A N   1 
ATOM   714 N N   B GLU A 1 158 ? -0.827  -6.970  -9.297  0.50 22.66  ? 221 GLU A N   1 
ATOM   715 C CA  A GLU A 1 158 ? -0.702  -8.161  -10.108 0.50 25.08  ? 221 GLU A CA  1 
ATOM   716 C CA  B GLU A 1 158 ? -0.643  -8.130  -10.140 0.50 25.63  ? 221 GLU A CA  1 
ATOM   717 C C   A GLU A 1 158 ? -2.088  -8.501  -10.639 0.50 30.56  ? 221 GLU A C   1 
ATOM   718 C C   B GLU A 1 158 ? -2.042  -8.522  -10.641 0.50 30.74  ? 221 GLU A C   1 
ATOM   719 O O   A GLU A 1 158 ? -2.995  -8.753  -9.851  0.50 28.61  ? 221 GLU A O   1 
ATOM   720 O O   B GLU A 1 158 ? -2.916  -8.794  -9.835  0.50 27.99  ? 221 GLU A O   1 
ATOM   721 C CB  A GLU A 1 158 ? -0.192  -9.350  -9.275  0.50 28.01  ? 221 GLU A CB  1 
ATOM   722 C CB  B GLU A 1 158 ? -0.012  -9.215  -9.275  0.50 26.33  ? 221 GLU A CB  1 
ATOM   723 C CG  A GLU A 1 158 ? 1.141   -9.193  -8.554  0.50 28.58  ? 221 GLU A CG  1 
ATOM   724 C CG  B GLU A 1 158 ? 0.049   -10.616 -9.867  0.50 30.68  ? 221 GLU A CG  1 
ATOM   725 C CD  A GLU A 1 158 ? 1.730   -10.509 -8.027  0.50 37.47  ? 221 GLU A CD  1 
ATOM   726 C CD  B GLU A 1 158 ? 0.310   -11.671 -8.796  0.50 40.54  ? 221 GLU A CD  1 
ATOM   727 O OE1 A GLU A 1 158 ? 2.596   -10.446 -7.104  0.50 38.03  ? 221 GLU A OE1 1 
ATOM   728 O OE1 B GLU A 1 158 ? 0.706   -11.302 -7.668  0.50 46.48  ? 221 GLU A OE1 1 
ATOM   729 O OE2 A GLU A 1 158 ? 1.351   -11.593 -8.527  0.50 41.35  ? 221 GLU A OE2 1 
ATOM   730 O OE2 B GLU A 1 158 ? 0.104   -12.862 -9.062  0.50 51.91  ? 221 GLU A OE2 1 
ATOM   731 N N   . VAL A 1 159 ? -2.258  -8.498  -11.955 1.00 28.39  ? 222 VAL A N   1 
ATOM   732 C CA  . VAL A 1 159 ? -3.567  -8.758  -12.553 1.00 32.40  ? 222 VAL A CA  1 
ATOM   733 C C   . VAL A 1 159 ? -3.484  -9.926  -13.545 1.00 47.84  ? 222 VAL A C   1 
ATOM   734 O O   . VAL A 1 159 ? -2.378  -10.441 -13.834 1.00 49.90  ? 222 VAL A O   1 
ATOM   735 C CB  . VAL A 1 159 ? -4.070  -7.499  -13.253 1.00 37.70  ? 222 VAL A CB  1 
HETATM 736 O O   . HOH B 2 .   ? 4.953   8.996   -0.354  1.00 16.07  ? 301 HOH A O   1 
HETATM 737 O O   . HOH B 2 .   ? 6.052   10.892  9.471   1.00 18.02  ? 302 HOH A O   1 
HETATM 738 O O   . HOH B 2 .   ? -12.671 -2.049  9.079   1.00 16.03  ? 303 HOH A O   1 
HETATM 739 O O   . HOH B 2 .   ? -1.848  8.409   3.209   1.00 16.51  ? 304 HOH A O   1 
HETATM 740 O O   . HOH B 2 .   ? 2.096   -8.018  5.578   1.00 25.43  ? 305 HOH A O   1 
HETATM 741 O O   . HOH B 2 .   ? 6.796   10.092  -5.756  1.00 20.76  ? 306 HOH A O   1 
HETATM 742 O O   . HOH B 2 .   ? 1.484   -7.985  8.338   1.00 22.83  ? 307 HOH A O   1 
HETATM 743 O O   . HOH B 2 .   ? 5.060   9.051   12.513  1.00 55.66  ? 308 HOH A O   1 
HETATM 744 O O   . HOH B 2 .   ? 0.561   10.360  -6.526  1.00 25.76  ? 309 HOH A O   1 
HETATM 745 O O   . HOH B 2 .   ? -10.844 -0.053  9.378   1.00 29.92  ? 310 HOH A O   1 
HETATM 746 O O   . HOH B 2 .   ? -0.514  0.108   16.655  1.00 37.39  ? 311 HOH A O   1 
HETATM 747 O O   . HOH B 2 .   ? 9.976   -0.005  -2.184  1.00 20.15  ? 312 HOH A O   1 
HETATM 748 O O   . HOH B 2 .   ? -11.154 -5.310  -2.525  1.00 25.49  ? 313 HOH A O   1 
HETATM 749 O O   . HOH B 2 .   ? 3.876   7.463   -8.501  1.00 25.22  ? 314 HOH A O   1 
HETATM 750 O O   . HOH B 2 .   ? 1.102   3.276   11.328  1.00 30.28  ? 315 HOH A O   1 
HETATM 751 O O   . HOH B 2 .   ? 14.662  1.400   0.210   1.00 24.24  ? 316 HOH A O   1 
HETATM 752 O O   . HOH B 2 .   ? 8.421   -6.125  13.611  1.00 42.72  ? 317 HOH A O   1 
HETATM 753 O O   . HOH B 2 .   ? 6.874   -8.558  3.920   1.00 27.76  ? 318 HOH A O   1 
HETATM 754 O O   . HOH B 2 .   ? -8.342  9.514   2.231   1.00 31.98  ? 319 HOH A O   1 
HETATM 755 O O   . HOH B 2 .   ? 9.229   -9.567  0.943   1.00 38.66  ? 320 HOH A O   1 
HETATM 756 O O   . HOH B 2 .   ? 11.828  8.478   9.615   1.00 37.93  ? 321 HOH A O   1 
HETATM 757 O O   . HOH B 2 .   ? -0.760  9.335   6.782   1.00 24.43  ? 322 HOH A O   1 
HETATM 758 O O   . HOH B 2 .   ? 4.587   -9.502  5.565   1.00 34.02  ? 323 HOH A O   1 
HETATM 759 O O   . HOH B 2 .   ? -14.284 3.078   -2.180  1.00 34.64  ? 324 HOH A O   1 
HETATM 760 O O   . HOH B 2 .   ? 11.819  -7.241  4.997   1.00 30.15  ? 325 HOH A O   1 
HETATM 761 O O   . HOH B 2 .   ? 11.845  4.921   -7.413  1.00 34.88  ? 326 HOH A O   1 
HETATM 762 O O   . HOH B 2 .   ? -4.117  7.375   0.111   1.00 26.72  ? 327 HOH A O   1 
HETATM 763 O O   . HOH B 2 .   ? 0.619   -9.026  3.394   1.00 39.37  ? 328 HOH A O   1 
HETATM 764 O O   . HOH B 2 .   ? 3.786   6.652   12.878  1.00 30.97  ? 329 HOH A O   1 
HETATM 765 O O   . HOH B 2 .   ? 9.268   -7.841  7.173   1.00 32.92  ? 330 HOH A O   1 
HETATM 766 O O   . HOH B 2 .   ? -6.708  12.211  -3.400  1.00 42.57  ? 331 HOH A O   1 
HETATM 767 O O   . HOH B 2 .   ? -2.332  5.459   -9.906  1.00 35.13  ? 332 HOH A O   1 
HETATM 768 O O   . HOH B 2 .   ? 9.957   4.332   -4.439  1.00 29.47  ? 333 HOH A O   1 
HETATM 769 O O   . HOH B 2 .   ? 9.921   2.194   12.007  1.00 32.97  ? 334 HOH A O   1 
HETATM 770 O O   . HOH B 2 .   ? -3.897  9.087   1.471   1.00 30.61  ? 335 HOH A O   1 
HETATM 771 O O   . HOH B 2 .   ? -16.599 -1.436  6.890   1.00 31.29  ? 336 HOH A O   1 
HETATM 772 O O   . HOH B 2 .   ? 3.992   13.362  -4.712  1.00 23.82  ? 337 HOH A O   1 
HETATM 773 O O   . HOH B 2 .   ? 2.875   -2.009  11.779  1.00 26.51  ? 338 HOH A O   1 
HETATM 774 O O   . HOH B 2 .   ? 5.048   11.743  -6.776  1.00 34.19  ? 339 HOH A O   1 
HETATM 775 O O   . HOH B 2 .   ? 6.469   0.074   13.034  1.00 35.00  ? 340 HOH A O   1 
HETATM 776 O O   . HOH B 2 .   ? 1.385   13.130  -6.084  1.00 36.64  ? 341 HOH A O   1 
HETATM 777 O O   . HOH B 2 .   ? 14.585  3.861   1.788   1.00 34.29  ? 342 HOH A O   1 
HETATM 778 O O   . HOH B 2 .   ? -13.310 5.859   0.339   1.00 35.18  ? 343 HOH A O   1 
HETATM 779 O O   . HOH B 2 .   ? -5.426  5.958   -8.923  1.00 39.96  ? 344 HOH A O   1 
HETATM 780 O O   . HOH B 2 .   ? -10.918 -6.570  -13.355 1.00 54.39  ? 345 HOH A O   1 
HETATM 781 O O   . HOH B 2 .   ? -2.079  -8.832  4.525   1.00 40.02  ? 346 HOH A O   1 
HETATM 782 O O   . HOH B 2 .   ? 14.888  2.243   8.216   1.00 33.43  ? 347 HOH A O   1 
HETATM 783 O O   . HOH B 2 .   ? -0.872  14.724  -5.073  1.00 54.84  ? 348 HOH A O   1 
HETATM 784 O O   . HOH B 2 .   ? 2.904   15.736  -3.975  1.00 35.24  ? 349 HOH A O   1 
HETATM 785 O O   . HOH B 2 .   ? 1.613   17.484  2.083   1.00 27.16  ? 350 HOH A O   1 
HETATM 786 O O   . HOH B 2 .   ? 9.527   -4.705  -7.932  1.00 53.58  ? 351 HOH A O   1 
HETATM 787 O O   . HOH B 2 .   ? -7.648  4.311   8.321   1.00 33.67  ? 352 HOH A O   1 
HETATM 788 O O   . HOH B 2 .   ? 10.712  -3.266  -4.087  1.00 36.53  ? 353 HOH A O   1 
HETATM 789 O O   . HOH B 2 .   ? 4.369   -9.001  14.318  1.00 47.08  ? 354 HOH A O   1 
HETATM 790 O O   . HOH B 2 .   ? -16.910 2.931   2.689   1.00 54.44  ? 355 HOH A O   1 
HETATM 791 O O   . HOH B 2 .   ? -2.674  8.554   -9.426  1.00 41.34  ? 356 HOH A O   1 
HETATM 792 O O   . HOH B 2 .   ? 2.277   3.612   15.536  1.00 46.70  ? 357 HOH A O   1 
HETATM 793 O O   . HOH B 2 .   ? 10.381  2.769   -7.450  0.50 23.29  ? 358 HOH A O   1 
HETATM 794 O O   . HOH B 2 .   ? -10.793 5.592   4.599   1.00 35.16  ? 359 HOH A O   1 
HETATM 795 O O   . HOH B 2 .   ? -9.163  -7.914  1.427   1.00 76.80  ? 360 HOH A O   1 
HETATM 796 O O   . HOH B 2 .   ? 3.637   -0.334  13.233  1.00 41.78  ? 361 HOH A O   1 
HETATM 797 O O   . HOH B 2 .   ? 1.475   1.025   12.678  1.00 42.03  ? 362 HOH A O   1 
HETATM 798 O O   . HOH B 2 .   ? -0.451  -1.811  12.202  1.00 38.13  ? 363 HOH A O   1 
HETATM 799 O O   . HOH B 2 .   ? -3.724  2.336   15.209  1.00 47.12  ? 364 HOH A O   1 
HETATM 800 O O   . HOH B 2 .   ? -7.628  2.630   8.889   1.00 25.51  ? 365 HOH A O   1 
HETATM 801 O O   . HOH B 2 .   ? -0.432  15.842  -1.181  1.00 34.44  ? 366 HOH A O   1 
HETATM 802 O O   . HOH B 2 .   ? -8.307  -11.317 -5.976  1.00 56.72  ? 367 HOH A O   1 
HETATM 803 O O   . HOH B 2 .   ? 14.535  4.674   4.241   1.00 39.85  ? 368 HOH A O   1 
HETATM 804 O O   . HOH B 2 .   ? 13.854  5.035   7.797   1.00 40.64  ? 369 HOH A O   1 
HETATM 805 O O   . HOH B 2 .   ? 5.343   -9.427  -7.747  1.00 41.54  ? 370 HOH A O   1 
HETATM 806 O O   . HOH B 2 .   ? 0.800   4.816   -12.453 1.00 49.48  ? 371 HOH A O   1 
HETATM 807 O O   . HOH B 2 .   ? -16.755 3.473   -1.514  1.00 37.30  ? 372 HOH A O   1 
HETATM 808 O O   . HOH B 2 .   ? -1.321  6.574   -12.242 1.00 60.00  ? 373 HOH A O   1 
HETATM 809 O O   . HOH B 2 .   ? -11.848 4.359   6.388   1.00 45.93  ? 374 HOH A O   1 
HETATM 810 O O   . HOH B 2 .   ? 4.581   -11.288 1.457   1.00 49.14  ? 375 HOH A O   1 
HETATM 811 O O   . HOH B 2 .   ? -1.678  -12.344 1.016   1.00 47.14  ? 376 HOH A O   1 
HETATM 812 O O   . HOH B 2 .   ? -8.785  7.777   -5.628  1.00 41.28  ? 377 HOH A O   1 
HETATM 813 O O   . HOH B 2 .   ? 0.895   7.457   -9.126  1.00 42.96  ? 378 HOH A O   1 
HETATM 814 O O   . HOH B 2 .   ? 19.230  -3.022  9.553   1.00 49.24  ? 379 HOH A O   1 
HETATM 815 O O   . HOH B 2 .   ? 2.654   6.132   -11.119 1.00 52.39  ? 380 HOH A O   1 
HETATM 816 O O   . HOH B 2 .   ? 3.400   7.964   11.895  1.00 38.09  ? 381 HOH A O   1 
HETATM 817 O O   . HOH B 2 .   ? 5.985   8.487   10.904  1.00 23.28  ? 382 HOH A O   1 
HETATM 818 O O   . HOH B 2 .   ? -15.087 1.171   -4.023  1.00 36.59  ? 383 HOH A O   1 
HETATM 819 O O   . HOH B 2 .   ? -3.491  -9.749  3.110   1.00 48.32  ? 384 HOH A O   1 
HETATM 820 O O   . HOH B 2 .   ? -16.893 1.769   5.148   1.00 40.36  ? 385 HOH A O   1 
HETATM 821 O O   . HOH B 2 .   ? -20.295 1.571   5.358   1.00 37.00  ? 386 HOH A O   1 
HETATM 822 O O   . HOH B 2 .   ? -9.392  -5.915  -0.302  1.00 35.85  ? 387 HOH A O   1 
HETATM 823 O O   . HOH B 2 .   ? -13.061 -7.228  -1.675  1.00 45.02  ? 388 HOH A O   1 
HETATM 824 O O   . HOH B 2 .   ? 1.917   -10.614 1.972   1.00 38.75  ? 389 HOH A O   1 
HETATM 825 O O   . HOH B 2 .   ? -4.238  3.403   -10.300 1.00 50.26  ? 390 HOH A O   1 
HETATM 826 O O   . HOH B 2 .   ? 15.727  3.460   6.413   1.00 38.92  ? 391 HOH A O   1 
HETATM 827 O O   . HOH B 2 .   ? -4.964  14.792  -1.913  1.00 76.74  ? 392 HOH A O   1 
HETATM 828 O O   . HOH B 2 .   ? -15.517 -4.227  -8.758  1.00 46.03  ? 393 HOH A O   1 
HETATM 829 O O   . HOH B 2 .   ? 10.641  -2.058  11.227  1.00 55.26  ? 394 HOH A O   1 
HETATM 830 O O   . HOH B 2 .   ? -7.290  3.198   -11.643 1.00 49.96  ? 395 HOH A O   1 
HETATM 831 O O   . HOH B 2 .   ? -16.732 -6.975  1.874   1.00 66.47  ? 396 HOH A O   1 
HETATM 832 O O   . HOH B 2 .   ? 13.742  10.827  6.201   1.00 57.16  ? 397 HOH A O   1 
HETATM 833 O O   . HOH B 2 .   ? 1.687   5.250   13.078  1.00 38.45  ? 398 HOH A O   1 
HETATM 834 O O   . HOH B 2 .   ? -7.440  12.059  1.134   1.00 56.93  ? 399 HOH A O   1 
HETATM 835 O O   . HOH B 2 .   ? 9.904   6.894   -7.928  1.00 27.41  ? 400 HOH A O   1 
HETATM 836 O O   . HOH B 2 .   ? 5.119   6.523   15.255  1.00 42.10  ? 401 HOH A O   1 
HETATM 837 O O   . HOH B 2 .   ? -0.730  -7.007  4.316   1.00 51.27  ? 402 HOH A O   1 
# 
loop_
_atom_site_anisotrop.id 
_atom_site_anisotrop.type_symbol 
_atom_site_anisotrop.pdbx_label_atom_id 
_atom_site_anisotrop.pdbx_label_alt_id 
_atom_site_anisotrop.pdbx_label_comp_id 
_atom_site_anisotrop.pdbx_label_asym_id 
_atom_site_anisotrop.pdbx_label_seq_id 
_atom_site_anisotrop.pdbx_PDB_ins_code 
_atom_site_anisotrop.U[1][1] 
_atom_site_anisotrop.U[2][2] 
_atom_site_anisotrop.U[3][3] 
_atom_site_anisotrop.U[1][2] 
_atom_site_anisotrop.U[1][3] 
_atom_site_anisotrop.U[2][3] 
_atom_site_anisotrop.pdbx_auth_seq_id 
_atom_site_anisotrop.pdbx_auth_comp_id 
_atom_site_anisotrop.pdbx_auth_asym_id 
_atom_site_anisotrop.pdbx_auth_atom_id 
1   N N   . GLU A 75  ? 0.8153 0.4516 0.5724 0.0145  -0.0252 -0.2432 138 GLU A N   
2   C CA  . GLU A 75  ? 0.6322 0.4706 0.4224 -0.1317 0.0580  -0.2166 138 GLU A CA  
3   C C   . GLU A 75  ? 0.4082 0.4809 0.4056 -0.1987 0.1179  -0.1976 138 GLU A C   
4   O O   . GLU A 75  ? 0.3797 0.4445 0.4077 -0.1683 0.1078  -0.1309 138 GLU A O   
5   C CB  . GLU A 75  ? 0.6931 0.7230 0.6184 -0.0860 0.0187  -0.0113 138 GLU A CB  
6   N N   . ASN A 76  ? 0.4492 0.4435 0.3339 -0.1548 0.1235  -0.1264 139 ASN A N   
7   C CA  . ASN A 76  ? 0.3073 0.3734 0.2926 -0.0992 0.1097  -0.0741 139 ASN A CA  
8   C C   . ASN A 76  ? 0.2866 0.3812 0.2400 -0.1231 0.0137  -0.0638 139 ASN A C   
9   O O   . ASN A 76  ? 0.2924 0.4523 0.3527 -0.1247 0.0589  0.0139  139 ASN A O   
10  C CB  . ASN A 76  ? 0.3325 0.4300 0.3610 -0.0843 0.0815  -0.0891 139 ASN A CB  
11  C CG  . ASN A 76  ? 0.3793 0.4074 0.4436 -0.0313 0.1484  -0.0946 139 ASN A CG  
12  O OD1 . ASN A 76  ? 0.3709 0.3124 0.4809 -0.0841 0.0791  -0.0727 139 ASN A OD1 
13  N ND2 . ASN A 76  ? 0.4302 0.4603 0.7245 0.0366  0.1563  -0.0646 139 ASN A ND2 
14  N N   . TYR A 77  ? 0.3668 0.3960 0.2360 -0.1089 0.0793  -0.0857 140 TYR A N   
15  C CA  . TYR A 77  ? 0.3742 0.4246 0.2093 -0.0896 0.0415  -0.0832 140 TYR A CA  
16  C C   . TYR A 77  ? 0.3021 0.3549 0.2061 -0.1186 0.0558  -0.0419 140 TYR A C   
17  O O   . TYR A 77  ? 0.2742 0.3267 0.2025 -0.1058 0.0251  -0.0078 140 TYR A O   
18  C CB  . TYR A 77  ? 0.3691 0.5727 0.3276 -0.1121 -0.0164 -0.0190 140 TYR A CB  
19  C CG  . TYR A 77  ? 0.4562 0.7302 0.4510 -0.0355 -0.0671 0.0423  140 TYR A CG  
20  C CD1 . TYR A 77  ? 0.7250 1.6528 0.4588 0.0774  -0.1626 -0.0030 140 TYR A CD1 
21  C CD2 . TYR A 77  ? 0.7180 0.9901 0.9047 0.1546  -0.3110 -0.2849 140 TYR A CD2 
22  C CE1 . TYR A 77  ? 1.3146 1.1535 0.5834 -0.2168 0.1597  0.2477  140 TYR A CE1 
23  C CE2 . TYR A 77  ? 0.9029 0.8310 1.2114 0.0117  -0.1277 -0.0209 140 TYR A CE2 
24  C CZ  . TYR A 77  ? 1.4920 0.6297 0.9991 0.1318  0.0912  0.4358  140 TYR A CZ  
25  O OH  . TYR A 77  ? 1.4546 1.2512 1.1425 0.6671  -0.2473 0.4282  140 TYR A OH  
26  N N   . LEU A 78  ? 0.2851 0.3443 0.1820 -0.1019 0.0494  -0.0157 141 LEU A N   
27  C CA  . LEU A 78  ? 0.2129 0.2692 0.1901 -0.0472 0.0391  0.0038  141 LEU A CA  
28  C C   . LEU A 78  ? 0.2219 0.2798 0.1589 -0.0144 0.0202  0.0169  141 LEU A C   
29  O O   . LEU A 78  ? 0.2226 0.3657 0.1906 0.0158  -0.0001 0.0250  141 LEU A O   
30  C CB  . LEU A 78  ? 0.2201 0.2949 0.1662 -0.0520 0.0454  -0.0019 141 LEU A CB  
31  C CG  . LEU A 78  ? 0.1990 0.2600 0.1733 -0.0267 0.0409  -0.0011 141 LEU A CG  
32  C CD1 . LEU A 78  ? 0.1864 0.2611 0.1820 -0.0203 0.0311  -0.0060 141 LEU A CD1 
33  C CD2 . LEU A 78  ? 0.2193 0.2779 0.1956 -0.0418 0.0364  0.0214  141 LEU A CD2 
34  N N   . ILE A 79  ? 0.1890 0.3002 0.1508 -0.0266 0.0091  0.0156  142 ILE A N   
35  C CA  . ILE A 79  ? 0.1916 0.2938 0.1980 -0.0151 0.0037  0.0278  142 ILE A CA  
36  C C   . ILE A 79  ? 0.1929 0.2612 0.1303 0.0011  0.0317  0.0417  142 ILE A C   
37  O O   . ILE A 79  ? 0.2257 0.2844 0.1835 0.0223  0.0076  0.0465  142 ILE A O   
38  C CB  . ILE A 79  ? 0.1904 0.2840 0.2095 -0.0173 0.0213  0.0103  142 ILE A CB  
39  C CG1 . ILE A 79  ? 0.1815 0.3541 0.2115 -0.0376 0.0226  -0.0134 142 ILE A CG1 
40  C CG2 . ILE A 79  ? 0.1999 0.3114 0.2013 0.0071  0.0180  0.0092  142 ILE A CG2 
41  C CD1 . ILE A 79  ? 0.2220 0.3786 0.2444 -0.0475 0.0455  0.0036  142 ILE A CD1 
42  N N   . TYR A 80  ? 0.1964 0.1996 0.1656 0.0070  0.0218  0.0273  143 TYR A N   
43  C CA  . TYR A 80  ? 0.1927 0.2017 0.1493 -0.0045 0.0429  0.0397  143 TYR A CA  
44  C C   . TYR A 80  ? 0.1797 0.1811 0.1341 -0.0077 0.0230  0.0174  143 TYR A C   
45  O O   . TYR A 80  ? 0.2143 0.1734 0.1760 0.0002  0.0242  0.0143  143 TYR A O   
46  C CB  . TYR A 80  ? 0.1987 0.2428 0.1604 -0.0126 0.0544  0.0215  143 TYR A CB  
47  C CG  . TYR A 80  ? 0.2039 0.1968 0.1599 0.0111  0.0443  0.0435  143 TYR A CG  
48  C CD1 . TYR A 80  ? 0.2400 0.1955 0.1856 0.0321  0.0108  0.0386  143 TYR A CD1 
49  C CD2 . TYR A 80  ? 0.1862 0.1856 0.1567 0.0260  0.0437  0.0224  143 TYR A CD2 
50  C CE1 . TYR A 80  ? 0.2612 0.1744 0.2204 0.0411  0.0086  0.0329  143 TYR A CE1 
51  C CE2 . TYR A 80  ? 0.2072 0.1696 0.1484 0.0254  0.0420  0.0161  143 TYR A CE2 
52  C CZ  . TYR A 80  ? 0.2247 0.1779 0.1765 0.0260  0.0420  0.0214  143 TYR A CZ  
53  O OH  . TYR A 80  ? 0.2352 0.1884 0.2310 0.0428  0.0354  -0.0131 143 TYR A OH  
54  N N   . SER A 81  ? 0.1960 0.1612 0.1372 0.0104  0.0202  0.0230  144 SER A N   
55  C CA  . SER A 81  ? 0.1853 0.1394 0.1495 0.0141  0.0256  -0.0056 144 SER A CA  
56  C C   . SER A 81  ? 0.1879 0.1278 0.1526 0.0113  0.0261  0.0031  144 SER A C   
57  O O   . SER A 81  ? 0.2486 0.1470 0.1666 -0.0027 0.0378  0.0219  144 SER A O   
58  C CB  . SER A 81  ? 0.1891 0.1627 0.1616 -0.0017 0.0380  -0.0108 144 SER A CB  
59  O OG  . SER A 81  ? 0.1941 0.2394 0.2071 -0.0057 0.0323  -0.0398 144 SER A OG  
60  N N   . GLY A 82  ? 0.1789 0.1231 0.1415 0.0049  0.0323  -0.0036 145 GLY A N   
61  C CA  . GLY A 82  ? 0.1761 0.1232 0.1438 -0.0015 0.0354  -0.0028 145 GLY A CA  
62  C C   . GLY A 82  ? 0.1800 0.1241 0.1500 0.0038  0.0319  -0.0021 145 GLY A C   
63  O O   . GLY A 82  ? 0.1874 0.1312 0.1603 0.0093  0.0333  0.0006  145 GLY A O   
64  N N   A PHE A 83  ? 0.1620 0.1294 0.1536 0.0039  0.0352  -0.0078 146 PHE A N   
65  N N   B PHE A 83  ? 0.1759 0.1384 0.1631 0.0077  0.0413  -0.0184 146 PHE A N   
66  C CA  A PHE A 83  ? 0.1423 0.1358 0.1647 0.0042  0.0327  -0.0220 146 PHE A CA  
67  C CA  B PHE A 83  ? 0.1611 0.1560 0.1801 0.0057  0.0287  -0.0265 146 PHE A CA  
68  C C   A PHE A 83  ? 0.1450 0.1375 0.1568 0.0115  0.0255  -0.0198 146 PHE A C   
69  C C   B PHE A 83  ? 0.1494 0.1573 0.1616 0.0077  0.0283  -0.0121 146 PHE A C   
70  O O   A PHE A 83  ? 0.1688 0.1207 0.1551 0.0091  0.0344  -0.0018 146 PHE A O   
71  O O   B PHE A 83  ? 0.1843 0.1480 0.1526 0.0078  0.0491  -0.0020 146 PHE A O   
72  C CB  A PHE A 83  ? 0.1543 0.1401 0.1603 -0.0020 0.0386  -0.0206 146 PHE A CB  
73  C CB  B PHE A 83  ? 0.1881 0.1766 0.2059 -0.0237 0.0410  -0.0315 146 PHE A CB  
74  C CG  A PHE A 83  ? 0.1519 0.1529 0.1793 -0.0175 0.0590  -0.0271 146 PHE A CG  
75  C CG  B PHE A 83  ? 0.1937 0.2520 0.2266 -0.0235 0.0285  -0.0268 146 PHE A CG  
76  C CD1 A PHE A 83  ? 0.1704 0.2066 0.1651 -0.0274 0.0693  -0.0277 146 PHE A CD1 
77  C CD1 B PHE A 83  ? 0.2190 0.2563 0.2212 -0.0216 0.0041  -0.0007 146 PHE A CD1 
78  C CD2 A PHE A 83  ? 0.1831 0.1898 0.2035 0.0187  0.0798  -0.0117 146 PHE A CD2 
79  C CD2 B PHE A 83  ? 0.2238 0.2545 0.2473 -0.0315 0.0378  -0.0369 146 PHE A CD2 
80  C CE1 A PHE A 83  ? 0.2300 0.2084 0.1882 -0.0197 0.1070  -0.0238 146 PHE A CE1 
81  C CE1 B PHE A 83  ? 0.2153 0.2560 0.2481 -0.0120 -0.0180 -0.0282 146 PHE A CE1 
82  C CE2 A PHE A 83  ? 0.2504 0.2231 0.2860 0.0007  0.1405  -0.0672 146 PHE A CE2 
83  C CE2 B PHE A 83  ? 0.2869 0.2784 0.2424 -0.0388 0.0187  -0.0187 146 PHE A CE2 
84  C CZ  A PHE A 83  ? 0.2490 0.2339 0.2981 0.0169  0.0787  -0.0848 146 PHE A CZ  
85  C CZ  B PHE A 83  ? 0.2509 0.2980 0.2019 -0.0353 0.0410  -0.0238 146 PHE A CZ  
86  N N   . GLY A 84  ? 0.1602 0.1235 0.1646 0.0154  0.0194  -0.0175 147 GLY A N   
87  C CA  . GLY A 84  ? 0.1830 0.1369 0.1612 0.0041  0.0259  -0.0218 147 GLY A CA  
88  C C   . GLY A 84  ? 0.1718 0.1267 0.1602 0.0074  0.0152  -0.0015 147 GLY A C   
89  O O   . GLY A 84  ? 0.1511 0.1281 0.1960 0.0144  0.0184  0.0006  147 GLY A O   
90  N N   . THR A 85  ? 0.1704 0.1280 0.1564 -0.0045 0.0261  -0.0032 148 THR A N   
91  C CA  . THR A 85  ? 0.1650 0.1075 0.1587 0.0059  0.0107  0.0109  148 THR A CA  
92  C C   . THR A 85  ? 0.1568 0.1229 0.1568 0.0068  0.0198  0.0116  148 THR A C   
93  O O   . THR A 85  ? 0.1562 0.1876 0.1815 0.0036  0.0243  0.0336  148 THR A O   
94  C CB  . THR A 85  ? 0.1694 0.1450 0.1632 -0.0052 0.0244  -0.0082 148 THR A CB  
95  O OG1 . THR A 85  ? 0.2031 0.1491 0.1668 0.0117  0.0489  -0.0021 148 THR A OG1 
96  C CG2 . THR A 85  ? 0.1725 0.1530 0.1857 -0.0078 0.0133  -0.0151 148 THR A CG2 
97  N N   A SER A 86  ? 0.1593 0.1456 0.1527 0.0100  0.0214  0.0144  149 SER A N   
98  N N   B SER A 86  ? 0.1415 0.1266 0.1498 0.0055  0.0236  0.0081  149 SER A N   
99  C CA  A SER A 86  ? 0.1710 0.1693 0.1845 -0.0027 0.0010  0.0091  149 SER A CA  
100 C CA  B SER A 86  ? 0.1406 0.1258 0.1596 0.0016  0.0201  -0.0084 149 SER A CA  
101 C C   A SER A 86  ? 0.1685 0.1566 0.1725 -0.0024 0.0267  -0.0048 149 SER A C   
102 C C   B SER A 86  ? 0.1676 0.1377 0.1611 0.0009  0.0242  -0.0042 149 SER A C   
103 O O   A SER A 86  ? 0.1774 0.1433 0.1587 0.0095  0.0216  0.0335  149 SER A O   
104 O O   B SER A 86  ? 0.1700 0.1207 0.1651 -0.0047 0.0252  0.0036  149 SER A O   
105 C CB  A SER A 86  ? 0.2055 0.2064 0.2108 0.0132  0.0110  -0.0103 149 SER A CB  
106 C CB  B SER A 86  ? 0.1355 0.1417 0.1503 0.0171  0.0250  -0.0091 149 SER A CB  
107 O OG  A SER A 86  ? 0.3004 0.2161 0.2366 0.0174  0.0403  0.0131  149 SER A OG  
108 O OG  B SER A 86  ? 0.1480 0.2152 0.1840 0.0640  -0.0062 -0.0334 149 SER A OG  
109 N N   . LEU A 87  ? 0.1687 0.1450 0.1646 0.0173  0.0218  0.0101  150 LEU A N   
110 C CA  . LEU A 87  ? 0.1920 0.1516 0.1703 0.0239  0.0199  0.0096  150 LEU A CA  
111 C C   . LEU A 87  ? 0.2204 0.1323 0.2299 0.0437  0.0201  -0.0191 150 LEU A C   
112 O O   . LEU A 87  ? 0.2572 0.1876 0.2235 0.0686  0.0306  -0.0072 150 LEU A O   
113 C CB  . LEU A 87  ? 0.1884 0.1637 0.1619 0.0133  0.0190  0.0256  150 LEU A CB  
114 C CG  . LEU A 87  ? 0.1829 0.1514 0.1746 -0.0004 0.0093  0.0413  150 LEU A CG  
115 C CD1 . LEU A 87  ? 0.1937 0.2058 0.1893 -0.0147 -0.0031 0.0330  150 LEU A CD1 
116 C CD2 . LEU A 87  ? 0.2001 0.1411 0.2535 -0.0094 0.0245  0.0168  150 LEU A CD2 
117 N N   . PRO A 88  ? 0.2938 0.3941 0.2849 0.0285  -0.0558 0.1300  151 PRO A N   
118 C CA  . PRO A 88  ? 0.3367 0.3988 0.2912 0.0195  -0.0667 0.1659  151 PRO A CA  
119 C C   . PRO A 88  ? 0.3374 0.4132 0.3107 0.0242  -0.0688 0.1842  151 PRO A C   
120 O O   . PRO A 88  ? 0.3672 0.4284 0.4039 0.0475  -0.1089 0.1638  151 PRO A O   
121 C CB  . PRO A 88  ? 0.3785 0.4336 0.2988 -0.0295 -0.0640 0.1781  151 PRO A CB  
122 C CG  . PRO A 88  ? 0.3276 0.4574 0.2725 -0.0397 -0.0493 0.1659  151 PRO A CG  
123 C CD  . PRO A 88  ? 0.2968 0.4236 0.2464 -0.0093 -0.0425 0.1350  151 PRO A CD  
124 N N   A GLN A 89  ? 0.3299 0.4173 0.2701 0.0231  -0.0560 0.1838  152 GLN A N   
125 N N   B GLN A 89  ? 0.3216 0.4238 0.2961 0.0274  -0.0629 0.1675  152 GLN A N   
126 C CA  A GLN A 89  ? 0.3410 0.4350 0.2988 0.0233  -0.0748 0.1908  152 GLN A CA  
127 C CA  B GLN A 89  ? 0.3232 0.4455 0.3214 0.0200  -0.0659 0.1788  152 GLN A CA  
128 C C   A GLN A 89  ? 0.2974 0.4321 0.2662 0.0324  -0.0570 0.1721  152 GLN A C   
129 C C   B GLN A 89  ? 0.2968 0.4335 0.2646 0.0381  -0.0588 0.1709  152 GLN A C   
130 O O   A GLN A 89  ? 0.2572 0.4221 0.2506 0.0422  -0.0382 0.1461  152 GLN A O   
131 O O   B GLN A 89  ? 0.2663 0.4110 0.2341 0.0310  -0.0279 0.1623  152 GLN A O   
132 C CB  A GLN A 89  ? 0.3663 0.5215 0.3075 -0.0260 -0.0842 0.2149  152 GLN A CB  
133 C CB  B GLN A 89  ? 0.3777 0.5209 0.3471 -0.0051 -0.0770 0.2182  152 GLN A CB  
134 C CG  A GLN A 89  ? 0.3767 0.5181 0.3281 -0.0300 -0.0494 0.2212  152 GLN A CG  
135 C CG  B GLN A 89  ? 0.3861 0.5194 0.3306 -0.0242 -0.0777 0.2169  152 GLN A CG  
136 C CD  A GLN A 89  ? 0.4769 0.6431 0.3389 -0.0008 -0.0360 0.2679  152 GLN A CD  
137 C CD  B GLN A 89  ? 0.4392 0.5800 0.4340 -0.0639 -0.0265 0.2857  152 GLN A CD  
138 O OE1 A GLN A 89  ? 0.7521 0.6350 0.4058 -0.1200 -0.0771 0.2744  152 GLN A OE1 
139 O OE1 B GLN A 89  ? 0.6167 0.5918 0.5136 -0.0112 0.0395  0.2977  152 GLN A OE1 
140 N NE2 A GLN A 89  ? 0.4506 0.6850 0.3361 0.0115  -0.0422 0.3038  152 GLN A NE2 
141 N NE2 B GLN A 89  ? 0.4328 0.5742 0.3274 -0.1316 -0.1241 0.2603  152 GLN A NE2 
142 N N   . THR A 90  ? 0.2967 0.4455 0.2700 0.0458  -0.0643 0.1824  153 THR A N   
143 C CA  . THR A 90  ? 0.2973 0.4513 0.2604 0.0403  -0.0419 0.1746  153 THR A CA  
144 C C   . THR A 90  ? 0.2801 0.4732 0.2472 -0.0035 -0.0303 0.1807  153 THR A C   
145 O O   . THR A 90  ? 0.3004 0.4832 0.2666 -0.0246 -0.0367 0.1977  153 THR A O   
146 C CB  . THR A 90  ? 0.3256 0.4674 0.2803 0.0615  0.0044  0.1776  153 THR A CB  
147 O OG1 . THR A 90  ? 0.3467 0.5071 0.3620 0.0581  -0.0472 0.2048  153 THR A OG1 
148 C CG2 . THR A 90  ? 0.3300 0.4609 0.2921 0.0920  0.0026  0.1658  153 THR A CG2 
149 N N   . TYR A 91  ? 0.2477 0.4708 0.1879 0.0078  -0.0135 0.1859  154 TYR A N   
150 C CA  . TYR A 91  ? 0.2533 0.4906 0.1768 -0.0193 -0.0209 0.1821  154 TYR A CA  
151 C C   . TYR A 91  ? 0.2382 0.5106 0.1894 -0.0220 -0.0172 0.1916  154 TYR A C   
152 O O   . TYR A 91  ? 0.2682 0.4928 0.1841 -0.0312 -0.0061 0.1704  154 TYR A O   
153 C CB  . TYR A 91  ? 0.2519 0.4953 0.1826 -0.0185 0.0023  0.1577  154 TYR A CB  
154 C CG  . TYR A 91  ? 0.2451 0.5021 0.1852 -0.0180 0.0016  0.1523  154 TYR A CG  
155 C CD1 . TYR A 91  ? 0.2462 0.5325 0.1893 -0.0533 -0.0116 0.1577  154 TYR A CD1 
156 C CD2 . TYR A 91  ? 0.2357 0.4564 0.1852 -0.0031 0.0022  0.1503  154 TYR A CD2 
157 C CE1 . TYR A 91  ? 0.2753 0.5185 0.2176 -0.0688 0.0017  0.1670  154 TYR A CE1 
158 C CE2 . TYR A 91  ? 0.2518 0.4634 0.2097 -0.0085 -0.0017 0.1307  154 TYR A CE2 
159 C CZ  . TYR A 91  ? 0.2569 0.4898 0.2342 -0.0307 -0.0126 0.1519  154 TYR A CZ  
160 O OH  . TYR A 91  ? 0.2772 0.4821 0.2880 -0.0316 -0.0350 0.1411  154 TYR A OH  
161 N N   . THR A 92  ? 0.3056 0.5460 0.1908 -0.0825 -0.0012 0.1778  155 THR A N   
162 C CA  . THR A 92  ? 0.2913 0.5600 0.2233 -0.0847 -0.0290 0.2097  155 THR A CA  
163 C C   . THR A 92  ? 0.2892 0.5926 0.1919 -0.1003 -0.0294 0.1582  155 THR A C   
164 O O   . THR A 92  ? 0.3585 0.6283 0.2483 -0.1259 0.0307  0.1303  155 THR A O   
165 C CB  . THR A 92  ? 0.3033 0.6247 0.2814 -0.0946 -0.0796 0.2091  155 THR A CB  
166 O OG1 . THR A 92  ? 0.3338 0.6151 0.4305 -0.0757 -0.1194 0.1637  155 THR A OG1 
167 C CG2 . THR A 92  ? 0.3209 0.6079 0.4175 -0.0885 -0.1191 0.2054  155 THR A CG2 
168 N N   . ILE A 93  ? 0.2523 0.5714 0.1724 -0.0667 -0.0061 0.1392  156 ILE A N   
169 C CA  . ILE A 93  ? 0.2624 0.6000 0.2343 -0.0962 0.0587  0.0927  156 ILE A CA  
170 C C   . ILE A 93  ? 0.3182 0.6611 0.2438 -0.0710 0.0230  0.0850  156 ILE A C   
171 O O   . ILE A 93  ? 0.3167 0.6948 0.2654 -0.0753 0.0051  0.0363  156 ILE A O   
172 C CB  . ILE A 93  ? 0.3503 0.6930 0.2712 -0.0630 0.0375  0.1513  156 ILE A CB  
173 C CG1 . ILE A 93  ? 0.3501 0.6978 0.2977 -0.0283 0.0221  0.1253  156 ILE A CG1 
174 C CG2 . ILE A 93  ? 0.3994 0.7326 0.3417 -0.0570 0.0251  0.1025  156 ILE A CG2 
175 C CD1 . ILE A 93  ? 0.3886 0.6784 0.3294 -0.0354 0.0327  0.1224  156 ILE A CD1 
176 N N   . PRO A 94  ? 0.3128 0.7258 0.2651 -0.1288 0.0200  0.0333  157 PRO A N   
177 C CA  . PRO A 94  ? 0.3946 0.9326 0.2677 -0.0846 -0.0059 0.0418  157 PRO A CA  
178 C C   . PRO A 94  ? 0.4551 0.9111 0.3052 -0.0725 0.0389  -0.0068 157 PRO A C   
179 O O   . PRO A 94  ? 0.5793 1.0659 0.3836 -0.1311 -0.0765 -0.0979 157 PRO A O   
180 C CB  . PRO A 94  ? 0.5762 1.0042 0.2628 -0.1705 0.0542  0.0705  157 PRO A CB  
181 C CG  . PRO A 94  ? 0.4837 0.9545 0.2217 -0.1508 0.1397  -0.0045 157 PRO A CG  
182 C CD  . PRO A 94  ? 0.3329 0.8740 0.2026 -0.1054 0.0656  0.0327  157 PRO A CD  
183 N N   . ALA A 95  ? 0.3533 0.8301 0.2774 -0.1578 0.0362  -0.0347 158 ALA A N   
184 C CA  . ALA A 95  ? 0.3126 0.7970 0.2944 -0.1494 0.0038  0.0357  158 ALA A CA  
185 C C   . ALA A 95  ? 0.3424 0.8148 0.2700 -0.0806 0.0260  0.0292  158 ALA A C   
186 O O   . ALA A 95  ? 0.2978 0.6563 0.2736 -0.1343 0.0461  0.0190  158 ALA A O   
187 C CB  . ALA A 95  ? 0.3804 0.8693 0.2614 -0.1779 0.0134  -0.0105 158 ALA A CB  
188 N N   . ASN A 96  ? 0.3375 0.5500 0.4373 -0.1488 -0.0023 -0.0893 159 ASN A N   
189 C CA  . ASN A 96  ? 0.3590 0.4881 0.3511 -0.1187 -0.0336 -0.1655 159 ASN A CA  
190 C C   . ASN A 96  ? 0.3206 0.5899 0.3482 -0.1640 0.0331  -0.1332 159 ASN A C   
191 O O   . ASN A 96  ? 0.3731 0.6542 0.3847 -0.1805 0.0738  -0.1837 159 ASN A O   
192 C CB  . ASN A 96  ? 0.3736 0.5692 0.4269 -0.1754 -0.0037 -0.1726 159 ASN A CB  
193 C CG  . ASN A 96  ? 0.3938 0.6239 0.4960 -0.1226 -0.0510 -0.1992 159 ASN A CG  
194 O OD1 . ASN A 96  ? 0.3439 0.5756 0.4619 -0.1606 -0.0322 -0.1608 159 ASN A OD1 
195 N ND2 . ASN A 96  ? 0.4868 0.7711 0.8756 -0.2265 -0.0388 -0.3158 159 ASN A ND2 
196 N N   . GLY A 97  ? 0.3170 0.4720 0.3453 -0.1280 0.0477  -0.1406 160 GLY A N   
197 C CA  . GLY A 97  ? 0.3372 0.3981 0.3857 -0.1244 0.0689  -0.1512 160 GLY A CA  
198 C C   . GLY A 97  ? 0.3028 0.4062 0.3667 -0.1162 0.0847  -0.1192 160 GLY A C   
199 O O   . GLY A 97  ? 0.2990 0.3896 0.3929 -0.1156 0.1029  -0.1051 160 GLY A O   
200 N N   . TYR A 98  ? 0.3036 0.3437 0.3732 -0.1408 0.0811  -0.0993 161 TYR A N   
201 C CA  . TYR A 98  ? 0.2823 0.2866 0.3463 -0.1179 0.0957  -0.0743 161 TYR A CA  
202 C C   . TYR A 98  ? 0.2498 0.2733 0.3039 -0.1013 0.0855  -0.0665 161 TYR A C   
203 O O   . TYR A 98  ? 0.2781 0.2733 0.3020 -0.0878 0.1048  -0.0863 161 TYR A O   
204 C CB  . TYR A 98  ? 0.3344 0.2791 0.4165 -0.0989 0.1160  -0.0664 161 TYR A CB  
205 C CG  . TYR A 98  ? 0.4679 0.3413 0.5135 -0.1869 0.1141  -0.0733 161 TYR A CG  
206 C CD1 . TYR A 98  ? 0.4365 0.3128 0.5466 -0.1340 0.1220  -0.0247 161 TYR A CD1 
207 C CD2 . TYR A 98  ? 0.5765 0.3425 0.6062 -0.2451 0.1117  -0.1155 161 TYR A CD2 
208 C CE1 . TYR A 98  ? 0.6553 0.2734 0.8685 -0.1450 0.2133  0.0481  161 TYR A CE1 
209 C CE2 . TYR A 98  ? 1.3576 0.4305 0.8343 -0.5344 0.0635  0.0111  161 TYR A CE2 
210 C CZ  . TYR A 98  ? 0.8450 0.2864 0.9324 -0.2211 0.1619  0.0460  161 TYR A CZ  
211 O OH  . TYR A 98  ? 1.6839 0.5331 1.9167 -0.6839 0.6217  -0.1839 161 TYR A OH  
212 N N   . LEU A 99  ? 0.2423 0.2663 0.2796 -0.1068 0.0857  -0.0524 162 LEU A N   
213 C CA  . LEU A 99  ? 0.2169 0.2481 0.2410 -0.0668 0.0576  -0.0538 162 LEU A CA  
214 C C   . LEU A 99  ? 0.2191 0.2227 0.2516 -0.0824 0.0464  -0.0341 162 LEU A C   
215 O O   . LEU A 99  ? 0.2475 0.2339 0.2990 -0.0535 0.0780  0.0087  162 LEU A O   
216 C CB  . LEU A 99  ? 0.2113 0.2593 0.2337 -0.0548 0.0625  -0.0410 162 LEU A CB  
217 C CG  . LEU A 99  ? 0.2015 0.2370 0.2434 -0.0381 0.0286  -0.0161 162 LEU A CG  
218 C CD1 . LEU A 99  ? 0.2076 0.2650 0.2249 -0.0591 0.0416  -0.0259 162 LEU A CD1 
219 C CD2 . LEU A 99  ? 0.2294 0.2535 0.2697 -0.0298 0.0512  -0.0239 162 LEU A CD2 
220 N N   . ILE A 100 ? 0.2256 0.1986 0.2237 -0.0648 0.0554  -0.0248 163 ILE A N   
221 C CA  . ILE A 100 ? 0.2396 0.1983 0.2268 -0.0485 0.0505  -0.0116 163 ILE A CA  
222 C C   . ILE A 100 ? 0.2100 0.1843 0.2238 -0.0407 0.0508  -0.0031 163 ILE A C   
223 O O   . ILE A 100 ? 0.1994 0.2092 0.2032 -0.0486 0.0426  -0.0053 163 ILE A O   
224 C CB  . ILE A 100 ? 0.2214 0.2528 0.3016 -0.0431 0.0692  -0.0286 163 ILE A CB  
225 C CG1 . ILE A 100 ? 0.2941 0.2797 0.3510 -0.0518 0.1150  -0.0643 163 ILE A CG1 
226 C CG2 . ILE A 100 ? 0.2478 0.2116 0.2710 -0.0249 0.0519  -0.0195 163 ILE A CG2 
227 C CD1 . ILE A 100 ? 0.3862 0.3045 0.4171 -0.0609 0.1553  -0.0395 163 ILE A CD1 
228 N N   . ILE A 101 ? 0.2066 0.1722 0.2231 -0.0226 0.0323  0.0080  164 ILE A N   
229 C CA  . ILE A 101 ? 0.2006 0.1628 0.2064 -0.0059 0.0335  0.0132  164 ILE A CA  
230 C C   . ILE A 101 ? 0.1885 0.1608 0.2029 -0.0263 0.0254  0.0012  164 ILE A C   
231 O O   . ILE A 101 ? 0.2168 0.1776 0.2464 -0.0023 0.0357  0.0373  164 ILE A O   
232 C CB  . ILE A 101 ? 0.2229 0.1978 0.2047 -0.0040 0.0367  0.0003  164 ILE A CB  
233 C CG1 . ILE A 101 ? 0.2183 0.2296 0.2289 -0.0230 0.0307  -0.0270 164 ILE A CG1 
234 C CG2 . ILE A 101 ? 0.1907 0.2143 0.2201 0.0015  0.0050  -0.0091 164 ILE A CG2 
235 C CD1 . ILE A 101 ? 0.2454 0.3012 0.2560 -0.0389 0.0355  -0.0006 164 ILE A CD1 
236 N N   . SER A 102 ? 0.1877 0.1618 0.2019 -0.0049 0.0316  0.0223  165 SER A N   
237 C CA  . SER A 102 ? 0.1855 0.1417 0.2076 -0.0022 0.0333  0.0028  165 SER A CA  
238 C C   . SER A 102 ? 0.1717 0.1390 0.2059 -0.0119 0.0182  0.0077  165 SER A C   
239 O O   . SER A 102 ? 0.1970 0.1431 0.2125 -0.0072 0.0131  0.0250  165 SER A O   
240 C CB  . SER A 102 ? 0.2273 0.1850 0.2195 -0.0050 0.0538  -0.0096 165 SER A CB  
241 O OG  . SER A 102 ? 0.2266 0.2871 0.3338 -0.0146 0.0513  -0.0189 165 SER A OG  
242 N N   A ILE A 103 ? 0.1799 0.3234 0.2720 0.0750  0.0059  -0.0627 166 ILE A N   
243 N N   B ILE A 103 ? 0.1817 0.3240 0.2701 0.0745  0.0078  -0.0627 166 ILE A N   
244 C CA  A ILE A 103 ? 0.1764 0.3260 0.2313 0.0728  -0.0004 -0.0437 166 ILE A CA  
245 C CA  B ILE A 103 ? 0.1764 0.3265 0.2313 0.0732  -0.0002 -0.0437 166 ILE A CA  
246 C C   A ILE A 103 ? 0.1797 0.3383 0.2460 0.0846  0.0005  -0.0463 166 ILE A C   
247 C C   B ILE A 103 ? 0.1796 0.3388 0.2465 0.0849  0.0002  -0.0465 166 ILE A C   
248 O O   A ILE A 103 ? 0.1960 0.3356 0.2666 0.0756  0.0065  -0.0346 166 ILE A O   
249 O O   B ILE A 103 ? 0.1961 0.3354 0.2673 0.0762  0.0070  -0.0351 166 ILE A O   
250 C CB  A ILE A 103 ? 0.1723 0.3213 0.2292 0.0650  -0.0018 -0.0396 166 ILE A CB  
251 C CB  B ILE A 103 ? 0.1723 0.3213 0.2292 0.0649  -0.0019 -0.0399 166 ILE A CB  
252 C CG1 A ILE A 103 ? 0.1734 0.3213 0.2377 0.0663  -0.0014 -0.0355 166 ILE A CG1 
253 C CG1 B ILE A 103 ? 0.1754 0.3242 0.2400 0.0673  -0.0035 -0.0373 166 ILE A CG1 
254 C CG2 A ILE A 103 ? 0.1731 0.3335 0.2284 0.0602  -0.0016 -0.0446 166 ILE A CG2 
255 C CG2 B ILE A 103 ? 0.1734 0.3343 0.2285 0.0603  -0.0018 -0.0444 166 ILE A CG2 
256 C CD1 A ILE A 103 ? 0.1726 0.3196 0.2370 0.0701  0.0013  -0.0375 166 ILE A CD1 
257 C CD1 B ILE A 103 ? 0.1859 0.3552 0.2435 0.0617  -0.0008 -0.0275 166 ILE A CD1 
258 N N   . THR A 104 ? 0.1717 0.3410 0.2384 0.0853  -0.0025 -0.0480 167 THR A N   
259 C CA  . THR A 104 ? 0.1808 0.3670 0.2697 0.0919  -0.0299 -0.0543 167 THR A CA  
260 C C   . THR A 104 ? 0.1592 0.3451 0.2390 0.0777  0.0059  -0.0350 167 THR A C   
261 O O   . THR A 104 ? 0.1565 0.3407 0.2530 0.0697  0.0060  -0.0348 167 THR A O   
262 C CB  . THR A 104 ? 0.2012 0.4897 0.3100 0.1017  -0.0015 -0.1042 167 THR A CB  
263 O OG1 . THR A 104 ? 0.1658 0.4974 0.3242 0.0846  0.0263  -0.0288 167 THR A OG1 
264 C CG2 . THR A 104 ? 0.2653 0.4431 0.3471 0.1421  -0.0445 -0.0861 167 THR A CG2 
265 N N   A ASN A 105 ? 0.1621 0.3420 0.2291 0.0731  0.0034  -0.0432 168 ASN A N   
266 N N   B ASN A 105 ? 0.1637 0.3428 0.2293 0.0730  0.0029  -0.0426 168 ASN A N   
267 C CA  A ASN A 105 ? 0.1677 0.3403 0.2483 0.0696  -0.0048 -0.0412 168 ASN A CA  
268 C CA  B ASN A 105 ? 0.1710 0.3436 0.2512 0.0682  -0.0065 -0.0379 168 ASN A CA  
269 C C   A ASN A 105 ? 0.1779 0.3466 0.2398 0.0778  -0.0065 -0.0432 168 ASN A C   
270 C C   B ASN A 105 ? 0.1792 0.3530 0.2400 0.0763  -0.0077 -0.0407 168 ASN A C   
271 O O   A ASN A 105 ? 0.1624 0.3482 0.2358 0.0801  0.0019  -0.0429 168 ASN A O   
272 O O   B ASN A 105 ? 0.1973 0.3483 0.2463 0.0779  -0.0067 -0.0410 168 ASN A O   
273 C CB  A ASN A 105 ? 0.1827 0.3575 0.2539 0.0632  0.0082  -0.0453 168 ASN A CB  
274 C CB  B ASN A 105 ? 0.1892 0.3577 0.2594 0.0621  0.0059  -0.0422 168 ASN A CB  
275 C CG  A ASN A 105 ? 0.1672 0.3581 0.2503 0.0668  0.0019  -0.0435 168 ASN A CG  
276 C CG  B ASN A 105 ? 0.1719 0.3649 0.2714 0.0746  0.0134  -0.0357 168 ASN A CG  
277 O OD1 A ASN A 105 ? 0.1624 0.3574 0.2370 0.0722  0.0078  -0.0483 168 ASN A OD1 
278 O OD1 B ASN A 105 ? 0.2428 0.3907 0.2979 0.0276  -0.0066 -0.0146 168 ASN A OD1 
279 N ND2 A ASN A 105 ? 0.1875 0.3621 0.2469 0.0805  0.0207  -0.0607 168 ASN A ND2 
280 N ND2 B ASN A 105 ? 0.2079 0.3876 0.2838 0.0739  0.0064  -0.0480 168 ASN A ND2 
281 N N   . THR A 106 ? 0.1723 0.3660 0.2456 0.0743  -0.0019 -0.0529 169 THR A N   
282 C CA  . THR A 106 ? 0.1810 0.4017 0.2439 0.0831  -0.0114 -0.0540 169 THR A CA  
283 C C   . THR A 106 ? 0.1819 0.4013 0.2572 0.0813  -0.0159 -0.0448 169 THR A C   
284 O O   . THR A 106 ? 0.2288 0.4524 0.2961 0.1046  -0.0355 0.0048  169 THR A O   
285 C CB  . THR A 106 ? 0.1879 0.4318 0.3014 0.0635  -0.0253 -0.0484 169 THR A CB  
286 O OG1 . THR A 106 ? 0.2545 0.4255 0.3235 0.0445  -0.0389 -0.0876 169 THR A OG1 
287 C CG2 . THR A 106 ? 0.2119 0.4999 0.3589 0.0192  0.0047  -0.0091 169 THR A CG2 
288 N N   . SER A 107 ? 0.2080 0.4206 0.2763 0.0381  -0.0108 0.0004  170 SER A N   
289 C CA  . SER A 107 ? 0.2633 0.4764 0.2945 0.0140  -0.0079 0.0296  170 SER A CA  
290 C C   . SER A 107 ? 0.2294 0.4469 0.3088 0.0592  -0.0063 -0.0076 170 SER A C   
291 O O   . SER A 107 ? 0.2122 0.3894 0.3064 0.0733  -0.0148 0.0203  170 SER A O   
292 C CB  . SER A 107 ? 0.4628 0.6658 0.3075 -0.0309 0.1217  -0.0209 170 SER A CB  
293 O OG  . SER A 107 ? 0.6496 0.7194 0.3464 -0.0176 0.0281  0.0155  170 SER A OG  
294 N N   . THR A 108 ? 0.2198 0.4696 0.3095 0.0768  -0.0158 0.0174  171 THR A N   
295 C CA  A THR A 108 ? 0.2274 0.4790 0.3325 0.0590  -0.0165 0.0445  171 THR A CA  
296 C CA  B THR A 108 ? 0.2096 0.4551 0.3274 0.0763  -0.0223 0.0361  171 THR A CA  
297 C C   . THR A 108 ? 0.2613 0.5043 0.3422 0.0625  0.0068  0.0886  171 THR A C   
298 O O   . THR A 108 ? 0.3479 0.5316 0.3632 -0.0054 0.0472  0.0685  171 THR A O   
299 C CB  A THR A 108 ? 0.2564 0.4925 0.3966 0.0806  -0.0047 0.0201  171 THR A CB  
300 C CB  B THR A 108 ? 0.1968 0.4370 0.3601 0.0593  -0.0480 0.0510  171 THR A CB  
301 O OG1 A THR A 108 ? 0.3318 0.5094 0.3589 0.0851  0.0005  0.0310  171 THR A OG1 
302 O OG1 B THR A 108 ? 0.2495 0.4702 0.3693 0.0766  -0.0522 0.0776  171 THR A OG1 
303 C CG2 A THR A 108 ? 0.3370 0.5494 0.5396 0.0105  -0.0360 0.0443  171 THR A CG2 
304 C CG2 B THR A 108 ? 0.2373 0.3978 0.3455 0.0709  -0.0316 0.0005  171 THR A CG2 
305 N N   . GLY A 109 ? 0.2452 0.2677 0.2680 0.0783  0.0190  0.1202  172 GLY A N   
306 C CA  . GLY A 109 ? 0.2681 0.2697 0.2601 0.0676  0.0264  0.1311  172 GLY A CA  
307 C C   . GLY A 109 ? 0.2318 0.2756 0.2411 0.0505  0.0058  0.0958  172 GLY A C   
308 O O   . GLY A 109 ? 0.1841 0.2643 0.2377 0.0316  0.0104  0.0809  172 GLY A O   
309 N N   . ASN A 110 ? 0.2133 0.2432 0.2362 0.0524  0.0011  0.1030  173 ASN A N   
310 C CA  . ASN A 110 ? 0.2013 0.2268 0.2031 0.0391  -0.0122 0.0763  173 ASN A CA  
311 C C   . ASN A 110 ? 0.1924 0.2151 0.1895 0.0381  -0.0146 0.0605  173 ASN A C   
312 O O   . ASN A 110 ? 0.2373 0.2562 0.2669 0.0153  -0.0625 0.0816  173 ASN A O   
313 C CB  . ASN A 110 ? 0.2319 0.3002 0.2089 0.0509  -0.0020 0.0857  173 ASN A CB  
314 C CG  . ASN A 110 ? 0.2869 0.2984 0.2335 0.0462  0.0266  0.0904  173 ASN A CG  
315 O OD1 . ASN A 110 ? 0.2586 0.2923 0.2708 0.0158  0.0141  0.1039  173 ASN A OD1 
316 N ND2 . ASN A 110 ? 0.4548 0.4668 0.2773 0.0324  0.0258  0.1857  173 ASN A ND2 
317 N N   . ILE A 111 ? 0.1625 0.1880 0.1985 0.0216  -0.0136 0.0605  174 ILE A N   
318 C CA  . ILE A 111 ? 0.1779 0.1730 0.1866 0.0108  -0.0130 0.0351  174 ILE A CA  
319 C C   . ILE A 111 ? 0.1492 0.1717 0.1914 -0.0073 -0.0128 0.0423  174 ILE A C   
320 O O   . ILE A 111 ? 0.1512 0.1713 0.2061 -0.0019 0.0019  0.0327  174 ILE A O   
321 C CB  . ILE A 111 ? 0.1700 0.1798 0.2157 0.0183  0.0125  0.0432  174 ILE A CB  
322 C CG1 . ILE A 111 ? 0.1455 0.2000 0.2459 -0.0094 0.0110  0.0251  174 ILE A CG1 
323 C CG2 . ILE A 111 ? 0.1642 0.1754 0.2240 -0.0128 0.0251  0.0447  174 ILE A CG2 
324 C CD1 . ILE A 111 ? 0.1892 0.1944 0.2385 -0.0017 -0.0049 0.0247  174 ILE A CD1 
325 N N   . GLY A 112 ? 0.1592 0.1682 0.2045 -0.0067 -0.0030 0.0657  175 GLY A N   
326 C CA  . GLY A 112 ? 0.1653 0.1770 0.1950 0.0044  -0.0064 0.0359  175 GLY A CA  
327 C C   . GLY A 112 ? 0.1484 0.1740 0.1612 -0.0020 0.0070  0.0476  175 GLY A C   
328 O O   . GLY A 112 ? 0.1394 0.1690 0.1798 0.0035  0.0037  0.0545  175 GLY A O   
329 N N   A GLN A 113 ? 0.1437 0.1555 0.1623 -0.0140 0.0110  0.0510  176 GLN A N   
330 N N   B GLN A 113 ? 0.1521 0.1645 0.1758 -0.0079 0.0058  0.0517  176 GLN A N   
331 C CA  A GLN A 113 ? 0.1403 0.1632 0.1569 -0.0069 0.0107  0.0424  176 GLN A CA  
332 C CA  B GLN A 113 ? 0.1478 0.1800 0.1886 -0.0150 0.0139  0.0628  176 GLN A CA  
333 C C   A GLN A 113 ? 0.1111 0.1499 0.1701 -0.0001 0.0008  0.0472  176 GLN A C   
334 C C   B GLN A 113 ? 0.1126 0.1607 0.1820 -0.0058 0.0027  0.0424  176 GLN A C   
335 O O   A GLN A 113 ? 0.1298 0.1425 0.1806 -0.0019 0.0162  0.0268  176 GLN A O   
336 O O   B GLN A 113 ? 0.1330 0.1500 0.1877 -0.0001 0.0148  0.0263  176 GLN A O   
337 C CB  A GLN A 113 ? 0.1392 0.1491 0.1726 -0.0201 0.0244  0.0407  176 GLN A CB  
338 C CB  B GLN A 113 ? 0.1669 0.2513 0.1720 -0.0089 0.0156  0.0557  176 GLN A CB  
339 C CG  A GLN A 113 ? 0.1726 0.1583 0.1732 -0.0191 0.0098  0.0324  176 GLN A CG  
340 C CG  B GLN A 113 ? 0.2499 0.2650 0.2586 -0.0138 0.0108  0.0337  176 GLN A CG  
341 C CD  A GLN A 113 ? 0.2386 0.2438 0.2208 -0.0358 0.0788  0.0295  176 GLN A CD  
342 C CD  B GLN A 113 ? 0.3039 0.3324 0.4438 -0.0142 0.2031  -0.0527 176 GLN A CD  
343 O OE1 A GLN A 113 ? 0.2442 0.2929 0.5267 0.0033  0.1201  0.0127  176 GLN A OE1 
344 O OE1 B GLN A 113 ? 0.4572 0.3199 0.3525 0.0898  0.0910  -0.0219 176 GLN A OE1 
345 N NE2 A GLN A 113 ? 0.1798 0.2580 0.1951 -0.0190 0.0219  0.0454  176 GLN A NE2 
346 N NE2 B GLN A 113 ? 0.3211 0.3269 0.3773 -0.0246 0.0649  0.0117  176 GLN A NE2 
347 N N   . ILE A 114 ? 0.1343 0.1475 0.1723 -0.0089 -0.0029 0.0499  177 ILE A N   
348 C CA  . ILE A 114 ? 0.1182 0.1391 0.1645 -0.0124 -0.0020 0.0371  177 ILE A CA  
349 C C   . ILE A 114 ? 0.1135 0.1438 0.1789 -0.0095 -0.0064 0.0457  177 ILE A C   
350 O O   . ILE A 114 ? 0.1320 0.1632 0.2067 -0.0102 0.0101  0.0585  177 ILE A O   
351 C CB  . ILE A 114 ? 0.1456 0.1522 0.1621 -0.0033 0.0102  0.0450  177 ILE A CB  
352 C CG1 . ILE A 114 ? 0.1594 0.1707 0.1623 0.0186  0.0151  0.0460  177 ILE A CG1 
353 C CG2 . ILE A 114 ? 0.1702 0.1557 0.1824 -0.0136 0.0083  0.0306  177 ILE A CG2 
354 C CD1 . ILE A 114 ? 0.1850 0.2120 0.1620 0.0226  0.0193  0.0398  177 ILE A CD1 
355 N N   . THR A 115 ? 0.1197 0.2312 0.1733 0.0105  -0.0018 0.0095  178 THR A N   
356 C CA  . THR A 115 ? 0.1206 0.2241 0.1767 0.0131  -0.0113 0.0059  178 THR A CA  
357 C C   . THR A 115 ? 0.1247 0.2103 0.1718 0.0036  -0.0075 0.0211  178 THR A C   
358 O O   . THR A 115 ? 0.1329 0.1983 0.1957 0.0131  0.0042  0.0304  178 THR A O   
359 C CB  . THR A 115 ? 0.1504 0.2618 0.1958 0.0360  -0.0053 -0.0118 178 THR A CB  
360 O OG1 . THR A 115 ? 0.2157 0.5279 0.2146 0.1019  -0.0302 -0.1041 178 THR A OG1 
361 C CG2 . THR A 115 ? 0.1506 0.2677 0.2064 0.0497  0.0057  -0.0007 178 THR A CG2 
362 N N   . LEU A 116 ? 0.1272 0.2101 0.1704 -0.0002 -0.0063 0.0257  179 LEU A N   
363 C CA  . LEU A 116 ? 0.1252 0.2098 0.1728 -0.0129 -0.0056 0.0225  179 LEU A CA  
364 C C   . LEU A 116 ? 0.1244 0.2087 0.1733 -0.0069 -0.0066 0.0362  179 LEU A C   
365 O O   . LEU A 116 ? 0.1450 0.2553 0.1900 0.0042  0.0139  0.0552  179 LEU A O   
366 C CB  . LEU A 116 ? 0.1649 0.2139 0.1843 -0.0124 -0.0089 0.0219  179 LEU A CB  
367 C CG  . LEU A 116 ? 0.1717 0.2039 0.1970 -0.0073 0.0061  0.0242  179 LEU A CG  
368 C CD1 . LEU A 116 ? 0.1993 0.2323 0.2334 -0.0119 0.0245  -0.0074 179 LEU A CD1 
369 C CD2 . LEU A 116 ? 0.1676 0.2133 0.1883 0.0009  0.0137  0.0273  179 LEU A CD2 
370 N N   . THR A 117 ? 0.1361 0.2372 0.1783 -0.0065 -0.0135 0.0429  180 THR A N   
371 C CA  . THR A 117 ? 0.1378 0.2399 0.1941 -0.0150 -0.0058 0.0257  180 THR A CA  
372 C C   . THR A 117 ? 0.1626 0.2929 0.1766 -0.0364 -0.0017 0.0309  180 THR A C   
373 O O   . THR A 117 ? 0.1860 0.3276 0.1852 -0.0339 0.0054  0.0518  180 THR A O   
374 C CB  . THR A 117 ? 0.1679 0.2342 0.2392 -0.0113 -0.0106 0.0323  180 THR A CB  
375 O OG1 . THR A 117 ? 0.2675 0.3178 0.3035 -0.0226 -0.0099 0.0985  180 THR A OG1 
376 C CG2 . THR A 117 ? 0.1918 0.2099 0.2384 0.0047  -0.0222 0.0269  180 THR A CG2 
377 N N   . ILE A 118 ? 0.1977 0.3439 0.2263 -0.0823 -0.0072 0.0214  181 ILE A N   
378 C CA  . ILE A 118 ? 0.1709 0.3632 0.2513 -0.0769 -0.0068 0.0094  181 ILE A CA  
379 C C   . ILE A 118 ? 0.1746 0.3346 0.2198 -0.0537 0.0015  0.0464  181 ILE A C   
380 O O   . ILE A 118 ? 0.1603 0.3367 0.2202 -0.0372 -0.0031 0.0576  181 ILE A O   
381 C CB  . ILE A 118 ? 0.2013 0.3830 0.3113 -0.0599 0.0201  -0.0155 181 ILE A CB  
382 C CG1 . ILE A 118 ? 0.2430 0.4760 0.3128 -0.0769 0.0358  -0.0498 181 ILE A CG1 
383 C CG2 . ILE A 118 ? 0.2164 0.3048 0.3347 -0.0272 0.0077  -0.0455 181 ILE A CG2 
384 C CD1 . ILE A 118 ? 0.2505 0.5103 0.3003 -0.0736 -0.0077 -0.0405 181 ILE A CD1 
385 N N   . GLY A 119 ? 0.2036 0.4163 0.2545 -0.0443 -0.0313 0.0648  182 GLY A N   
386 C CA  . GLY A 119 ? 0.2085 0.3606 0.2481 -0.0108 -0.0493 0.0545  182 GLY A CA  
387 C C   . GLY A 119 ? 0.2132 0.2831 0.2731 -0.0169 -0.0259 0.0498  182 GLY A C   
388 O O   . GLY A 119 ? 0.3309 0.2825 0.3162 -0.0687 -0.0032 0.0737  182 GLY A O   
389 N N   . SER A 120 ? 0.1923 0.2699 0.2584 -0.0153 -0.0282 0.0406  183 SER A N   
390 C CA  . SER A 120 ? 0.1621 0.2157 0.2747 -0.0037 -0.0173 0.0327  183 SER A CA  
391 C C   . SER A 120 ? 0.1727 0.2160 0.2366 -0.0081 0.0029  0.0396  183 SER A C   
392 O O   . SER A 120 ? 0.1769 0.3189 0.2394 0.0016  0.0178  0.0364  183 SER A O   
393 C CB  . SER A 120 ? 0.1673 0.2187 0.3167 -0.0104 -0.0159 0.0560  183 SER A CB  
394 O OG  . SER A 120 ? 0.1727 0.2317 0.2859 -0.0153 -0.0131 0.0486  183 SER A OG  
395 N N   . THR A 121 ? 0.1541 0.2242 0.1949 -0.0128 0.0065  0.0415  184 THR A N   
396 C CA  . THR A 121 ? 0.1330 0.2339 0.2027 -0.0207 -0.0048 0.0313  184 THR A CA  
397 C C   . THR A 121 ? 0.1207 0.2232 0.1684 -0.0080 0.0046  0.0278  184 THR A C   
398 O O   . THR A 121 ? 0.1664 0.2950 0.1721 -0.0507 0.0016  0.0481  184 THR A O   
399 C CB  . THR A 121 ? 0.1550 0.2110 0.2605 -0.0167 -0.0035 0.0490  184 THR A CB  
400 O OG1 . THR A 121 ? 0.1699 0.2428 0.3413 -0.0366 -0.0239 0.0538  184 THR A OG1 
401 C CG2 . THR A 121 ? 0.1769 0.2247 0.3333 -0.0084 -0.0388 0.0502  184 THR A CG2 
402 N N   . THR A 122 ? 0.1151 0.1984 0.1649 -0.0037 0.0035  0.0361  185 THR A N   
403 C CA  . THR A 122 ? 0.1249 0.1694 0.1637 -0.0122 -0.0061 0.0532  185 THR A CA  
404 C C   . THR A 122 ? 0.1153 0.1534 0.1562 -0.0170 0.0007  0.0436  185 THR A C   
405 O O   . THR A 122 ? 0.1335 0.1609 0.1593 -0.0159 -0.0023 0.0449  185 THR A O   
406 C CB  . THR A 122 ? 0.1651 0.2093 0.1903 0.0121  -0.0057 0.0259  185 THR A CB  
407 O OG1 . THR A 122 ? 0.2073 0.2393 0.2669 0.0241  -0.0218 0.0101  185 THR A OG1 
408 C CG2 . THR A 122 ? 0.2099 0.2130 0.2110 0.0166  -0.0115 0.0373  185 THR A CG2 
409 N N   A MET A 123 ? 0.1168 0.1546 0.1569 -0.0057 0.0033  0.0435  186 MET A N   
410 N N   B MET A 123 ? 0.1198 0.1613 0.1636 -0.0023 0.0043  0.0476  186 MET A N   
411 C CA  A MET A 123 ? 0.1217 0.1523 0.1503 -0.0067 0.0002  0.0420  186 MET A CA  
412 C CA  B MET A 123 ? 0.1303 0.1610 0.1612 -0.0046 -0.0033 0.0495  186 MET A CA  
413 C C   A MET A 123 ? 0.1158 0.1482 0.1641 -0.0067 0.0104  0.0520  186 MET A C   
414 C C   B MET A 123 ? 0.1354 0.1620 0.1684 -0.0124 -0.0006 0.0500  186 MET A C   
415 O O   A MET A 123 ? 0.1141 0.1406 0.1620 -0.0021 0.0110  0.0486  186 MET A O   
416 O O   B MET A 123 ? 0.1539 0.1770 0.1857 -0.0064 0.0019  0.0706  186 MET A O   
417 C CB  A MET A 123 ? 0.1169 0.1806 0.1776 -0.0088 0.0031  0.0172  186 MET A CB  
418 C CB  B MET A 123 ? 0.1823 0.1950 0.1999 -0.0071 0.0087  0.0187  186 MET A CB  
419 C CG  A MET A 123 ? 0.1213 0.1722 0.1972 -0.0079 -0.0018 0.0072  186 MET A CG  
420 C CG  B MET A 123 ? 0.2031 0.2180 0.2802 -0.0095 -0.0236 0.0168  186 MET A CG  
421 S SD  A MET A 123 ? 0.2073 0.2303 0.2073 0.0055  -0.0130 -0.0170 186 MET A SD  
422 S SD  B MET A 123 ? 0.2991 0.3779 0.3080 0.0064  0.0006  -0.0024 186 MET A SD  
423 C CE  A MET A 123 ? 0.2211 0.3115 0.1993 -0.0208 0.0305  0.0154  186 MET A CE  
424 C CE  B MET A 123 ? 0.3503 0.3128 0.3300 -0.0327 0.0198  -0.0558 186 MET A CE  
425 N N   . THR A 124 ? 0.1233 0.1511 0.1589 -0.0162 0.0056  0.0451  187 THR A N   
426 C CA  . THR A 124 ? 0.1306 0.1319 0.1706 -0.0189 -0.0027 0.0466  187 THR A CA  
427 C C   . THR A 124 ? 0.1232 0.1393 0.1403 -0.0157 0.0086  0.0430  187 THR A C   
428 O O   . THR A 124 ? 0.1210 0.1569 0.1656 -0.0176 -0.0028 0.0615  187 THR A O   
429 C CB  . THR A 124 ? 0.1454 0.1452 0.1971 0.0005  -0.0278 0.0270  187 THR A CB  
430 O OG1 . THR A 124 ? 0.1810 0.1509 0.3407 0.0184  -0.0519 0.0163  187 THR A OG1 
431 C CG2 . THR A 124 ? 0.1648 0.1477 0.1998 -0.0105 -0.0347 0.0164  187 THR A CG2 
432 N N   . PHE A 125 ? 0.1288 0.1426 0.1648 -0.0055 0.0162  0.0506  188 PHE A N   
433 C CA  . PHE A 125 ? 0.1304 0.1320 0.1718 -0.0127 0.0063  0.0485  188 PHE A CA  
434 C C   . PHE A 125 ? 0.1345 0.1385 0.1761 -0.0196 0.0112  0.0306  188 PHE A C   
435 O O   . PHE A 125 ? 0.1253 0.1484 0.2048 -0.0089 -0.0064 0.0584  188 PHE A O   
436 C CB  . PHE A 125 ? 0.1488 0.1454 0.1753 0.0009  0.0012  0.0389  188 PHE A CB  
437 C CG  . PHE A 125 ? 0.1546 0.1826 0.1675 0.0010  0.0040  0.0309  188 PHE A CG  
438 C CD1 . PHE A 125 ? 0.1455 0.1955 0.1733 0.0086  0.0091  0.0284  188 PHE A CD1 
439 C CD2 . PHE A 125 ? 0.1930 0.1938 0.2051 -0.0081 0.0056  0.0362  188 PHE A CD2 
440 C CE1 . PHE A 125 ? 0.1523 0.2365 0.1900 0.0057  -0.0017 0.0278  188 PHE A CE1 
441 C CE2 . PHE A 125 ? 0.2190 0.1972 0.2183 -0.0393 0.0260  0.0129  188 PHE A CE2 
442 C CZ  . PHE A 125 ? 0.1633 0.2418 0.2237 -0.0388 0.0080  0.0112  188 PHE A CZ  
443 N N   . ASN A 126 ? 0.1940 0.1770 0.1631 0.0014  -0.0025 0.0551  189 ASN A N   
444 C CA  . ASN A 126 ? 0.2015 0.1559 0.1560 0.0196  -0.0158 0.0433  189 ASN A CA  
445 C C   . ASN A 126 ? 0.2262 0.1647 0.1635 -0.0014 -0.0006 0.0328  189 ASN A C   
446 O O   . ASN A 126 ? 0.2166 0.1749 0.1892 -0.0163 0.0143  0.0261  189 ASN A O   
447 C CB  . ASN A 126 ? 0.2334 0.1781 0.1798 0.0162  -0.0041 0.0655  189 ASN A CB  
448 C CG  . ASN A 126 ? 0.2317 0.1992 0.1897 0.0202  -0.0021 0.0642  189 ASN A CG  
449 O OD1 . ASN A 126 ? 0.2217 0.2546 0.2244 0.0229  -0.0249 0.0307  189 ASN A OD1 
450 N ND2 . ASN A 126 ? 0.2371 0.1880 0.2477 0.0154  0.0044  0.0623  189 ASN A ND2 
451 N N   . LEU A 127 ? 0.2182 0.1423 0.1629 0.0133  -0.0046 0.0184  190 LEU A N   
452 C CA  . LEU A 127 ? 0.2177 0.1665 0.1588 0.0078  -0.0035 0.0449  190 LEU A CA  
453 C C   . LEU A 127 ? 0.2257 0.1385 0.1625 -0.0042 -0.0096 0.0553  190 LEU A C   
454 O O   . LEU A 127 ? 0.1889 0.1942 0.1725 0.0114  -0.0049 0.0375  190 LEU A O   
455 C CB  . LEU A 127 ? 0.2118 0.1656 0.1614 0.0082  -0.0050 0.0416  190 LEU A CB  
456 C CG  . LEU A 127 ? 0.2020 0.1831 0.1721 0.0083  -0.0032 0.0395  190 LEU A CG  
457 C CD1 . LEU A 127 ? 0.1910 0.1866 0.1699 0.0156  -0.0054 0.0470  190 LEU A CD1 
458 C CD2 . LEU A 127 ? 0.2265 0.1842 0.1925 0.0164  -0.0131 0.0305  190 LEU A CD2 
459 N N   . GLN A 128 ? 0.2291 0.1888 0.2053 0.0178  -0.0104 0.0376  191 GLN A N   
460 C CA  . GLN A 128 ? 0.2459 0.2080 0.1985 0.0307  -0.0153 0.0831  191 GLN A CA  
461 C C   . GLN A 128 ? 0.2308 0.1702 0.2080 0.0602  0.0007  0.0677  191 GLN A C   
462 O O   . GLN A 128 ? 0.2149 0.2074 0.1982 0.0382  0.0272  0.0498  191 GLN A O   
463 C CB  . GLN A 128 ? 0.2511 0.2089 0.2667 0.0390  0.0262  0.0661  191 GLN A CB  
464 C CG  . GLN A 128 ? 0.3362 0.2680 0.2664 0.0486  0.0686  0.0710  191 GLN A CG  
465 C CD  . GLN A 128 ? 0.4200 0.3245 0.3462 0.1301  0.0114  0.0972  191 GLN A CD  
466 O OE1 . GLN A 128 ? 0.5853 0.2558 0.5050 0.0858  0.0620  0.0828  191 GLN A OE1 
467 N NE2 . GLN A 128 ? 0.5430 0.4857 0.3685 0.1796  0.0580  0.1434  191 GLN A NE2 
468 N N   . THR A 129 ? 0.2359 0.2018 0.2086 0.0413  0.0020  0.0895  192 THR A N   
469 C CA  . THR A 129 ? 0.2495 0.2086 0.2157 0.0309  0.0131  0.0815  192 THR A CA  
470 C C   . THR A 129 ? 0.2472 0.1952 0.2371 0.0778  0.0421  0.0835  192 THR A C   
471 O O   . THR A 129 ? 0.2669 0.1901 0.2933 0.0782  0.0667  0.0800  192 THR A O   
472 C CB  . THR A 129 ? 0.2424 0.2259 0.2435 0.0472  0.0053  0.0878  192 THR A CB  
473 O OG1 . THR A 129 ? 0.2252 0.2469 0.3286 0.0723  -0.0159 0.0959  192 THR A OG1 
474 C CG2 . THR A 129 ? 0.1926 0.2627 0.2616 0.0347  -0.0062 0.0675  192 THR A CG2 
475 N N   . GLY A 130 ? 0.2303 0.2424 0.2276 0.0477  0.0406  0.0540  193 GLY A N   
476 C CA  . GLY A 130 ? 0.2893 0.1822 0.2421 0.0708  0.0484  0.0703  193 GLY A CA  
477 C C   . GLY A 130 ? 0.2732 0.1927 0.2432 0.0428  0.0644  0.0161  193 GLY A C   
478 O O   . GLY A 130 ? 0.2566 0.1965 0.2492 0.0509  0.0614  0.0338  193 GLY A O   
479 N N   A GLU A 131 ? 0.3181 0.1844 0.2588 0.0390  0.0555  0.0221  194 GLU A N   
480 N N   B GLU A 131 ? 0.3275 0.1694 0.2618 0.0473  0.0543  0.0324  194 GLU A N   
481 C CA  A GLU A 131 ? 0.3376 0.2113 0.2466 0.0264  0.0473  -0.0123 194 GLU A CA  
482 C CA  B GLU A 131 ? 0.3495 0.1923 0.2394 0.0368  0.0511  -0.0122 194 GLU A CA  
483 C C   A GLU A 131 ? 0.3424 0.1936 0.2503 0.0073  0.0429  -0.0102 194 GLU A C   
484 C C   B GLU A 131 ? 0.3560 0.1991 0.2430 0.0242  0.0552  -0.0066 194 GLU A C   
485 O O   A GLU A 131 ? 0.3445 0.1696 0.2858 0.0164  0.0433  -0.0087 194 GLU A O   
486 O O   B GLU A 131 ? 0.3420 0.1727 0.2682 0.0511  0.0527  0.0020  194 GLU A O   
487 C CB  A GLU A 131 ? 0.3662 0.2551 0.2955 0.0403  0.0581  -0.0581 194 GLU A CB  
488 C CB  B GLU A 131 ? 0.4063 0.2077 0.2808 0.0496  0.0781  -0.0354 194 GLU A CB  
489 C CG  A GLU A 131 ? 0.4101 0.3115 0.2744 0.0681  0.0811  -0.0649 194 GLU A CG  
490 C CG  B GLU A 131 ? 0.4315 0.2741 0.3080 0.0465  0.0589  -0.0789 194 GLU A CG  
491 C CD  A GLU A 131 ? 0.5090 0.4378 0.3237 -0.0294 0.0998  -0.1474 194 GLU A CD  
492 C CD  B GLU A 131 ? 0.5084 0.3171 0.3916 0.0545  0.0649  -0.1373 194 GLU A CD  
493 O OE1 A GLU A 131 ? 0.5347 0.4032 0.4187 -0.0155 0.0598  -0.1235 194 GLU A OE1 
494 O OE1 B GLU A 131 ? 0.6393 0.4037 0.3523 0.1365  0.0578  -0.1064 194 GLU A OE1 
495 O OE2 A GLU A 131 ? 0.5443 0.5368 0.3590 -0.0974 0.0940  -0.0784 194 GLU A OE2 
496 O OE2 B GLU A 131 ? 0.5320 0.3220 0.5135 0.0144  0.0660  -0.1770 194 GLU A OE2 
497 N N   . ASN A 132 ? 0.2168 0.1751 0.2615 0.0207  0.0687  0.0339  195 ASN A N   
498 C CA  . ASN A 132 ? 0.2111 0.1470 0.2572 -0.0133 0.0582  0.0328  195 ASN A CA  
499 C C   . ASN A 132 ? 0.2548 0.1743 0.2706 -0.0184 0.0434  0.0154  195 ASN A C   
500 O O   . ASN A 132 ? 0.2861 0.2215 0.2603 -0.0724 -0.0080 0.0343  195 ASN A O   
501 C CB  . ASN A 132 ? 0.1764 0.1731 0.2053 0.0011  0.0399  0.0326  195 ASN A CB  
502 C CG  . ASN A 132 ? 0.1829 0.1519 0.2115 0.0121  0.0321  0.0249  195 ASN A CG  
503 O OD1 . ASN A 132 ? 0.1932 0.2031 0.2141 0.0146  0.0279  0.0403  195 ASN A OD1 
504 N ND2 . ASN A 132 ? 0.1758 0.1762 0.2176 0.0021  0.0187  0.0321  195 ASN A ND2 
505 N N   . LYS A 133 ? 0.2516 0.1960 0.3155 -0.0335 0.0562  0.0211  196 LYS A N   
506 C CA  . LYS A 133 ? 0.2307 0.2063 0.3464 -0.0466 0.0696  -0.0062 196 LYS A CA  
507 C C   . LYS A 133 ? 0.2435 0.2436 0.3051 -0.0681 0.0698  0.0476  196 LYS A C   
508 O O   . LYS A 133 ? 0.2993 0.2005 0.3586 -0.0380 0.0935  0.0655  196 LYS A O   
509 C CB  . LYS A 133 ? 0.2822 0.2333 0.3975 -0.0256 0.0830  -0.0298 196 LYS A CB  
510 C CG  . LYS A 133 ? 0.3681 0.2334 0.4840 -0.0669 0.0572  -0.0770 196 LYS A CG  
511 C CD  . LYS A 133 ? 0.4823 0.1986 0.6060 -0.0432 0.0684  -0.1083 196 LYS A CD  
512 C CE  . LYS A 133 ? 0.3447 0.2513 0.6252 -0.0052 0.0621  -0.0855 196 LYS A CE  
513 N NZ  . LYS A 133 ? 0.4431 0.2440 0.5996 -0.0022 0.0687  -0.1276 196 LYS A NZ  
514 N N   . ILE A 134 ? 0.2308 0.2316 0.3084 -0.0513 0.0648  -0.0066 197 ILE A N   
515 C CA  . ILE A 134 ? 0.2328 0.2313 0.3022 -0.0392 0.0770  0.0264  197 ILE A CA  
516 C C   . ILE A 134 ? 0.2788 0.2520 0.3214 -0.0664 0.0674  -0.0281 197 ILE A C   
517 O O   . ILE A 134 ? 0.2110 0.2807 0.3049 -0.0807 0.0556  -0.0152 197 ILE A O   
518 C CB  . ILE A 134 ? 0.2382 0.2456 0.2517 -0.0376 0.0838  0.0208  197 ILE A CB  
519 C CG1 . ILE A 134 ? 0.2356 0.2475 0.2504 -0.0142 0.0728  0.0220  197 ILE A CG1 
520 C CG2 . ILE A 134 ? 0.2333 0.2756 0.2670 -0.0334 0.0718  0.0176  197 ILE A CG2 
521 C CD1 . ILE A 134 ? 0.2316 0.2635 0.2594 0.0004  0.0586  0.0109  197 ILE A CD1 
522 N N   . PRO A 135 ? 0.3073 0.2484 0.3547 -0.0704 0.0793  -0.0203 198 PRO A N   
523 C CA  . PRO A 135 ? 0.2579 0.3278 0.4083 -0.1214 0.0842  0.0043  198 PRO A CA  
524 C C   . PRO A 135 ? 0.2284 0.3691 0.3088 -0.1083 0.0463  -0.0224 198 PRO A C   
525 O O   . PRO A 135 ? 0.2691 0.3506 0.3764 -0.0861 0.0953  -0.0529 198 PRO A O   
526 C CB  . PRO A 135 ? 0.3085 0.3514 0.5894 -0.1922 0.0430  -0.0047 198 PRO A CB  
527 C CG  . PRO A 135 ? 0.4976 0.2692 0.6048 -0.1749 0.0211  0.0623  198 PRO A CG  
528 C CD  . PRO A 135 ? 0.3457 0.2774 0.4376 -0.0841 0.0728  0.0282  198 PRO A CD  
529 N N   . VAL A 136 ? 0.2647 0.2845 0.3152 -0.1038 0.0637  -0.0300 199 VAL A N   
530 C CA  . VAL A 136 ? 0.2115 0.3476 0.3073 -0.0811 0.0585  -0.0332 199 VAL A CA  
531 C C   . VAL A 136 ? 0.2339 0.3729 0.3461 -0.1183 0.0389  -0.0918 199 VAL A C   
532 O O   . VAL A 136 ? 0.2618 0.3755 0.3167 -0.0884 0.0187  -0.0748 199 VAL A O   
533 C CB  . VAL A 136 ? 0.2581 0.3294 0.2687 -0.0732 0.0478  -0.0384 199 VAL A CB  
534 C CG1 . VAL A 136 ? 0.2305 0.3049 0.2799 -0.0659 0.0391  -0.0167 199 VAL A CG1 
535 C CG2 . VAL A 136 ? 0.2492 0.3449 0.2660 -0.1034 0.0368  -0.0447 199 VAL A CG2 
536 N N   . ILE A 137 ? 0.2518 0.4186 0.3200 -0.0928 0.0359  -0.0287 200 ILE A N   
537 C CA  . ILE A 137 ? 0.2494 0.4480 0.3605 -0.1032 0.0117  -0.0443 200 ILE A CA  
538 C C   . ILE A 137 ? 0.2460 0.4676 0.2695 -0.0992 0.0066  -0.0375 200 ILE A C   
539 O O   . ILE A 137 ? 0.2373 0.4721 0.2491 -0.0816 0.0215  -0.0344 200 ILE A O   
540 C CB  . ILE A 137 ? 0.2893 0.5526 0.3972 -0.1119 0.0809  -0.0346 200 ILE A CB  
541 C CG1 . ILE A 137 ? 0.2751 0.5807 0.3358 -0.0850 0.1269  -0.0070 200 ILE A CG1 
542 C CG2 . ILE A 137 ? 0.3053 0.6085 0.5316 -0.1120 0.0645  0.0488  200 ILE A CG2 
543 C CD1 . ILE A 137 ? 0.2677 0.6362 0.4644 -0.1421 0.0271  -0.0576 200 ILE A CD1 
544 N N   . ALA A 138 ? 0.2720 0.5363 0.2745 -0.1001 -0.0086 -0.0654 201 ALA A N   
545 C CA  . ALA A 138 ? 0.2729 0.5844 0.2269 -0.0710 -0.0086 -0.0309 201 ALA A CA  
546 C C   . ALA A 138 ? 0.2880 0.5412 0.1820 -0.0778 0.0007  0.0032  201 ALA A C   
547 O O   . ALA A 138 ? 0.2807 0.5781 0.2505 -0.1013 0.0060  0.0041  201 ALA A O   
548 C CB  . ALA A 138 ? 0.3079 0.6308 0.2705 -0.0765 -0.0421 -0.0917 201 ALA A CB  
549 N N   . GLY A 139 ? 0.2498 0.5542 0.2213 -0.0842 -0.0079 -0.0155 202 GLY A N   
550 C CA  . GLY A 139 ? 0.2643 0.5326 0.2083 -0.0263 -0.0512 0.0461  202 GLY A CA  
551 C C   . GLY A 139 ? 0.2108 0.4467 0.1969 -0.0300 -0.0193 0.0199  202 GLY A C   
552 O O   . GLY A 139 ? 0.2724 0.5060 0.2407 0.0252  -0.0489 0.0030  202 GLY A O   
553 N N   . THR A 140 ? 0.1939 0.4235 0.2046 -0.0360 0.0003  0.0116  203 THR A N   
554 C CA  . THR A 140 ? 0.1962 0.3668 0.1911 -0.0432 0.0175  -0.0108 203 THR A CA  
555 C C   . THR A 140 ? 0.1974 0.3476 0.1491 -0.0347 -0.0087 0.0402  203 THR A C   
556 O O   . THR A 140 ? 0.1969 0.4263 0.1753 -0.0508 0.0047  0.0606  203 THR A O   
557 C CB  . THR A 140 ? 0.1759 0.3697 0.2098 -0.0517 0.0357  -0.0077 203 THR A CB  
558 O OG1 . THR A 140 ? 0.1958 0.3920 0.2567 -0.0812 0.0499  0.0235  203 THR A OG1 
559 C CG2 . THR A 140 ? 0.1990 0.3266 0.1979 -0.0468 0.0305  0.0257  203 THR A CG2 
560 N N   . GLN A 141 ? 0.1601 0.3358 0.1759 -0.0258 -0.0261 0.0293  204 GLN A N   
561 C CA  . GLN A 141 ? 0.1997 0.3195 0.1808 -0.0412 -0.0315 0.0608  204 GLN A CA  
562 C C   . GLN A 141 ? 0.1657 0.2801 0.1768 -0.0173 -0.0108 0.0713  204 GLN A C   
563 O O   . GLN A 141 ? 0.1588 0.3337 0.1792 -0.0315 -0.0105 0.0863  204 GLN A O   
564 C CB  . GLN A 141 ? 0.1874 0.3508 0.2545 -0.0122 -0.0543 0.0681  204 GLN A CB  
565 C CG  . GLN A 141 ? 0.2148 0.4974 0.4010 -0.0362 -0.1516 0.0750  204 GLN A CG  
566 C CD  . GLN A 141 ? 0.3257 0.5458 0.4060 -0.0439 -0.1453 0.0745  204 GLN A CD  
567 O OE1 . GLN A 141 ? 0.4164 0.7168 0.3556 -0.0013 -0.0958 0.1135  204 GLN A OE1 
568 N NE2 . GLN A 141 ? 0.5277 0.4748 0.4851 -0.0486 -0.0381 0.0862  204 GLN A NE2 
569 N N   . ILE A 142 ? 0.1800 0.2850 0.1717 -0.0163 -0.0091 0.0660  205 ILE A N   
570 C CA  . ILE A 142 ? 0.1748 0.2203 0.1523 0.0150  0.0126  0.0561  205 ILE A CA  
571 C C   . ILE A 142 ? 0.1709 0.2095 0.1830 0.0136  -0.0082 0.0606  205 ILE A C   
572 O O   . ILE A 142 ? 0.2221 0.2241 0.2253 0.0263  0.0121  0.0898  205 ILE A O   
573 C CB  . ILE A 142 ? 0.1682 0.2165 0.1896 -0.0126 0.0235  0.0405  205 ILE A CB  
574 C CG1 . ILE A 142 ? 0.1697 0.2484 0.1895 -0.0339 0.0394  0.0274  205 ILE A CG1 
575 C CG2 . ILE A 142 ? 0.1530 0.2535 0.2383 -0.0051 0.0055  0.0396  205 ILE A CG2 
576 C CD1 . ILE A 142 ? 0.2020 0.2637 0.2326 -0.0056 0.0729  0.0278  205 ILE A CD1 
577 N N   A THR A 143 ? 0.1738 0.2352 0.1742 0.0222  -0.0124 0.0676  206 THR A N   
578 N N   B THR A 143 ? 0.2030 0.2435 0.1898 0.0109  0.0033  0.0533  206 THR A N   
579 C CA  A THR A 143 ? 0.1860 0.2715 0.2099 0.0551  -0.0089 0.0467  206 THR A CA  
580 C CA  B THR A 143 ? 0.2183 0.2755 0.2075 0.0480  0.0079  0.0530  206 THR A CA  
581 C C   A THR A 143 ? 0.1659 0.1926 0.2500 0.0493  0.0212  0.0141  206 THR A C   
582 C C   B THR A 143 ? 0.1926 0.2118 0.2697 0.0540  0.0182  0.0342  206 THR A C   
583 O O   A THR A 143 ? 0.1809 0.1814 0.3617 0.0327  -0.0544 0.0643  206 THR A O   
584 O O   B THR A 143 ? 0.2133 0.2052 0.3843 0.0507  -0.0175 0.0710  206 THR A O   
585 C CB  A THR A 143 ? 0.1532 0.2813 0.2081 0.0459  -0.0414 0.0270  206 THR A CB  
586 C CB  B THR A 143 ? 0.2166 0.3798 0.2898 0.0343  0.0383  0.0103  206 THR A CB  
587 O OG1 A THR A 143 ? 0.1697 0.2015 0.2111 0.0325  0.0352  0.0131  206 THR A OG1 
588 O OG1 B THR A 143 ? 0.2458 0.6052 0.3509 -0.0247 -0.0176 -0.0131 206 THR A OG1 
589 C CG2 A THR A 143 ? 0.1451 0.4886 0.2772 0.0216  -0.0651 -0.0114 206 THR A CG2 
590 C CG2 B THR A 143 ? 0.2696 0.3825 0.3226 -0.0449 0.0329  -0.0378 206 THR A CG2 
591 N N   . ASN A 144 ? 0.1662 0.1851 0.2071 0.0301  0.0134  0.0160  207 ASN A N   
592 C CA  A ASN A 144 ? 0.1723 0.1808 0.1764 0.0367  0.0197  0.0156  207 ASN A CA  
593 C CA  B ASN A 144 ? 0.1738 0.1671 0.2368 0.0232  0.0132  0.0373  207 ASN A CA  
594 C C   . ASN A 144 ? 0.1601 0.1766 0.1881 0.0254  0.0036  0.0033  207 ASN A C   
595 O O   . ASN A 144 ? 0.1779 0.1776 0.2046 0.0138  0.0078  0.0286  207 ASN A O   
596 C CB  A ASN A 144 ? 0.1430 0.1935 0.1882 0.0156  0.0316  -0.0021 207 ASN A CB  
597 C CB  B ASN A 144 ? 0.2008 0.2184 0.3169 0.0322  0.0220  -0.0359 207 ASN A CB  
598 C CG  A ASN A 144 ? 0.1602 0.2454 0.1748 0.0298  0.0319  -0.0301 207 ASN A CG  
599 C CG  B ASN A 144 ? 0.3010 0.2580 0.2744 0.0013  -0.0046 -0.0108 207 ASN A CG  
600 O OD1 A ASN A 144 ? 0.1782 0.2967 0.2085 0.0577  0.0206  -0.0170 207 ASN A OD1 
601 O OD1 B ASN A 144 ? 0.2852 0.2679 0.2559 -0.0251 0.0791  0.0571  207 ASN A OD1 
602 N ND2 A ASN A 144 ? 0.2077 0.2466 0.2784 0.0573  -0.0292 -0.0385 207 ASN A ND2 
603 N ND2 B ASN A 144 ? 0.3127 0.3078 0.3903 -0.0153 0.0665  -0.0563 207 ASN A ND2 
604 N N   . MET A 145 ? 0.1592 0.1870 0.1686 0.0285  -0.0061 0.0182  208 MET A N   
605 C CA  A MET A 145 ? 0.1502 0.1526 0.1692 0.0231  0.0144  0.0192  208 MET A CA  
606 C CA  B MET A 145 ? 0.1685 0.1472 0.1752 0.0287  0.0022  0.0259  208 MET A CA  
607 C C   . MET A 145 ? 0.1611 0.1649 0.1854 0.0206  0.0015  0.0118  208 MET A C   
608 O O   . MET A 145 ? 0.1628 0.1797 0.2217 0.0111  -0.0126 0.0288  208 MET A O   
609 C CB  A MET A 145 ? 0.1407 0.1004 0.1554 0.0003  0.0102  0.0270  208 MET A CB  
610 C CB  B MET A 145 ? 0.1410 0.1506 0.1627 0.0134  -0.0165 0.0139  208 MET A CB  
611 C CG  A MET A 145 ? 0.1448 0.1690 0.1571 0.0161  0.0022  0.0053  208 MET A CG  
612 C CG  B MET A 145 ? 0.1518 0.1527 0.1927 0.0185  -0.0139 0.0205  208 MET A CG  
613 S SD  A MET A 145 ? 0.1472 0.1647 0.1653 0.0001  0.0087  -0.0112 208 MET A SD  
614 S SD  B MET A 145 ? 0.1819 0.1970 0.2003 0.0029  0.0055  -0.0171 208 MET A SD  
615 C CE  A MET A 145 ? 0.1614 0.1645 0.1564 0.0095  0.0055  -0.0091 208 MET A CE  
616 C CE  B MET A 145 ? 0.1754 0.2119 0.1866 0.0039  0.0089  -0.0065 208 MET A CE  
617 N N   . THR A 146 ? 0.1387 0.1560 0.1780 0.0082  0.0152  0.0098  209 THR A N   
618 C CA  . THR A 146 ? 0.1522 0.1695 0.1666 -0.0031 0.0148  0.0250  209 THR A CA  
619 C C   . THR A 146 ? 0.1419 0.1943 0.1579 -0.0056 -0.0012 0.0349  209 THR A C   
620 O O   . THR A 146 ? 0.1549 0.1917 0.2306 -0.0179 0.0036  0.0432  209 THR A O   
621 C CB  . THR A 146 ? 0.1882 0.2290 0.1831 0.0294  0.0266  0.0035  209 THR A CB  
622 O OG1 . THR A 146 ? 0.2112 0.2609 0.2432 0.0671  0.0291  0.0086  209 THR A OG1 
623 C CG2 . THR A 146 ? 0.2430 0.2155 0.2397 -0.0156 0.0235  -0.0087 209 THR A CG2 
624 N N   . LEU A 147 ? 0.1421 0.1540 0.1591 0.0109  0.0225  0.0245  210 LEU A N   
625 C CA  . LEU A 147 ? 0.1521 0.1547 0.1583 0.0130  0.0228  0.0269  210 LEU A CA  
626 C C   . LEU A 147 ? 0.1787 0.1864 0.1488 0.0197  0.0108  0.0192  210 LEU A C   
627 O O   . LEU A 147 ? 0.1940 0.1986 0.1713 -0.0008 0.0097  0.0078  210 LEU A O   
628 C CB  . LEU A 147 ? 0.1460 0.1287 0.1619 0.0084  0.0187  0.0242  210 LEU A CB  
629 C CG  . LEU A 147 ? 0.1614 0.1427 0.1513 0.0171  0.0125  0.0211  210 LEU A CG  
630 C CD1 . LEU A 147 ? 0.1545 0.1409 0.1775 0.0159  0.0159  0.0060  210 LEU A CD1 
631 C CD2 . LEU A 147 ? 0.1890 0.1714 0.1980 -0.0091 -0.0029 0.0096  210 LEU A CD2 
632 N N   . THR A 148 ? 0.1833 0.2034 0.1572 0.0193  0.0015  0.0255  211 THR A N   
633 C CA  . THR A 148 ? 0.2045 0.2378 0.1560 0.0246  0.0100  0.0125  211 THR A CA  
634 C C   . THR A 148 ? 0.2085 0.2849 0.1841 0.0021  -0.0100 0.0079  211 THR A C   
635 O O   . THR A 148 ? 0.2485 0.3222 0.2046 -0.0172 -0.0331 0.0021  211 THR A O   
636 C CB  . THR A 148 ? 0.2377 0.2892 0.1788 0.0057  -0.0092 0.0484  211 THR A CB  
637 O OG1 . THR A 148 ? 0.2687 0.3103 0.2046 0.0403  -0.0205 0.0394  211 THR A OG1 
638 C CG2 . THR A 148 ? 0.2668 0.2869 0.2060 0.0031  0.0247  0.0589  211 THR A CG2 
639 N N   . SER A 149 ? 0.1910 0.2767 0.1854 -0.0240 -0.0063 0.0098  212 SER A N   
640 C CA  . SER A 149 ? 0.2031 0.2925 0.2051 -0.0338 -0.0075 -0.0135 212 SER A CA  
641 C C   . SER A 149 ? 0.1799 0.2291 0.2002 -0.0131 0.0048  -0.0124 212 SER A C   
642 O O   . SER A 149 ? 0.1617 0.2194 0.1881 -0.0026 0.0027  -0.0105 212 SER A O   
643 C CB  . SER A 149 ? 0.2833 0.3963 0.2852 0.0275  -0.0138 0.0239  212 SER A CB  
644 O OG  . SER A 149 ? 0.3171 0.4095 0.3332 0.0854  -0.0798 -0.0079 212 SER A OG  
645 N N   A SER A 150 ? 0.1729 0.2025 0.1886 -0.0002 -0.0043 -0.0170 213 SER A N   
646 N N   B SER A 150 ? 0.1879 0.2262 0.2074 -0.0158 0.0017  -0.0190 213 SER A N   
647 C CA  A SER A 150 ? 0.1610 0.1741 0.1953 0.0000  0.0078  -0.0093 213 SER A CA  
648 C CA  B SER A 150 ? 0.1653 0.2106 0.2105 -0.0107 -0.0048 -0.0177 213 SER A CA  
649 C C   A SER A 150 ? 0.1473 0.1797 0.1997 -0.0024 0.0061  -0.0190 213 SER A C   
650 C C   B SER A 150 ? 0.1582 0.2125 0.1978 0.0003  0.0044  -0.0124 213 SER A C   
651 O O   A SER A 150 ? 0.1553 0.2292 0.2079 0.0183  0.0089  -0.0068 213 SER A O   
652 O O   B SER A 150 ? 0.1608 0.2441 0.2257 0.0159  0.0064  -0.0106 213 SER A O   
653 C CB  A SER A 150 ? 0.1771 0.1836 0.1913 -0.0252 -0.0142 -0.0357 213 SER A CB  
654 C CB  B SER A 150 ? 0.2113 0.2092 0.2551 -0.0308 -0.0257 -0.0210 213 SER A CB  
655 O OG  A SER A 150 ? 0.2377 0.1810 0.2119 0.0145  -0.0239 -0.0074 213 SER A OG  
656 O OG  B SER A 150 ? 0.3575 0.2284 0.2934 0.0454  -0.0481 -0.0275 213 SER A OG  
657 N N   . SER A 151 ? 0.1418 0.1633 0.1958 0.0096  0.0154  -0.0159 214 SER A N   
658 C CA  . SER A 151 ? 0.1245 0.1360 0.1957 0.0060  0.0154  -0.0020 214 SER A CA  
659 C C   . SER A 151 ? 0.1416 0.1547 0.1942 0.0157  0.0110  -0.0109 214 SER A C   
660 O O   . SER A 151 ? 0.1712 0.1699 0.2024 0.0340  0.0026  -0.0211 214 SER A O   
661 C CB  . SER A 151 ? 0.1378 0.1493 0.2205 -0.0118 0.0321  -0.0164 214 SER A CB  
662 O OG  . SER A 151 ? 0.1587 0.1863 0.2219 0.0002  0.0341  0.0052  214 SER A OG  
663 N N   . ALA A 152 ? 0.1472 0.1689 0.1961 0.0175  0.0207  -0.0026 215 ALA A N   
664 C CA  . ALA A 152 ? 0.1441 0.1700 0.1927 0.0204  0.0267  0.0161  215 ALA A CA  
665 C C   . ALA A 152 ? 0.1532 0.1362 0.1870 0.0140  0.0228  0.0021  215 ALA A C   
666 O O   . ALA A 152 ? 0.1637 0.1530 0.2521 0.0249  0.0009  0.0271  215 ALA A O   
667 C CB  . ALA A 152 ? 0.1790 0.1740 0.1867 0.0248  0.0370  0.0078  215 ALA A CB  
668 N N   . ILE A 153 ? 0.1432 0.1591 0.1656 0.0160  0.0074  0.0057  216 ILE A N   
669 C CA  . ILE A 153 ? 0.1474 0.1540 0.1519 0.0176  0.0036  0.0064  216 ILE A CA  
670 C C   . ILE A 153 ? 0.1526 0.1444 0.1448 0.0220  0.0028  0.0139  216 ILE A C   
671 O O   . ILE A 153 ? 0.2099 0.1431 0.1601 0.0009  -0.0006 0.0194  216 ILE A O   
672 C CB  . ILE A 153 ? 0.1501 0.1809 0.1689 0.0250  -0.0029 -0.0107 216 ILE A CB  
673 C CG1 . ILE A 153 ? 0.1554 0.1845 0.1496 0.0361  0.0022  0.0066  216 ILE A CG1 
674 C CG2 . ILE A 153 ? 0.1516 0.1890 0.1797 0.0304  -0.0084 0.0037  216 ILE A CG2 
675 C CD1 . ILE A 153 ? 0.1891 0.1833 0.1954 0.0348  0.0054  -0.0147 216 ILE A CD1 
676 N N   . LEU A 154 ? 0.1641 0.1492 0.1450 0.0030  0.0152  0.0115  217 LEU A N   
677 C CA  . LEU A 154 ? 0.1520 0.1603 0.1446 0.0004  0.0194  0.0116  217 LEU A CA  
678 C C   . LEU A 154 ? 0.1488 0.1633 0.1518 0.0056  0.0168  0.0110  217 LEU A C   
679 O O   . LEU A 154 ? 0.1630 0.1868 0.1612 0.0002  0.0168  0.0228  217 LEU A O   
680 C CB  . LEU A 154 ? 0.1569 0.1607 0.1672 -0.0105 0.0254  -0.0041 217 LEU A CB  
681 C CG  . LEU A 154 ? 0.1630 0.1915 0.1897 -0.0102 0.0165  -0.0224 217 LEU A CG  
682 C CD1 . LEU A 154 ? 0.2131 0.2236 0.2013 0.0031  0.0178  -0.0099 217 LEU A CD1 
683 C CD2 . LEU A 154 ? 0.1818 0.1993 0.2042 -0.0015 0.0619  -0.0197 217 LEU A CD2 
684 N N   . ILE A 155 ? 0.1417 0.1758 0.1402 -0.0070 0.0227  0.0161  218 ILE A N   
685 C CA  . ILE A 155 ? 0.1430 0.1920 0.1530 -0.0162 0.0391  0.0164  218 ILE A CA  
686 C C   . ILE A 155 ? 0.1645 0.1913 0.1601 -0.0248 0.0433  0.0026  218 ILE A C   
687 O O   . ILE A 155 ? 0.1687 0.2251 0.1500 -0.0295 0.0313  0.0096  218 ILE A O   
688 C CB  . ILE A 155 ? 0.1548 0.1870 0.1576 -0.0087 0.0283  0.0047  218 ILE A CB  
689 C CG1 . ILE A 155 ? 0.1566 0.2200 0.1539 -0.0056 0.0272  0.0025  218 ILE A CG1 
690 C CG2 . ILE A 155 ? 0.1564 0.2752 0.1422 -0.0220 0.0367  0.0156  218 ILE A CG2 
691 C CD1 . ILE A 155 ? 0.1802 0.2462 0.1466 0.0032  0.0453  0.0057  218 ILE A CD1 
692 N N   . TYR A 156 ? 0.1935 0.2032 0.1622 -0.0419 0.0375  -0.0002 219 TYR A N   
693 C CA  . TYR A 156 ? 0.1909 0.2314 0.1568 -0.0410 0.0493  -0.0012 219 TYR A CA  
694 C C   . TYR A 156 ? 0.1895 0.2753 0.1769 -0.0624 0.0655  -0.0200 219 TYR A C   
695 O O   . TYR A 156 ? 0.2365 0.2430 0.1886 -0.0812 0.0607  -0.0106 219 TYR A O   
696 C CB  . TYR A 156 ? 0.2253 0.2086 0.1612 -0.0349 0.0633  -0.0342 219 TYR A CB  
697 C CG  . TYR A 156 ? 0.1742 0.2322 0.2431 -0.0335 0.0591  -0.0324 219 TYR A CG  
698 C CD1 . TYR A 156 ? 0.2067 0.2363 0.2149 -0.0390 0.0524  -0.0142 219 TYR A CD1 
699 C CD2 . TYR A 156 ? 0.2518 0.2428 0.2818 -0.0773 0.0451  -0.0330 219 TYR A CD2 
700 C CE1 . TYR A 156 ? 0.2281 0.2241 0.3092 -0.0365 0.0507  0.0108  219 TYR A CE1 
701 C CE2 . TYR A 156 ? 0.2785 0.2345 0.3009 -0.0513 0.0703  -0.0540 219 TYR A CE2 
702 C CZ  . TYR A 156 ? 0.2630 0.2645 0.2767 -0.0111 0.0635  -0.0270 219 TYR A CZ  
703 O OH  . TYR A 156 ? 0.2987 0.2772 0.3660 0.0159  0.0954  -0.0106 219 TYR A OH  
704 N N   . GLU A 157 ? 0.2507 0.2855 0.1883 -0.1027 0.0629  -0.0239 220 GLU A N   
705 C CA  . GLU A 157 ? 0.2444 0.2906 0.2324 -0.1050 0.0541  -0.0410 220 GLU A CA  
706 C C   . GLU A 157 ? 0.2568 0.2886 0.2377 -0.1278 0.0437  -0.0522 220 GLU A C   
707 O O   . GLU A 157 ? 0.3184 0.3672 0.2436 -0.1378 0.0692  -0.0534 220 GLU A O   
708 C CB  . GLU A 157 ? 0.2343 0.3506 0.2500 -0.1006 0.0482  -0.0798 220 GLU A CB  
709 C CG  . GLU A 157 ? 0.2558 0.3544 0.2273 -0.0974 0.0474  -0.0377 220 GLU A CG  
710 C CD  . GLU A 157 ? 0.2405 0.3428 0.2255 -0.1129 0.0455  -0.0601 220 GLU A CD  
711 O OE1 . GLU A 157 ? 0.2341 0.4439 0.2597 -0.0913 0.0314  -0.0145 220 GLU A OE1 
712 O OE2 . GLU A 157 ? 0.2578 0.4162 0.2990 -0.1455 0.0549  -0.0699 220 GLU A OE2 
713 N N   A GLU A 158 ? 0.3088 0.2853 0.2522 -0.1093 0.0644  -0.0546 221 GLU A N   
714 N N   B GLU A 158 ? 0.3086 0.2926 0.2594 -0.0953 0.0677  -0.0468 221 GLU A N   
715 C CA  A GLU A 158 ? 0.3185 0.3432 0.2914 -0.1287 0.0678  -0.1106 221 GLU A CA  
716 C CA  B GLU A 158 ? 0.3244 0.3458 0.3034 -0.1276 0.0586  -0.1060 221 GLU A CA  
717 C C   A GLU A 158 ? 0.3075 0.4345 0.4190 -0.1968 0.0949  -0.1240 221 GLU A C   
718 C C   B GLU A 158 ? 0.3059 0.4399 0.4221 -0.1898 0.1032  -0.1198 221 GLU A C   
719 O O   A GLU A 158 ? 0.3195 0.4074 0.3601 -0.1493 0.0915  -0.1373 221 GLU A O   
720 O O   B GLU A 158 ? 0.3222 0.3902 0.3508 -0.1665 0.0908  -0.1494 221 GLU A O   
721 C CB  A GLU A 158 ? 0.3446 0.3336 0.3861 -0.0869 0.0952  -0.0924 221 GLU A CB  
722 C CB  B GLU A 158 ? 0.3406 0.2746 0.3851 -0.0963 0.1064  -0.1034 221 GLU A CB  
723 C CG  A GLU A 158 ? 0.3312 0.3358 0.4187 -0.1059 0.1068  -0.1240 221 GLU A CG  
724 C CG  B GLU A 158 ? 0.3838 0.3343 0.4475 -0.1012 0.1301  -0.1878 221 GLU A CG  
725 C CD  A GLU A 158 ? 0.5940 0.3136 0.5162 -0.0424 0.1001  -0.1769 221 GLU A CD  
726 C CD  B GLU A 158 ? 0.5718 0.3772 0.5913 -0.0394 0.1020  -0.1301 221 GLU A CD  
727 O OE1 A GLU A 158 ? 0.5757 0.3172 0.5522 -0.1484 0.1151  -0.1296 221 GLU A OE1 
728 O OE1 B GLU A 158 ? 0.6735 0.5709 0.5216 0.0407  0.1144  -0.0866 221 GLU A OE1 
729 O OE2 A GLU A 158 ? 0.6334 0.2411 0.6963 -0.0884 0.1594  -0.1190 221 GLU A OE2 
730 O OE2 B GLU A 158 ? 0.7191 0.3927 0.8605 -0.0706 0.1005  -0.1895 221 GLU A OE2 
731 N N   . VAL A 159 ? 0.3083 0.4810 0.2892 -0.1469 0.0416  -0.0373 222 VAL A N   
732 C CA  . VAL A 159 ? 0.2938 0.4650 0.4722 -0.1219 0.0356  -0.0247 222 VAL A CA  
733 C C   . VAL A 159 ? 0.5206 0.7821 0.5147 -0.0990 0.2146  -0.1983 222 VAL A C   
734 O O   . VAL A 159 ? 0.5131 0.6271 0.7556 -0.1346 -0.0360 -0.3883 222 VAL A O   
735 C CB  . VAL A 159 ? 0.3710 0.5641 0.4971 0.0121  -0.0617 -0.0236 222 VAL A CB  
736 O O   . HOH B .   ? 0.2109 0.1968 0.2026 0.0141  0.0269  0.0003  301 HOH A O   
737 O O   . HOH B .   ? 0.2912 0.1990 0.1944 0.0561  0.0415  -0.0338 302 HOH A O   
738 O O   . HOH B .   ? 0.2062 0.2062 0.1962 -0.0320 -0.0103 0.0538  303 HOH A O   
739 O O   . HOH B .   ? 0.2240 0.1771 0.2259 0.0139  0.0262  0.0373  304 HOH A O   
740 O O   . HOH B .   ? 0.3599 0.2475 0.3588 -0.0366 0.0793  0.0730  305 HOH A O   
741 O O   . HOH B .   ? 0.3435 0.1967 0.2486 0.0174  0.0512  0.0091  306 HOH A O   
742 O O   . HOH B .   ? 0.3054 0.2460 0.3158 0.0340  0.0363  0.0206  307 HOH A O   
743 O O   . HOH B .   ? 0.8873 0.9543 0.2731 -0.4002 -0.1132 -0.0152 308 HOH A O   
744 O O   . HOH B .   ? 0.3018 0.3300 0.3469 -0.0110 -0.0387 0.0873  309 HOH A O   
745 O O   . HOH B .   ? 0.1959 0.2264 0.7143 -0.0218 -0.0333 -0.0648 310 HOH A O   
746 O O   . HOH B .   ? 0.5490 0.3002 0.5712 -0.0935 0.0724  -0.0684 311 HOH A O   
747 O O   . HOH B .   ? 0.1983 0.2730 0.2941 0.0156  0.0000  -0.0033 312 HOH A O   
748 O O   . HOH B .   ? 0.2883 0.3571 0.3231 -0.0602 0.0731  -0.0034 313 HOH A O   
749 O O   . HOH B .   ? 0.3794 0.3141 0.2647 0.0077  0.0437  0.0938  314 HOH A O   
750 O O   . HOH B .   ? 0.4639 0.4342 0.2523 0.0535  0.0599  0.0281  315 HOH A O   
751 O O   . HOH B .   ? 0.2354 0.4070 0.2787 0.0433  0.0105  0.0564  316 HOH A O   
752 O O   . HOH B .   ? 0.5428 0.7311 0.3491 0.2315  0.1405  0.3080  317 HOH A O   
753 O O   . HOH B .   ? 0.4234 0.2690 0.3624 -0.0538 0.0539  0.0702  318 HOH A O   
754 O O   . HOH B .   ? 0.4443 0.3298 0.4410 0.1580  0.0223  0.0519  319 HOH A O   
755 O O   . HOH B .   ? 0.5087 0.2803 0.6798 0.2098  0.1022  -0.0100 320 HOH A O   
756 O O   . HOH B .   ? 0.5405 0.5167 0.3839 -0.1590 -0.0746 -0.1046 321 HOH A O   
757 O O   . HOH B .   ? 0.3384 0.2588 0.3308 0.0610  0.0453  -0.0193 322 HOH A O   
758 O O   . HOH B .   ? 0.4812 0.3435 0.4679 -0.0456 0.0615  0.0954  323 HOH A O   
759 O O   . HOH B .   ? 0.3294 0.5336 0.4533 -0.1038 -0.1696 0.0975  324 HOH A O   
760 O O   . HOH B .   ? 0.3035 0.2933 0.5486 0.1066  0.0134  0.0109  325 HOH A O   
761 O O   . HOH B .   ? 0.4073 0.4692 0.4486 0.0112  -0.0420 -0.0358 326 HOH A O   
762 O O   . HOH B .   ? 0.3273 0.3069 0.3808 0.0515  -0.0004 0.0999  327 HOH A O   
763 O O   . HOH B .   ? 0.5444 0.4720 0.4794 -0.1456 0.0383  0.0552  328 HOH A O   
764 O O   . HOH B .   ? 0.4416 0.2958 0.4392 0.0572  0.0354  0.0687  329 HOH A O   
765 O O   . HOH B .   ? 0.4397 0.3753 0.4355 0.0985  0.0058  0.1281  330 HOH A O   
766 O O   . HOH B .   ? 0.4283 0.3622 0.8267 0.1062  -0.2371 0.1911  331 HOH A O   
767 O O   . HOH B .   ? 0.4330 0.6006 0.3010 0.1375  -0.0429 0.0122  332 HOH A O   
768 O O   . HOH B .   ? 0.4166 0.3243 0.3787 0.0463  0.0734  -0.0110 333 HOH A O   
769 O O   . HOH B .   ? 0.3303 0.4677 0.4546 0.0170  -0.1142 0.0728  334 HOH A O   
770 O O   . HOH B .   ? 0.2594 0.4196 0.4838 0.0130  -0.0941 0.1588  335 HOH A O   
771 O O   . HOH B .   ? 0.3251 0.4847 0.3788 -0.0160 0.1655  0.0721  336 HOH A O   
772 O O   . HOH B .   ? 0.3072 0.2803 0.3173 -0.0371 0.0192  0.0435  337 HOH A O   
773 O O   . HOH B .   ? 0.3465 0.3105 0.3503 -0.0305 -0.0282 0.1079  338 HOH A O   
774 O O   . HOH B .   ? 0.4921 0.4835 0.3235 0.1320  0.0335  0.0542  339 HOH A O   
775 O O   . HOH B .   ? 0.5714 0.3619 0.3964 0.0412  0.1036  0.0815  340 HOH A O   
776 O O   . HOH B .   ? 0.4698 0.5047 0.4175 -0.1302 -0.0107 0.1342  341 HOH A O   
777 O O   . HOH B .   ? 0.3424 0.3865 0.5738 0.0108  -0.1087 0.0611  342 HOH A O   
778 O O   . HOH B .   ? 0.3558 0.3621 0.6188 0.0325  -0.1324 0.1411  343 HOH A O   
779 O O   . HOH B .   ? 0.5930 0.6828 0.2425 -0.2792 0.1023  0.1095  344 HOH A O   
780 O O   . HOH B .   ? 0.6178 0.9200 0.5288 -0.2879 -0.0780 -0.2260 345 HOH A O   
781 O O   . HOH B .   ? 0.5598 0.5016 0.4590 -0.1385 0.0022  0.0137  346 HOH A O   
782 O O   . HOH B .   ? 0.3691 0.4366 0.4645 0.0776  0.0214  -0.0375 347 HOH A O   
783 O O   . HOH B .   ? 0.8467 0.8439 0.3928 0.1332  -0.0075 0.2441  348 HOH A O   
784 O O   . HOH B .   ? 0.5930 0.2966 0.4491 0.1052  -0.1143 -0.0197 349 HOH A O   
785 O O   . HOH B .   ? 0.3116 0.4547 0.2654 -0.0860 -0.0131 0.0349  350 HOH A O   
786 O O   . HOH B .   ? 0.7249 0.3438 0.9669 0.0656  0.0955  0.0234  351 HOH A O   
787 O O   . HOH B .   ? 0.5522 0.3233 0.4035 -0.0594 0.0416  0.0669  352 HOH A O   
788 O O   . HOH B .   ? 0.4571 0.5395 0.3913 -0.0604 0.0031  0.1580  353 HOH A O   
789 O O   . HOH B .   ? 0.6088 0.5185 0.6614 -0.1085 -0.1013 0.1878  354 HOH A O   
790 O O   . HOH B .   ? 0.7936 0.7123 0.5625 -0.2488 0.1248  0.0155  355 HOH A O   
791 O O   . HOH B .   ? 0.5858 0.5312 0.4535 0.1156  -0.0538 0.0870  356 HOH A O   
792 O O   . HOH B .   ? 0.8397 0.6147 0.3197 -0.0038 0.0870  0.0488  357 HOH A O   
793 O O   . HOH B .   ? 0.2808 0.2676 0.3365 -0.0123 -0.0568 -0.0340 358 HOH A O   
794 O O   . HOH B .   ? 0.4235 0.4702 0.4423 0.1363  0.0578  0.0575  359 HOH A O   
795 O O   . HOH B .   ? 0.8072 0.8367 1.2740 -0.4860 0.0472  -0.2710 360 HOH A O   
796 O O   . HOH B .   ? 0.5532 0.5015 0.5327 -0.0829 -0.0796 0.0636  361 HOH A O   
797 O O   . HOH B .   ? 0.6170 0.6124 0.3674 0.1318  0.0467  0.0947  362 HOH A O   
798 O O   . HOH B .   ? 0.3516 0.5470 0.5499 0.0621  -0.0332 0.0961  363 HOH A O   
799 O O   . HOH B .   ? 0.8186 0.4113 0.5602 -0.1584 0.1591  -0.0452 364 HOH A O   
800 O O   . HOH B .   ? 0.3650 0.2895 0.3147 -0.0188 0.0004  0.0432  365 HOH A O   
801 O O   . HOH B .   ? 0.4260 0.4247 0.4578 -0.0870 -0.0486 -0.0352 366 HOH A O   
802 O O   . HOH B .   ? 0.9691 0.5803 0.6058 -0.4433 0.1656  -0.0871 367 HOH A O   
803 O O   . HOH B .   ? 0.2925 0.6194 0.6022 0.0167  0.1196  -0.0606 368 HOH A O   
804 O O   . HOH B .   ? 0.4450 0.6623 0.4366 0.2419  -0.2020 -0.1192 369 HOH A O   
805 O O   . HOH B .   ? 0.6272 0.2932 0.6575 0.0416  0.0296  -0.0868 370 HOH A O   
806 O O   . HOH B .   ? 0.7438 0.7760 0.3600 0.0870  0.0542  0.1619  371 HOH A O   
807 O O   . HOH B .   ? 0.4556 0.3908 0.5708 -0.0904 -0.0784 0.1423  372 HOH A O   
808 O O   . HOH B .   ? 0.8926 0.8692 0.5176 0.2011  -0.1775 0.1896  373 HOH A O   
809 O O   . HOH B .   ? 0.3846 0.9242 0.4363 0.1917  0.0547  0.0704  374 HOH A O   
810 O O   . HOH B .   ? 0.7019 0.3653 0.7999 -0.0316 -0.1050 0.1521  375 HOH A O   
811 O O   . HOH B .   ? 0.8109 0.3315 0.6485 -0.0539 0.3356  0.0916  376 HOH A O   
812 O O   . HOH B .   ? 0.4632 0.5549 0.5503 0.1325  -0.1251 0.0340  377 HOH A O   
813 O O   . HOH B .   ? 0.6859 0.4401 0.5061 0.0028  0.0814  0.1886  378 HOH A O   
814 O O   . HOH B .   ? 0.5789 0.9734 0.3185 0.3303  0.0357  0.1641  379 HOH A O   
815 O O   . HOH B .   ? 0.7015 0.6408 0.6483 -0.0179 0.2690  -0.0222 380 HOH A O   
816 O O   . HOH B .   ? 0.4438 0.4436 0.5598 0.1044  0.0425  0.0384  381 HOH A O   
817 O O   . HOH B .   ? 0.3512 0.2610 0.2721 -0.0060 0.0056  -0.0169 382 HOH A O   
818 O O   . HOH B .   ? 0.4413 0.6309 0.3177 -0.0433 0.0210  0.1133  383 HOH A O   
819 O O   . HOH B .   ? 0.7126 0.4710 0.6521 0.0585  0.1314  0.0738  384 HOH A O   
820 O O   . HOH B .   ? 0.2613 0.5836 0.6885 0.0851  -0.1284 -0.1184 385 HOH A O   
821 O O   . HOH B .   ? 0.4070 0.3382 0.6602 -0.0922 0.1272  -0.0529 386 HOH A O   
822 O O   . HOH B .   ? 0.3817 0.5316 0.4486 -0.0724 0.1376  -0.0088 387 HOH A O   
823 O O   . HOH B .   ? 0.4134 0.4801 0.8170 -0.1182 0.1425  0.1266  388 HOH A O   
824 O O   . HOH B .   ? 0.6121 0.2962 0.5641 -0.0252 -0.0231 0.0928  389 HOH A O   
825 O O   . HOH B .   ? 0.3440 0.8486 0.7171 -0.1356 -0.2952 0.3709  390 HOH A O   
826 O O   . HOH B .   ? 0.4053 0.4145 0.6588 -0.0269 -0.0350 -0.0691 391 HOH A O   
827 O O   . HOH B .   ? 1.3473 0.2996 1.2690 0.1383  -0.0286 0.2146  392 HOH A O   
828 O O   . HOH B .   ? 0.3749 0.9406 0.4333 -0.2080 -0.0391 0.0046  393 HOH A O   
829 O O   . HOH B .   ? 0.4366 0.7214 0.9413 0.2014  -0.0827 -0.1358 394 HOH A O   
830 O O   . HOH B .   ? 0.6430 0.8727 0.3824 -0.0790 -0.1039 0.1451  395 HOH A O   
831 O O   . HOH B .   ? 1.0602 1.0032 0.4620 -0.3045 -0.1738 0.1588  396 HOH A O   
832 O O   . HOH B .   ? 0.4604 0.7880 0.9233 0.0936  -0.2092 0.0543  397 HOH A O   
833 O O   . HOH B .   ? 0.5316 0.5941 0.3352 0.0872  0.0842  0.0689  398 HOH A O   
834 O O   . HOH B .   ? 0.6997 0.4258 1.0375 0.0735  0.0359  -0.0372 399 HOH A O   
835 O O   . HOH B .   ? 0.3717 0.3738 0.2958 -0.0372 0.0716  -0.0253 400 HOH A O   
836 O O   . HOH B .   ? 0.6218 0.5358 0.4418 0.1343  0.0235  0.0437  401 HOH A O   
837 O O   . HOH B .   ? 0.6045 0.6584 0.6849 0.0552  0.0416  0.0184  402 HOH A O   
# 
